data_2HDC
#
_entry.id   2HDC
#
_cell.length_a   1.000
_cell.length_b   1.000
_cell.length_c   1.000
_cell.angle_alpha   90.00
_cell.angle_beta   90.00
_cell.angle_gamma   90.00
#
_symmetry.space_group_name_H-M   'P 1'
#
loop_
_entity.id
_entity.type
_entity.pdbx_description
1 polymer "DNA (5'-D(P*GP*CP*TP*TP*AP*AP*AP*AP*TP*AP*AP*CP*AP*AP*TP*AP*C)-3')"
2 polymer "DNA (5'-D(P*GP*TP*AP*TP*TP*GP*TP*TP*AP*TP*TP*TP*TP*AP*AP*GP*C)-3')"
3 polymer 'PROTEIN (TRANSCRIPTION FACTOR)'
#
loop_
_entity_poly.entity_id
_entity_poly.type
_entity_poly.pdbx_seq_one_letter_code
_entity_poly.pdbx_strand_id
1 'polydeoxyribonucleotide' (DG)(DC)(DT)(DT)(DA)(DA)(DA)(DA)(DT)(DA)(DA)(DC)(DA)(DA)(DT)(DA)(DC) B
2 'polydeoxyribonucleotide' (DG)(DT)(DA)(DT)(DT)(DG)(DT)(DT)(DA)(DT)(DT)(DT)(DT)(DA)(DA)(DG)(DC) C
3 'polypeptide(L)'
;VKPPYSYIALITMAILQSPQKKLTLSGICEFISNRFPYYREKFPAWQNSIRHNLSLNDCFVKIPREPGNPGKGNYWTLDP
QSEDMFDNGSFLRRRKR
;
A
#
# COMPACT_ATOMS: atom_id res chain seq x y z
N VAL C 1 3.81 -1.90 2.67
CA VAL C 1 4.08 -3.30 2.96
C VAL C 1 3.96 -4.12 1.66
N LYS C 2 4.87 -3.84 0.74
CA LYS C 2 4.87 -4.54 -0.54
C LYS C 2 3.66 -4.10 -1.36
N PRO C 3 3.89 -3.94 -2.69
CA PRO C 3 2.83 -3.52 -3.59
C PRO C 3 1.87 -4.68 -3.87
N PRO C 4 0.72 -4.33 -4.51
CA PRO C 4 -0.29 -5.32 -4.84
C PRO C 4 0.16 -6.17 -6.02
N TYR C 5 -0.56 -7.27 -6.22
CA TYR C 5 -0.25 -8.18 -7.31
C TYR C 5 -1.54 -8.75 -7.93
N SER C 6 -1.38 -9.35 -9.10
CA SER C 6 -2.50 -9.93 -9.81
C SER C 6 -3.01 -11.16 -9.05
N TYR C 7 -4.27 -11.08 -8.64
CA TYR C 7 -4.88 -12.18 -7.90
C TYR C 7 -5.36 -13.27 -8.86
N ILE C 8 -5.77 -12.84 -10.04
CA ILE C 8 -6.25 -13.78 -11.05
C ILE C 8 -5.18 -14.84 -11.31
N ALA C 9 -3.93 -14.40 -11.29
CA ALA C 9 -2.82 -15.30 -11.52
C ALA C 9 -2.79 -16.36 -10.41
N LEU C 10 -2.78 -15.89 -9.18
CA LEU C 10 -2.75 -16.78 -8.02
C LEU C 10 -3.98 -17.69 -8.06
N ILE C 11 -5.07 -17.14 -8.58
CA ILE C 11 -6.31 -17.88 -8.69
C ILE C 11 -6.14 -19.01 -9.70
N THR C 12 -5.81 -18.63 -10.92
CA THR C 12 -5.61 -19.59 -11.99
C THR C 12 -4.76 -20.76 -11.50
N MET C 13 -3.76 -20.42 -10.70
CA MET C 13 -2.86 -21.42 -10.16
C MET C 13 -3.52 -22.21 -9.04
N ALA C 14 -4.38 -21.52 -8.30
CA ALA C 14 -5.10 -22.14 -7.20
C ALA C 14 -6.07 -23.19 -7.75
N ILE C 15 -6.59 -22.91 -8.93
CA ILE C 15 -7.52 -23.81 -9.57
C ILE C 15 -6.74 -24.91 -10.32
N LEU C 16 -5.69 -24.46 -11.01
CA LEU C 16 -4.86 -25.38 -11.77
C LEU C 16 -4.18 -26.36 -10.82
N GLN C 17 -3.66 -25.81 -9.73
CA GLN C 17 -2.99 -26.62 -8.73
C GLN C 17 -3.89 -27.77 -8.28
N SER C 18 -5.18 -27.61 -8.56
CA SER C 18 -6.15 -28.63 -8.19
C SER C 18 -6.78 -29.22 -9.44
N PRO C 19 -6.01 -30.15 -10.09
CA PRO C 19 -6.49 -30.81 -11.29
C PRO C 19 -7.55 -31.86 -10.96
N GLN C 20 -7.85 -31.97 -9.68
CA GLN C 20 -8.83 -32.94 -9.22
C GLN C 20 -10.24 -32.49 -9.63
N LYS C 21 -10.30 -31.31 -10.24
CA LYS C 21 -11.56 -30.76 -10.69
C LYS C 21 -12.42 -30.41 -9.47
N LYS C 22 -11.94 -29.45 -8.70
CA LYS C 22 -12.65 -29.01 -7.51
C LYS C 22 -11.84 -27.91 -6.81
N LEU C 23 -12.56 -27.06 -6.11
CA LEU C 23 -11.93 -25.96 -5.40
C LEU C 23 -12.92 -25.37 -4.38
N THR C 24 -12.37 -24.67 -3.40
CA THR C 24 -13.19 -24.06 -2.38
C THR C 24 -12.72 -22.63 -2.09
N LEU C 25 -13.66 -21.70 -2.20
CA LEU C 25 -13.34 -20.30 -1.97
C LEU C 25 -12.54 -20.17 -0.66
N SER C 26 -13.06 -20.81 0.38
CA SER C 26 -12.41 -20.77 1.67
C SER C 26 -11.02 -21.41 1.58
N GLY C 27 -10.99 -22.58 0.94
CA GLY C 27 -9.74 -23.31 0.78
C GLY C 27 -8.68 -22.44 0.10
N ILE C 28 -9.14 -21.66 -0.88
CA ILE C 28 -8.24 -20.79 -1.61
C ILE C 28 -7.74 -19.69 -0.68
N CYS C 29 -8.66 -19.13 0.09
CA CYS C 29 -8.30 -18.07 1.02
C CYS C 29 -7.20 -18.60 1.95
N GLU C 30 -7.27 -19.88 2.23
CA GLU C 30 -6.29 -20.52 3.10
C GLU C 30 -5.00 -20.79 2.32
N PHE C 31 -5.17 -21.28 1.10
CA PHE C 31 -4.03 -21.58 0.25
C PHE C 31 -3.22 -20.32 -0.04
N ILE C 32 -3.91 -19.19 -0.05
CA ILE C 32 -3.26 -17.91 -0.31
C ILE C 32 -2.60 -17.41 0.97
N SER C 33 -3.39 -17.30 2.01
CA SER C 33 -2.89 -16.83 3.29
C SER C 33 -1.72 -17.70 3.75
N ASN C 34 -1.80 -18.97 3.39
CA ASN C 34 -0.75 -19.92 3.74
C ASN C 34 0.51 -19.62 2.92
N ARG C 35 0.28 -19.15 1.70
CA ARG C 35 1.38 -18.82 0.81
C ARG C 35 1.95 -17.45 1.16
N PHE C 36 1.07 -16.47 1.26
CA PHE C 36 1.47 -15.13 1.60
C PHE C 36 0.93 -14.71 2.96
N PRO C 37 1.89 -14.41 3.89
CA PRO C 37 1.52 -14.00 5.23
C PRO C 37 1.01 -12.56 5.25
N TYR C 38 1.74 -11.70 4.56
CA TYR C 38 1.38 -10.29 4.49
C TYR C 38 -0.07 -10.13 4.04
N TYR C 39 -0.48 -11.00 3.13
CA TYR C 39 -1.84 -10.96 2.61
C TYR C 39 -2.85 -11.32 3.70
N ARG C 40 -2.46 -12.27 4.54
CA ARG C 40 -3.31 -12.71 5.62
C ARG C 40 -3.25 -11.73 6.80
N GLU C 41 -2.25 -10.85 6.74
CA GLU C 41 -2.06 -9.86 7.77
C GLU C 41 -2.99 -8.67 7.54
N LYS C 42 -2.87 -8.09 6.35
CA LYS C 42 -3.69 -6.95 6.00
C LYS C 42 -5.11 -7.42 5.68
N PHE C 43 -5.19 -8.40 4.79
CA PHE C 43 -6.47 -8.94 4.38
C PHE C 43 -7.55 -7.85 4.34
N PRO C 44 -7.32 -6.85 3.45
CA PRO C 44 -8.25 -5.75 3.31
C PRO C 44 -9.50 -6.19 2.54
N ALA C 45 -10.00 -7.36 2.90
CA ALA C 45 -11.19 -7.91 2.26
C ALA C 45 -10.77 -8.78 1.09
N TRP C 46 -10.10 -9.88 1.41
CA TRP C 46 -9.63 -10.80 0.38
C TRP C 46 -10.80 -11.71 -0.01
N GLN C 47 -11.93 -11.47 0.65
CA GLN C 47 -13.13 -12.26 0.40
C GLN C 47 -13.67 -11.95 -1.01
N ASN C 48 -14.03 -10.69 -1.20
CA ASN C 48 -14.56 -10.26 -2.49
C ASN C 48 -13.42 -10.14 -3.49
N SER C 49 -12.26 -9.75 -2.99
CA SER C 49 -11.09 -9.58 -3.83
C SER C 49 -10.75 -10.92 -4.49
N ILE C 50 -10.58 -11.94 -3.66
CA ILE C 50 -10.26 -13.26 -4.16
C ILE C 50 -11.42 -13.80 -4.99
N ARG C 51 -12.58 -13.89 -4.34
CA ARG C 51 -13.77 -14.38 -4.99
C ARG C 51 -13.98 -13.66 -6.33
N HIS C 52 -13.59 -12.39 -6.35
CA HIS C 52 -13.71 -11.58 -7.55
C HIS C 52 -12.76 -12.10 -8.62
N ASN C 53 -11.48 -12.12 -8.27
CA ASN C 53 -10.45 -12.58 -9.20
C ASN C 53 -10.60 -14.09 -9.40
N LEU C 54 -11.41 -14.69 -8.53
CA LEU C 54 -11.65 -16.12 -8.61
C LEU C 54 -12.74 -16.40 -9.64
N SER C 55 -13.86 -15.75 -9.45
CA SER C 55 -15.00 -15.92 -10.36
C SER C 55 -14.80 -15.06 -11.61
N LEU C 56 -14.49 -13.79 -11.38
CA LEU C 56 -14.27 -12.87 -12.48
C LEU C 56 -12.98 -13.24 -13.21
N ASN C 57 -13.09 -14.24 -14.07
CA ASN C 57 -11.95 -14.71 -14.83
C ASN C 57 -12.23 -16.13 -15.35
N ASP C 58 -12.27 -17.06 -14.40
CA ASP C 58 -12.53 -18.45 -14.74
C ASP C 58 -13.95 -18.60 -15.28
N CYS C 59 -14.88 -17.97 -14.57
CA CYS C 59 -16.28 -18.01 -14.97
C CYS C 59 -16.79 -19.45 -14.79
N PHE C 60 -16.81 -19.87 -13.54
CA PHE C 60 -17.27 -21.22 -13.21
C PHE C 60 -18.54 -21.16 -12.36
N VAL C 61 -18.83 -22.29 -11.72
CA VAL C 61 -20.01 -22.38 -10.88
C VAL C 61 -19.57 -22.67 -9.44
N LYS C 62 -20.23 -21.98 -8.51
CA LYS C 62 -19.92 -22.14 -7.10
C LYS C 62 -21.18 -22.56 -6.35
N ILE C 63 -20.99 -22.96 -5.10
CA ILE C 63 -22.10 -23.38 -4.27
C ILE C 63 -22.21 -22.45 -3.06
N PRO C 64 -23.40 -21.81 -2.93
CA PRO C 64 -23.66 -20.90 -1.82
C PRO C 64 -23.88 -21.67 -0.52
N ARG C 65 -24.26 -20.93 0.51
CA ARG C 65 -24.51 -21.52 1.81
C ARG C 65 -25.25 -22.85 1.66
N GLU C 66 -24.49 -23.93 1.77
CA GLU C 66 -25.05 -25.26 1.64
C GLU C 66 -25.13 -25.94 3.01
N PRO C 67 -25.85 -27.09 3.05
CA PRO C 67 -26.00 -27.84 4.28
C PRO C 67 -24.72 -28.60 4.63
N GLY C 68 -23.63 -27.84 4.71
CA GLY C 68 -22.35 -28.42 5.04
C GLY C 68 -21.24 -27.37 4.97
N ASN C 69 -21.54 -26.20 5.54
CA ASN C 69 -20.57 -25.11 5.55
C ASN C 69 -20.55 -24.48 6.94
N PRO C 70 -20.11 -25.30 7.93
CA PRO C 70 -20.02 -24.83 9.31
C PRO C 70 -18.84 -23.90 9.50
N GLY C 71 -19.03 -22.65 9.09
CA GLY C 71 -17.98 -21.66 9.21
C GLY C 71 -17.44 -21.26 7.84
N LYS C 72 -16.56 -22.10 7.31
CA LYS C 72 -15.97 -21.85 6.01
C LYS C 72 -15.84 -23.17 5.25
N GLY C 73 -16.96 -23.86 5.13
CA GLY C 73 -16.99 -25.14 4.43
C GLY C 73 -17.90 -25.07 3.21
N ASN C 74 -17.37 -24.44 2.15
CA ASN C 74 -18.12 -24.31 0.91
C ASN C 74 -17.46 -25.17 -0.16
N TYR C 75 -17.98 -25.03 -1.38
CA TYR C 75 -17.47 -25.79 -2.51
C TYR C 75 -17.55 -24.98 -3.80
N TRP C 76 -16.48 -25.03 -4.56
CA TRP C 76 -16.42 -24.30 -5.82
C TRP C 76 -16.06 -25.29 -6.92
N THR C 77 -16.86 -25.27 -7.99
CA THR C 77 -16.62 -26.16 -9.11
C THR C 77 -16.37 -25.36 -10.39
N LEU C 78 -15.30 -25.72 -11.07
CA LEU C 78 -14.94 -25.04 -12.32
C LEU C 78 -14.99 -26.04 -13.47
N ASP C 79 -15.39 -25.54 -14.63
CA ASP C 79 -15.48 -26.38 -15.82
C ASP C 79 -14.16 -26.34 -16.57
N PRO C 80 -14.03 -27.23 -17.59
CA PRO C 80 -12.83 -27.30 -18.39
C PRO C 80 -12.75 -26.13 -19.37
N GLN C 81 -12.60 -24.94 -18.80
CA GLN C 81 -12.51 -23.73 -19.61
C GLN C 81 -11.31 -22.89 -19.18
N SER C 82 -11.15 -22.79 -17.86
CA SER C 82 -10.05 -22.01 -17.30
C SER C 82 -8.72 -22.51 -17.87
N GLU C 83 -8.51 -23.81 -17.71
CA GLU C 83 -7.29 -24.43 -18.20
C GLU C 83 -7.21 -24.33 -19.73
N ASP C 84 -8.36 -24.06 -20.33
CA ASP C 84 -8.43 -23.93 -21.77
C ASP C 84 -7.93 -22.54 -22.18
N MET C 85 -8.50 -21.53 -21.55
CA MET C 85 -8.12 -20.16 -21.84
C MET C 85 -6.68 -19.88 -21.41
N PHE C 86 -6.16 -20.78 -20.58
CA PHE C 86 -4.79 -20.64 -20.10
C PHE C 86 -3.81 -21.35 -21.04
N ASP C 87 -4.09 -22.62 -21.28
CA ASP C 87 -3.24 -23.41 -22.15
C ASP C 87 -3.00 -22.65 -23.46
N ASN C 88 -4.07 -22.07 -23.97
CA ASN C 88 -4.00 -21.32 -25.20
C ASN C 88 -2.86 -20.30 -25.11
N GLY C 89 -2.93 -19.48 -24.07
CA GLY C 89 -1.91 -18.46 -23.85
C GLY C 89 -0.59 -19.10 -23.41
N SER C 90 0.18 -18.31 -22.65
CA SER C 90 1.46 -18.78 -22.17
C SER C 90 1.78 -18.12 -20.82
N PHE C 91 0.78 -18.10 -19.95
CA PHE C 91 0.94 -17.50 -18.64
C PHE C 91 1.15 -15.99 -18.75
N LEU C 92 0.24 -15.35 -19.46
CA LEU C 92 0.32 -13.90 -19.65
C LEU C 92 -0.39 -13.21 -18.49
N ARG C 93 0.40 -12.52 -17.67
CA ARG C 93 -0.15 -11.81 -16.54
C ARG C 93 -0.25 -10.32 -16.84
N ARG C 94 -1.06 -10.00 -17.83
CA ARG C 94 -1.25 -8.62 -18.23
C ARG C 94 -2.02 -8.54 -19.55
N ARG C 95 -1.43 -9.14 -20.58
CA ARG C 95 -2.05 -9.15 -21.90
C ARG C 95 -2.27 -7.72 -22.38
N LYS C 96 -1.16 -7.01 -22.56
CA LYS C 96 -1.22 -5.63 -23.03
C LYS C 96 -2.43 -4.94 -22.41
N ARG C 97 -2.39 -4.80 -21.09
CA ARG C 97 -3.48 -4.16 -20.38
C ARG C 97 -4.00 -2.96 -21.16
N VAL C 1 3.81 -1.90 2.67
CA VAL C 1 4.08 -3.30 2.96
C VAL C 1 5.54 -3.61 2.61
N LYS C 2 5.83 -3.57 1.32
CA LYS C 2 7.18 -3.84 0.85
C LYS C 2 7.82 -2.53 0.36
N PRO C 3 7.23 -1.98 -0.73
CA PRO C 3 7.72 -0.74 -1.30
C PRO C 3 7.34 0.46 -0.44
N PRO C 4 7.90 1.65 -0.80
CA PRO C 4 7.62 2.87 -0.06
C PRO C 4 6.23 3.40 -0.39
N TYR C 5 5.90 3.35 -1.68
CA TYR C 5 4.61 3.83 -2.14
C TYR C 5 3.49 2.90 -1.65
N SER C 6 2.29 3.47 -1.57
CA SER C 6 1.14 2.72 -1.13
C SER C 6 0.13 2.59 -2.26
N TYR C 7 -0.90 3.44 -2.20
CA TYR C 7 -1.93 3.44 -3.23
C TYR C 7 -1.48 4.21 -4.46
N ILE C 8 -0.84 5.34 -4.21
CA ILE C 8 -0.36 6.18 -5.30
C ILE C 8 0.24 5.30 -6.39
N ALA C 9 0.81 4.18 -5.97
CA ALA C 9 1.43 3.26 -6.90
C ALA C 9 0.33 2.41 -7.56
N LEU C 10 -0.46 1.76 -6.72
CA LEU C 10 -1.54 0.92 -7.20
C LEU C 10 -2.36 1.70 -8.23
N ILE C 11 -2.46 3.00 -8.01
CA ILE C 11 -3.21 3.86 -8.91
C ILE C 11 -2.40 4.07 -10.19
N THR C 12 -1.15 4.45 -10.01
CA THR C 12 -0.26 4.69 -11.13
C THR C 12 -0.40 3.57 -12.16
N MET C 13 -0.52 2.36 -11.65
CA MET C 13 -0.66 1.20 -12.51
C MET C 13 -2.11 1.03 -12.99
N ALA C 14 -3.03 1.27 -12.06
CA ALA C 14 -4.45 1.16 -12.39
C ALA C 14 -4.76 2.03 -13.60
N ILE C 15 -4.13 3.19 -13.64
CA ILE C 15 -4.34 4.12 -14.74
C ILE C 15 -3.47 3.70 -15.93
N LEU C 16 -2.18 3.55 -15.66
CA LEU C 16 -1.25 3.16 -16.70
C LEU C 16 -1.79 1.92 -17.42
N GLN C 17 -2.30 0.99 -16.62
CA GLN C 17 -2.85 -0.24 -17.18
C GLN C 17 -3.90 0.07 -18.24
N SER C 18 -4.48 1.26 -18.12
CA SER C 18 -5.49 1.70 -19.07
C SER C 18 -5.07 3.02 -19.73
N PRO C 19 -4.09 2.91 -20.65
CA PRO C 19 -3.60 4.09 -21.36
C PRO C 19 -4.59 4.56 -22.42
N GLN C 20 -5.63 3.74 -22.61
CA GLN C 20 -6.66 4.08 -23.58
C GLN C 20 -7.49 5.26 -23.09
N LYS C 21 -8.61 4.93 -22.44
CA LYS C 21 -9.50 5.95 -21.92
C LYS C 21 -10.70 5.29 -21.26
N LYS C 22 -10.42 4.63 -20.14
CA LYS C 22 -11.48 3.94 -19.40
C LYS C 22 -10.88 3.34 -18.13
N LEU C 23 -11.68 3.36 -17.07
CA LEU C 23 -11.26 2.83 -15.80
C LEU C 23 -12.43 2.14 -15.11
N THR C 24 -12.11 1.25 -14.18
CA THR C 24 -13.13 0.51 -13.45
C THR C 24 -12.70 0.29 -12.00
N LEU C 25 -13.15 1.19 -11.14
CA LEU C 25 -12.81 1.11 -9.73
C LEU C 25 -12.97 -0.34 -9.26
N SER C 26 -14.10 -0.92 -9.62
CA SER C 26 -14.39 -2.30 -9.24
C SER C 26 -13.34 -3.23 -9.83
N GLY C 27 -13.21 -3.17 -11.15
CA GLY C 27 -12.25 -4.00 -11.85
C GLY C 27 -10.83 -3.74 -11.34
N ILE C 28 -10.51 -2.46 -11.20
CA ILE C 28 -9.19 -2.07 -10.73
C ILE C 28 -8.93 -2.69 -9.37
N CYS C 29 -9.96 -2.64 -8.52
CA CYS C 29 -9.86 -3.21 -7.19
C CYS C 29 -9.48 -4.68 -7.32
N GLU C 30 -10.17 -5.36 -8.20
CA GLU C 30 -9.91 -6.78 -8.42
C GLU C 30 -8.53 -6.98 -9.01
N PHE C 31 -8.10 -6.00 -9.79
CA PHE C 31 -6.79 -6.05 -10.42
C PHE C 31 -5.68 -5.90 -9.39
N ILE C 32 -6.00 -5.18 -8.32
CA ILE C 32 -5.03 -4.95 -7.25
C ILE C 32 -4.94 -6.20 -6.38
N SER C 33 -6.10 -6.62 -5.88
CA SER C 33 -6.16 -7.80 -5.03
C SER C 33 -5.44 -8.98 -5.71
N ASN C 34 -5.61 -9.06 -7.03
CA ASN C 34 -5.00 -10.11 -7.79
C ASN C 34 -3.47 -9.92 -7.79
N ARG C 35 -3.06 -8.71 -8.09
CA ARG C 35 -1.64 -8.38 -8.12
C ARG C 35 -1.04 -8.50 -6.72
N PHE C 36 -1.65 -7.78 -5.79
CA PHE C 36 -1.19 -7.79 -4.41
C PHE C 36 -2.23 -8.41 -3.49
N PRO C 37 -2.12 -9.75 -3.30
CA PRO C 37 -3.05 -10.47 -2.43
C PRO C 37 -2.76 -10.19 -0.96
N TYR C 38 -1.50 -10.37 -0.60
CA TYR C 38 -1.08 -10.15 0.78
C TYR C 38 -1.52 -8.76 1.27
N TYR C 39 -1.43 -7.80 0.37
CA TYR C 39 -1.82 -6.43 0.69
C TYR C 39 -3.28 -6.36 1.13
N ARG C 40 -4.10 -7.17 0.47
CA ARG C 40 -5.52 -7.21 0.79
C ARG C 40 -5.76 -8.07 2.03
N GLU C 41 -4.93 -9.08 2.19
CA GLU C 41 -5.04 -9.97 3.34
C GLU C 41 -4.44 -9.32 4.58
N LYS C 42 -3.76 -8.20 4.35
CA LYS C 42 -3.13 -7.48 5.45
C LYS C 42 -3.88 -6.16 5.66
N PHE C 43 -4.92 -5.96 4.87
CA PHE C 43 -5.73 -4.76 4.98
C PHE C 43 -6.91 -4.81 4.01
N PRO C 44 -7.87 -5.73 4.31
CA PRO C 44 -9.05 -5.88 3.47
C PRO C 44 -10.03 -4.72 3.69
N ALA C 45 -9.74 -3.62 3.04
CA ALA C 45 -10.58 -2.44 3.15
C ALA C 45 -9.89 -1.26 2.47
N TRP C 46 -9.65 -1.42 1.18
CA TRP C 46 -9.00 -0.37 0.40
C TRP C 46 -10.03 0.18 -0.58
N GLN C 47 -11.24 0.35 -0.09
CA GLN C 47 -12.33 0.88 -0.90
C GLN C 47 -12.21 2.40 -1.01
N ASN C 48 -12.29 3.05 0.14
CA ASN C 48 -12.20 4.50 0.18
C ASN C 48 -10.73 4.91 0.06
N SER C 49 -9.87 4.13 0.67
CA SER C 49 -8.44 4.40 0.62
C SER C 49 -7.97 4.55 -0.82
N ILE C 50 -8.30 3.55 -1.62
CA ILE C 50 -7.92 3.56 -3.02
C ILE C 50 -8.71 4.64 -3.75
N ARG C 51 -10.01 4.64 -3.50
CA ARG C 51 -10.90 5.62 -4.13
C ARG C 51 -10.40 7.04 -3.83
N HIS C 52 -9.68 7.17 -2.72
CA HIS C 52 -9.15 8.46 -2.31
C HIS C 52 -7.90 8.78 -3.13
N ASN C 53 -6.97 7.85 -3.12
CA ASN C 53 -5.73 8.02 -3.85
C ASN C 53 -6.01 7.91 -5.35
N LEU C 54 -7.20 7.42 -5.66
CA LEU C 54 -7.60 7.25 -7.05
C LEU C 54 -8.12 8.58 -7.59
N SER C 55 -9.12 9.11 -6.90
CA SER C 55 -9.71 10.38 -7.30
C SER C 55 -8.85 11.54 -6.81
N LEU C 56 -8.49 11.48 -5.54
CA LEU C 56 -7.67 12.51 -4.95
C LEU C 56 -6.20 12.30 -5.35
N ASN C 57 -5.93 12.61 -6.61
CA ASN C 57 -4.59 12.45 -7.14
C ASN C 57 -4.64 12.39 -8.66
N ASP C 58 -5.64 11.68 -9.16
CA ASP C 58 -5.82 11.54 -10.59
C ASP C 58 -6.43 12.84 -11.15
N CYS C 59 -7.42 13.33 -10.45
CA CYS C 59 -8.09 14.56 -10.87
C CYS C 59 -8.88 14.26 -12.14
N PHE C 60 -9.73 13.25 -12.06
CA PHE C 60 -10.55 12.86 -13.18
C PHE C 60 -12.03 12.79 -12.80
N VAL C 61 -12.76 11.94 -13.51
CA VAL C 61 -14.18 11.78 -13.24
C VAL C 61 -14.50 10.28 -13.12
N LYS C 62 -15.67 10.01 -12.58
CA LYS C 62 -16.11 8.63 -12.39
C LYS C 62 -17.61 8.54 -12.68
N ILE C 63 -18.09 7.31 -12.73
CA ILE C 63 -19.49 7.06 -12.99
C ILE C 63 -20.12 6.32 -11.81
N PRO C 64 -21.17 6.95 -11.22
CA PRO C 64 -21.85 6.36 -10.08
C PRO C 64 -22.75 5.20 -10.53
N ARG C 65 -23.56 4.74 -9.58
CA ARG C 65 -24.47 3.64 -9.86
C ARG C 65 -25.44 4.01 -10.98
N GLU C 66 -24.91 4.05 -12.20
CA GLU C 66 -25.72 4.39 -13.35
C GLU C 66 -26.50 3.17 -13.83
N PRO C 67 -25.75 2.10 -14.18
CA PRO C 67 -26.36 0.87 -14.66
C PRO C 67 -26.99 0.09 -13.50
N GLY C 68 -26.20 -0.08 -12.45
CA GLY C 68 -26.66 -0.81 -11.28
C GLY C 68 -26.58 -2.32 -11.51
N ASN C 69 -25.40 -2.77 -11.89
CA ASN C 69 -25.18 -4.18 -12.14
C ASN C 69 -25.16 -4.93 -10.81
N PRO C 70 -25.47 -6.25 -10.89
CA PRO C 70 -25.50 -7.09 -9.70
C PRO C 70 -24.08 -7.42 -9.23
N GLY C 71 -23.50 -6.48 -8.50
CA GLY C 71 -22.15 -6.66 -7.98
C GLY C 71 -21.45 -5.32 -7.85
N LYS C 72 -20.44 -5.12 -8.70
CA LYS C 72 -19.67 -3.88 -8.67
C LYS C 72 -19.31 -3.49 -10.10
N GLY C 73 -20.34 -3.31 -10.91
CA GLY C 73 -20.14 -2.94 -12.30
C GLY C 73 -20.15 -1.42 -12.46
N ASN C 74 -18.97 -0.82 -12.28
CA ASN C 74 -18.83 0.61 -12.41
C ASN C 74 -17.69 0.92 -13.39
N TYR C 75 -17.58 2.21 -13.72
CA TYR C 75 -16.54 2.64 -14.65
C TYR C 75 -16.10 4.07 -14.33
N TRP C 76 -14.80 4.30 -14.45
CA TRP C 76 -14.24 5.61 -14.19
C TRP C 76 -13.59 6.11 -15.47
N THR C 77 -13.58 7.43 -15.62
CA THR C 77 -13.00 8.05 -16.80
C THR C 77 -11.84 8.98 -16.39
N LEU C 78 -10.70 8.75 -17.02
CA LEU C 78 -9.52 9.56 -16.73
C LEU C 78 -9.11 10.32 -17.99
N ASP C 79 -8.52 11.48 -17.79
CA ASP C 79 -8.07 12.31 -18.89
C ASP C 79 -6.83 11.68 -19.53
N PRO C 80 -6.74 11.82 -20.87
CA PRO C 80 -5.61 11.27 -21.60
C PRO C 80 -4.34 12.12 -21.38
N GLN C 81 -3.68 11.85 -20.28
CA GLN C 81 -2.46 12.57 -19.94
C GLN C 81 -2.05 12.28 -18.49
N SER C 82 -2.19 11.01 -18.12
CA SER C 82 -1.85 10.59 -16.77
C SER C 82 -0.33 10.57 -16.61
N GLU C 83 0.35 10.14 -17.67
CA GLU C 83 1.80 10.07 -17.66
C GLU C 83 2.40 11.47 -17.65
N ASP C 84 1.73 12.37 -18.38
CA ASP C 84 2.20 13.74 -18.47
C ASP C 84 2.14 14.39 -17.07
N MET C 85 0.94 14.38 -16.50
CA MET C 85 0.75 14.96 -15.18
C MET C 85 1.62 14.24 -14.14
N PHE C 86 2.13 13.09 -14.53
CA PHE C 86 2.96 12.30 -13.64
C PHE C 86 4.41 12.80 -13.67
N ASP C 87 4.90 13.03 -14.89
CA ASP C 87 6.26 13.50 -15.06
C ASP C 87 6.23 14.90 -15.67
N ASN C 88 5.26 15.68 -15.22
CA ASN C 88 5.10 17.05 -15.71
C ASN C 88 6.13 17.94 -15.03
N GLY C 89 5.99 19.24 -15.26
CA GLY C 89 6.91 20.21 -14.69
C GLY C 89 6.54 20.52 -13.24
N SER C 90 6.76 19.53 -12.38
CA SER C 90 6.46 19.68 -10.97
C SER C 90 6.74 18.38 -10.23
N PHE C 91 6.04 17.33 -10.64
CA PHE C 91 6.20 16.03 -10.02
C PHE C 91 5.74 16.04 -8.57
N LEU C 92 4.47 16.39 -8.40
CA LEU C 92 3.89 16.44 -7.06
C LEU C 92 3.97 15.06 -6.42
N ARG C 93 5.07 14.84 -5.71
CA ARG C 93 5.29 13.58 -5.04
C ARG C 93 6.61 13.59 -4.28
N ARG C 94 6.61 12.96 -3.12
CA ARG C 94 7.79 12.89 -2.29
C ARG C 94 8.98 12.33 -3.10
N ARG C 95 8.76 11.14 -3.65
CA ARG C 95 9.79 10.49 -4.44
C ARG C 95 10.82 9.82 -3.53
N LYS C 96 11.45 10.65 -2.70
CA LYS C 96 12.46 10.17 -1.77
C LYS C 96 11.96 8.86 -1.14
N ARG C 97 10.70 8.89 -0.72
CA ARG C 97 10.10 7.71 -0.10
C ARG C 97 10.50 6.45 -0.85
N VAL C 1 3.81 -1.90 2.67
CA VAL C 1 4.08 -3.30 2.96
C VAL C 1 5.14 -3.39 4.05
N LYS C 2 6.02 -2.40 4.07
CA LYS C 2 7.09 -2.35 5.05
C LYS C 2 7.25 -0.91 5.55
N PRO C 3 7.72 -0.03 4.61
CA PRO C 3 7.94 1.36 4.94
C PRO C 3 6.61 2.11 5.03
N PRO C 4 6.21 2.44 6.28
CA PRO C 4 4.97 3.14 6.52
C PRO C 4 5.11 4.62 6.15
N TYR C 5 6.31 5.14 6.32
CA TYR C 5 6.59 6.52 6.01
C TYR C 5 6.84 6.71 4.52
N SER C 6 7.48 7.83 4.18
CA SER C 6 7.78 8.14 2.80
C SER C 6 9.27 7.92 2.53
N TYR C 7 9.74 8.56 1.48
CA TYR C 7 11.14 8.45 1.10
C TYR C 7 12.05 9.14 2.12
N ILE C 8 11.52 10.18 2.72
CA ILE C 8 12.26 10.94 3.71
C ILE C 8 12.81 9.97 4.77
N ALA C 9 11.92 9.16 5.32
CA ALA C 9 12.31 8.19 6.32
C ALA C 9 13.32 7.22 5.72
N LEU C 10 12.97 6.68 4.57
CA LEU C 10 13.84 5.73 3.89
C LEU C 10 15.22 6.36 3.70
N ILE C 11 15.23 7.69 3.61
CA ILE C 11 16.47 8.42 3.43
C ILE C 11 17.20 8.51 4.77
N THR C 12 16.52 9.12 5.73
CA THR C 12 17.09 9.27 7.07
C THR C 12 17.85 8.02 7.47
N MET C 13 17.32 6.88 7.05
CA MET C 13 17.95 5.60 7.37
C MET C 13 19.11 5.31 6.41
N ALA C 14 18.85 5.54 5.13
CA ALA C 14 19.86 5.30 4.11
C ALA C 14 21.11 6.11 4.43
N ILE C 15 20.88 7.28 5.02
CA ILE C 15 21.97 8.16 5.38
C ILE C 15 22.63 7.64 6.68
N LEU C 16 21.79 7.40 7.67
CA LEU C 16 22.28 6.91 8.95
C LEU C 16 23.04 5.60 8.73
N GLN C 17 22.50 4.78 7.84
CA GLN C 17 23.12 3.50 7.53
C GLN C 17 24.62 3.68 7.29
N SER C 18 24.97 4.88 6.83
CA SER C 18 26.36 5.18 6.56
C SER C 18 26.82 6.36 7.43
N PRO C 19 27.09 6.04 8.71
CA PRO C 19 27.53 7.05 9.66
C PRO C 19 28.99 7.44 9.41
N GLN C 20 29.60 6.73 8.46
CA GLN C 20 30.99 6.98 8.12
C GLN C 20 31.12 8.33 7.38
N LYS C 21 31.05 8.25 6.07
CA LYS C 21 31.16 9.43 5.24
C LYS C 21 31.20 9.03 3.76
N LYS C 22 30.05 8.62 3.26
CA LYS C 22 29.94 8.20 1.87
C LYS C 22 28.50 7.85 1.56
N LEU C 23 28.13 8.02 0.29
CA LEU C 23 26.79 7.72 -0.15
C LEU C 23 26.82 7.28 -1.61
N THR C 24 25.66 6.88 -2.10
CA THR C 24 25.54 6.43 -3.48
C THR C 24 24.09 6.02 -3.79
N LEU C 25 23.45 6.83 -4.62
CA LEU C 25 22.07 6.56 -4.99
C LEU C 25 21.95 5.11 -5.47
N SER C 26 22.83 4.75 -6.39
CA SER C 26 22.83 3.40 -6.93
C SER C 26 22.80 2.37 -5.79
N GLY C 27 23.70 2.58 -4.83
CA GLY C 27 23.78 1.68 -3.69
C GLY C 27 22.55 1.84 -2.79
N ILE C 28 22.10 3.07 -2.63
CA ILE C 28 20.95 3.36 -1.81
C ILE C 28 19.74 2.61 -2.36
N CYS C 29 19.36 2.97 -3.58
CA CYS C 29 18.22 2.34 -4.23
C CYS C 29 18.38 0.82 -4.10
N GLU C 30 19.60 0.36 -4.28
CA GLU C 30 19.89 -1.06 -4.19
C GLU C 30 19.56 -1.58 -2.79
N PHE C 31 19.81 -0.74 -1.80
CA PHE C 31 19.53 -1.10 -0.42
C PHE C 31 18.06 -0.87 -0.08
N ILE C 32 17.41 -0.06 -0.90
CA ILE C 32 16.00 0.23 -0.69
C ILE C 32 15.17 -0.97 -1.12
N SER C 33 15.57 -1.59 -2.21
CA SER C 33 14.87 -2.75 -2.73
C SER C 33 15.11 -3.95 -1.82
N ASN C 34 16.37 -4.13 -1.44
CA ASN C 34 16.74 -5.23 -0.58
C ASN C 34 15.83 -5.23 0.66
N ARG C 35 15.59 -4.05 1.18
CA ARG C 35 14.75 -3.90 2.35
C ARG C 35 13.27 -4.06 1.97
N PHE C 36 12.90 -3.40 0.88
CA PHE C 36 11.54 -3.46 0.40
C PHE C 36 11.49 -3.89 -1.07
N PRO C 37 11.06 -5.15 -1.28
CA PRO C 37 10.97 -5.70 -2.63
C PRO C 37 9.75 -5.14 -3.37
N TYR C 38 8.62 -5.15 -2.68
CA TYR C 38 7.38 -4.64 -3.25
C TYR C 38 7.59 -3.24 -3.83
N TYR C 39 8.40 -2.46 -3.13
CA TYR C 39 8.68 -1.09 -3.55
C TYR C 39 9.43 -1.09 -4.89
N ARG C 40 10.36 -2.02 -5.02
CA ARG C 40 11.14 -2.13 -6.24
C ARG C 40 10.35 -2.86 -7.32
N GLU C 41 9.33 -3.58 -6.87
CA GLU C 41 8.48 -4.33 -7.79
C GLU C 41 7.59 -3.37 -8.59
N LYS C 42 6.92 -2.50 -7.86
CA LYS C 42 6.03 -1.54 -8.48
C LYS C 42 6.86 -0.39 -9.07
N PHE C 43 7.75 0.13 -8.25
CA PHE C 43 8.60 1.23 -8.68
C PHE C 43 7.81 2.27 -9.47
N PRO C 44 6.98 3.05 -8.72
CA PRO C 44 6.16 4.08 -9.34
C PRO C 44 7.01 5.29 -9.72
N ALA C 45 8.23 5.00 -10.16
CA ALA C 45 9.15 6.06 -10.55
C ALA C 45 9.56 6.86 -9.31
N TRP C 46 10.17 6.15 -8.38
CA TRP C 46 10.63 6.78 -7.14
C TRP C 46 12.12 7.11 -7.31
N GLN C 47 12.51 7.33 -8.55
CA GLN C 47 13.89 7.65 -8.85
C GLN C 47 14.23 9.07 -8.37
N ASN C 48 13.65 10.04 -9.05
CA ASN C 48 13.87 11.43 -8.71
C ASN C 48 13.16 11.75 -7.39
N SER C 49 12.16 10.94 -7.09
CA SER C 49 11.39 11.12 -5.87
C SER C 49 12.31 10.94 -4.64
N ILE C 50 12.97 9.79 -4.60
CA ILE C 50 13.87 9.50 -3.51
C ILE C 50 15.06 10.44 -3.55
N ARG C 51 15.57 10.65 -4.77
CA ARG C 51 16.71 11.52 -4.97
C ARG C 51 16.36 12.94 -4.53
N HIS C 52 15.10 13.29 -4.70
CA HIS C 52 14.63 14.62 -4.32
C HIS C 52 14.67 14.76 -2.80
N ASN C 53 13.93 13.89 -2.14
CA ASN C 53 13.87 13.91 -0.68
C ASN C 53 15.24 13.53 -0.11
N LEU C 54 16.09 13.01 -0.99
CA LEU C 54 17.42 12.59 -0.60
C LEU C 54 18.34 13.83 -0.59
N SER C 55 18.33 14.53 -1.70
CA SER C 55 19.16 15.72 -1.84
C SER C 55 18.52 16.89 -1.10
N LEU C 56 17.27 17.17 -1.45
CA LEU C 56 16.53 18.25 -0.84
C LEU C 56 16.16 17.85 0.60
N ASN C 57 17.12 18.04 1.50
CA ASN C 57 16.92 17.71 2.89
C ASN C 57 18.26 17.68 3.62
N ASP C 58 19.17 16.88 3.06
CA ASP C 58 20.49 16.74 3.64
C ASP C 58 21.36 17.91 3.19
N CYS C 59 21.31 18.18 1.90
CA CYS C 59 22.08 19.26 1.32
C CYS C 59 23.54 18.82 1.21
N PHE C 60 23.74 17.79 0.40
CA PHE C 60 25.08 17.25 0.20
C PHE C 60 25.50 17.35 -1.27
N VAL C 61 26.51 16.57 -1.61
CA VAL C 61 27.02 16.56 -2.97
C VAL C 61 26.88 15.15 -3.56
N LYS C 62 26.69 15.11 -4.87
CA LYS C 62 26.53 13.83 -5.56
C LYS C 62 27.39 13.84 -6.82
N ILE C 63 27.53 12.66 -7.41
CA ILE C 63 28.33 12.52 -8.62
C ILE C 63 27.42 12.02 -9.75
N PRO C 64 27.36 12.84 -10.83
CA PRO C 64 26.54 12.50 -11.99
C PRO C 64 27.21 11.41 -12.82
N ARG C 65 26.75 11.30 -14.06
CA ARG C 65 27.29 10.31 -14.97
C ARG C 65 28.78 10.09 -14.70
N GLU C 66 29.11 8.87 -14.28
CA GLU C 66 30.48 8.53 -13.98
C GLU C 66 31.06 7.64 -15.09
N PRO C 67 32.15 8.14 -15.72
CA PRO C 67 32.80 7.41 -16.80
C PRO C 67 33.62 6.24 -16.24
N GLY C 68 32.92 5.14 -15.98
CA GLY C 68 33.56 3.95 -15.45
C GLY C 68 32.57 2.80 -15.32
N ASN C 69 31.35 3.16 -14.95
CA ASN C 69 30.29 2.16 -14.78
C ASN C 69 29.10 2.54 -15.67
N PRO C 70 29.12 2.01 -16.92
CA PRO C 70 28.04 2.28 -17.86
C PRO C 70 26.77 1.50 -17.49
N GLY C 71 25.80 2.23 -16.98
CA GLY C 71 24.54 1.63 -16.59
C GLY C 71 23.90 2.39 -15.42
N LYS C 72 24.13 1.89 -14.23
CA LYS C 72 23.60 2.51 -13.03
C LYS C 72 24.63 2.44 -11.90
N GLY C 73 25.81 2.96 -12.20
CA GLY C 73 26.89 2.97 -11.24
C GLY C 73 27.34 4.40 -10.92
N ASN C 74 26.87 4.88 -9.78
CA ASN C 74 27.20 6.23 -9.35
C ASN C 74 27.38 6.25 -7.83
N TYR C 75 27.87 7.38 -7.33
CA TYR C 75 28.08 7.54 -5.90
C TYR C 75 27.71 8.94 -5.44
N TRP C 76 27.30 9.03 -4.19
CA TRP C 76 26.91 10.31 -3.61
C TRP C 76 27.80 10.58 -2.41
N THR C 77 28.06 11.87 -2.19
CA THR C 77 28.91 12.27 -1.07
C THR C 77 28.11 13.14 -0.09
N LEU C 78 28.38 12.93 1.19
CA LEU C 78 27.70 13.68 2.22
C LEU C 78 28.73 14.48 3.03
N ASP C 79 28.32 15.67 3.44
CA ASP C 79 29.19 16.53 4.22
C ASP C 79 29.17 16.10 5.68
N PRO C 80 30.21 16.54 6.43
CA PRO C 80 30.31 16.21 7.85
C PRO C 80 29.32 17.03 8.68
N GLN C 81 28.08 16.61 8.64
CA GLN C 81 27.03 17.29 9.38
C GLN C 81 25.67 16.61 9.15
N SER C 82 25.71 15.29 9.12
CA SER C 82 24.50 14.51 8.91
C SER C 82 23.72 14.40 10.23
N GLU C 83 24.40 13.91 11.25
CA GLU C 83 23.78 13.74 12.55
C GLU C 83 23.56 15.11 13.20
N ASP C 84 24.23 16.11 12.66
CA ASP C 84 24.12 17.46 13.18
C ASP C 84 22.83 18.09 12.63
N MET C 85 22.67 18.00 11.32
CA MET C 85 21.50 18.55 10.67
C MET C 85 20.25 17.74 10.99
N PHE C 86 20.48 16.51 11.47
CA PHE C 86 19.39 15.63 11.82
C PHE C 86 18.96 15.84 13.28
N ASP C 87 19.95 16.10 14.12
CA ASP C 87 19.68 16.33 15.53
C ASP C 87 18.59 17.39 15.68
N ASN C 88 18.55 18.29 14.71
CA ASN C 88 17.57 19.37 14.72
C ASN C 88 16.16 18.75 14.81
N GLY C 89 15.90 17.80 13.94
CA GLY C 89 14.62 17.13 13.91
C GLY C 89 14.51 16.09 15.03
N SER C 90 15.49 15.20 15.06
CA SER C 90 15.52 14.16 16.06
C SER C 90 14.40 13.14 15.81
N PHE C 91 14.46 12.55 14.63
CA PHE C 91 13.46 11.56 14.24
C PHE C 91 12.06 12.18 14.21
N LEU C 92 12.01 13.41 13.71
CA LEU C 92 10.75 14.13 13.62
C LEU C 92 10.61 14.73 12.22
N ARG C 93 10.00 13.95 11.34
CA ARG C 93 9.80 14.40 9.97
C ARG C 93 8.53 15.24 9.86
N ARG C 94 8.37 16.12 10.83
CA ARG C 94 7.21 16.99 10.86
C ARG C 94 7.58 18.36 11.42
N ARG C 95 7.83 18.39 12.73
CA ARG C 95 8.19 19.63 13.39
C ARG C 95 6.95 20.48 13.64
N LYS C 96 6.42 21.03 12.56
CA LYS C 96 5.24 21.87 12.65
C LYS C 96 4.70 22.14 11.24
N ARG C 97 3.43 21.79 11.06
CA ARG C 97 2.79 21.99 9.76
C ARG C 97 1.59 22.93 9.90
N VAL C 1 3.81 -1.90 2.67
CA VAL C 1 4.08 -3.30 2.96
C VAL C 1 2.84 -3.94 3.58
N LYS C 2 1.69 -3.65 2.99
CA LYS C 2 0.44 -4.18 3.48
C LYS C 2 0.67 -5.60 4.01
N PRO C 3 0.87 -5.68 5.35
CA PRO C 3 1.10 -6.97 6.00
C PRO C 3 -0.20 -7.77 6.11
N PRO C 4 -0.24 -8.91 5.37
CA PRO C 4 -1.40 -9.77 5.38
C PRO C 4 -1.49 -10.57 6.68
N TYR C 5 -0.35 -11.13 7.06
CA TYR C 5 -0.28 -11.92 8.27
C TYR C 5 1.03 -11.67 9.03
N SER C 6 1.24 -12.45 10.07
CA SER C 6 2.44 -12.32 10.88
C SER C 6 3.51 -13.30 10.38
N TYR C 7 4.51 -13.50 11.23
CA TYR C 7 5.59 -14.41 10.88
C TYR C 7 5.14 -15.86 11.00
N ILE C 8 4.20 -16.09 11.90
CA ILE C 8 3.68 -17.43 12.12
C ILE C 8 3.52 -18.14 10.77
N ALA C 9 3.27 -17.33 9.74
CA ALA C 9 3.09 -17.86 8.40
C ALA C 9 4.45 -18.26 7.83
N LEU C 10 5.38 -17.33 7.90
CA LEU C 10 6.73 -17.57 7.40
C LEU C 10 7.33 -18.77 8.14
N ILE C 11 6.90 -18.93 9.37
CA ILE C 11 7.38 -20.03 10.19
C ILE C 11 6.72 -21.34 9.76
N THR C 12 5.39 -21.31 9.79
CA THR C 12 4.62 -22.48 9.41
C THR C 12 5.17 -23.10 8.13
N MET C 13 5.65 -22.23 7.25
CA MET C 13 6.22 -22.67 5.99
C MET C 13 7.67 -23.15 6.17
N ALA C 14 8.40 -22.40 6.97
CA ALA C 14 9.80 -22.73 7.24
C ALA C 14 9.86 -24.12 7.86
N ILE C 15 8.87 -24.42 8.68
CA ILE C 15 8.81 -25.72 9.34
C ILE C 15 8.29 -26.77 8.35
N LEU C 16 7.19 -26.42 7.71
CA LEU C 16 6.58 -27.32 6.74
C LEU C 16 7.62 -27.70 5.67
N GLN C 17 8.51 -26.75 5.41
CA GLN C 17 9.55 -26.98 4.42
C GLN C 17 10.53 -28.04 4.91
N SER C 18 10.49 -28.29 6.21
CA SER C 18 11.37 -29.27 6.81
C SER C 18 10.54 -30.26 7.65
N PRO C 19 9.73 -31.08 6.92
CA PRO C 19 8.89 -32.07 7.58
C PRO C 19 9.72 -33.26 8.05
N GLN C 20 11.01 -33.23 7.71
CA GLN C 20 11.92 -34.29 8.11
C GLN C 20 12.14 -34.27 9.61
N LYS C 21 13.16 -33.51 10.01
CA LYS C 21 13.50 -33.40 11.42
C LYS C 21 14.80 -32.60 11.56
N LYS C 22 14.74 -31.34 11.16
CA LYS C 22 15.90 -30.47 11.23
C LYS C 22 15.51 -29.07 10.77
N LEU C 23 16.15 -28.08 11.38
CA LEU C 23 15.89 -26.70 11.04
C LEU C 23 17.18 -25.90 11.13
N THR C 24 17.12 -24.67 10.63
CA THR C 24 18.28 -23.80 10.65
C THR C 24 17.84 -22.33 10.59
N LEU C 25 17.84 -21.70 11.74
CA LEU C 25 17.45 -20.30 11.84
C LEU C 25 18.12 -19.51 10.71
N SER C 26 19.38 -19.83 10.49
CA SER C 26 20.16 -19.16 9.45
C SER C 26 19.52 -19.42 8.09
N GLY C 27 19.35 -20.70 7.78
CA GLY C 27 18.75 -21.08 6.51
C GLY C 27 17.30 -20.62 6.41
N ILE C 28 16.67 -20.50 7.58
CA ILE C 28 15.28 -20.05 7.64
C ILE C 28 15.22 -18.56 7.31
N CYS C 29 16.14 -17.81 7.90
CA CYS C 29 16.19 -16.38 7.69
C CYS C 29 16.46 -16.13 6.20
N GLU C 30 17.30 -16.98 5.63
CA GLU C 30 17.65 -16.87 4.23
C GLU C 30 16.48 -17.34 3.35
N PHE C 31 15.82 -18.38 3.82
CA PHE C 31 14.69 -18.93 3.09
C PHE C 31 13.54 -17.93 3.02
N ILE C 32 13.40 -17.15 4.09
CA ILE C 32 12.35 -16.15 4.15
C ILE C 32 12.79 -14.90 3.40
N SER C 33 13.96 -14.39 3.77
CA SER C 33 14.50 -13.20 3.14
C SER C 33 14.39 -13.32 1.62
N ASN C 34 14.72 -14.51 1.12
CA ASN C 34 14.65 -14.76 -0.31
C ASN C 34 13.20 -14.67 -0.77
N ARG C 35 12.33 -15.35 -0.04
CA ARG C 35 10.91 -15.35 -0.37
C ARG C 35 10.36 -13.92 -0.35
N PHE C 36 10.83 -13.16 0.62
CA PHE C 36 10.39 -11.78 0.76
C PHE C 36 11.58 -10.83 0.90
N PRO C 37 12.03 -10.29 -0.26
CA PRO C 37 13.15 -9.36 -0.27
C PRO C 37 12.75 -7.99 0.28
N TYR C 38 11.45 -7.74 0.24
CA TYR C 38 10.92 -6.47 0.72
C TYR C 38 10.80 -6.47 2.25
N TYR C 39 10.58 -7.66 2.79
CA TYR C 39 10.45 -7.82 4.23
C TYR C 39 11.75 -7.48 4.95
N ARG C 40 12.78 -8.25 4.64
CA ARG C 40 14.08 -8.03 5.25
C ARG C 40 14.51 -6.58 5.07
N GLU C 41 14.09 -5.99 3.97
CA GLU C 41 14.42 -4.60 3.68
C GLU C 41 13.47 -3.66 4.43
N LYS C 42 12.31 -4.20 4.76
CA LYS C 42 11.31 -3.42 5.48
C LYS C 42 11.36 -3.77 6.97
N PHE C 43 12.48 -4.35 7.37
CA PHE C 43 12.68 -4.73 8.75
C PHE C 43 14.17 -4.76 9.11
N PRO C 44 14.64 -3.62 9.67
CA PRO C 44 16.04 -3.51 10.07
C PRO C 44 16.31 -4.29 11.35
N ALA C 45 15.39 -5.20 11.66
CA ALA C 45 15.52 -6.02 12.86
C ALA C 45 14.28 -6.90 13.01
N TRP C 46 14.29 -8.01 12.28
CA TRP C 46 13.17 -8.93 12.32
C TRP C 46 13.71 -10.32 12.66
N GLN C 47 14.79 -10.32 13.44
CA GLN C 47 15.42 -11.57 13.85
C GLN C 47 14.67 -12.17 15.03
N ASN C 48 14.41 -11.34 16.03
CA ASN C 48 13.71 -11.77 17.22
C ASN C 48 12.23 -12.00 16.88
N SER C 49 11.70 -11.10 16.07
CA SER C 49 10.31 -11.19 15.65
C SER C 49 9.99 -12.61 15.21
N ILE C 50 10.74 -13.07 14.22
CA ILE C 50 10.54 -14.41 13.69
C ILE C 50 10.91 -15.44 14.76
N ARG C 51 12.00 -15.17 15.45
CA ARG C 51 12.47 -16.06 16.50
C ARG C 51 11.35 -16.29 17.53
N HIS C 52 10.54 -15.26 17.70
CA HIS C 52 9.43 -15.33 18.65
C HIS C 52 8.33 -16.23 18.09
N ASN C 53 7.87 -15.87 16.90
CA ASN C 53 6.82 -16.63 16.25
C ASN C 53 7.36 -18.00 15.84
N LEU C 54 8.68 -18.11 15.88
CA LEU C 54 9.34 -19.36 15.52
C LEU C 54 9.38 -20.28 16.75
N SER C 55 9.99 -19.77 17.81
CA SER C 55 10.12 -20.53 19.04
C SER C 55 8.79 -20.50 19.81
N LEU C 56 8.28 -19.28 19.99
CA LEU C 56 7.02 -19.10 20.69
C LEU C 56 5.86 -19.37 19.74
N ASN C 57 5.53 -20.65 19.60
CA ASN C 57 4.44 -21.05 18.73
C ASN C 57 4.54 -22.55 18.47
N ASP C 58 5.63 -22.94 17.81
CA ASP C 58 5.85 -24.34 17.49
C ASP C 58 6.10 -25.12 18.79
N CYS C 59 7.01 -24.59 19.60
CA CYS C 59 7.34 -25.22 20.86
C CYS C 59 8.33 -26.35 20.58
N PHE C 60 9.49 -25.97 20.06
CA PHE C 60 10.53 -26.94 19.75
C PHE C 60 11.85 -26.58 20.42
N VAL C 61 12.92 -27.19 19.93
CA VAL C 61 14.24 -26.95 20.47
C VAL C 61 15.15 -26.41 19.36
N LYS C 62 16.20 -25.73 19.78
CA LYS C 62 17.15 -25.16 18.83
C LYS C 62 18.56 -25.34 19.38
N ILE C 63 19.53 -24.98 18.54
CA ILE C 63 20.93 -25.09 18.92
C ILE C 63 21.55 -23.69 18.96
N PRO C 64 22.09 -23.32 20.16
CA PRO C 64 22.71 -22.03 20.33
C PRO C 64 24.09 -21.99 19.67
N ARG C 65 24.90 -21.05 20.12
CA ARG C 65 26.24 -20.90 19.58
C ARG C 65 26.98 -22.23 19.60
N GLU C 66 27.21 -22.76 18.41
CA GLU C 66 27.90 -24.03 18.27
C GLU C 66 29.28 -23.82 17.64
N PRO C 67 30.17 -24.83 17.85
CA PRO C 67 31.51 -24.77 17.31
C PRO C 67 31.51 -25.03 15.80
N GLY C 68 31.07 -24.02 15.06
CA GLY C 68 31.01 -24.13 13.61
C GLY C 68 29.93 -23.22 13.03
N ASN C 69 29.90 -22.00 13.55
CA ASN C 69 28.92 -21.02 13.10
C ASN C 69 29.65 -19.81 12.51
N PRO C 70 30.13 -19.99 11.24
CA PRO C 70 30.84 -18.92 10.56
C PRO C 70 29.88 -17.83 10.09
N GLY C 71 29.18 -17.23 11.05
CA GLY C 71 28.23 -16.19 10.74
C GLY C 71 26.79 -16.70 10.85
N LYS C 72 26.51 -17.73 10.07
CA LYS C 72 25.18 -18.32 10.06
C LYS C 72 25.30 -19.84 9.90
N GLY C 73 25.98 -20.45 10.87
CA GLY C 73 26.18 -21.89 10.85
C GLY C 73 25.58 -22.54 12.10
N ASN C 74 24.26 -22.57 12.14
CA ASN C 74 23.56 -23.15 13.26
C ASN C 74 22.42 -24.04 12.74
N TYR C 75 21.76 -24.71 13.68
CA TYR C 75 20.66 -25.59 13.33
C TYR C 75 19.65 -25.68 14.48
N TRP C 76 18.41 -25.98 14.11
CA TRP C 76 17.35 -26.10 15.09
C TRP C 76 16.79 -27.53 15.02
N THR C 77 15.90 -27.83 15.95
CA THR C 77 15.29 -29.14 16.00
C THR C 77 13.82 -29.04 16.41
N LEU C 78 12.99 -29.83 15.74
CA LEU C 78 11.56 -29.83 16.01
C LEU C 78 11.15 -31.21 16.54
N ASP C 79 9.95 -31.26 17.07
CA ASP C 79 9.42 -32.51 17.61
C ASP C 79 8.41 -33.10 16.62
N PRO C 80 8.19 -34.44 16.76
CA PRO C 80 7.25 -35.12 15.89
C PRO C 80 5.79 -34.80 16.28
N GLN C 81 5.27 -33.77 15.63
CA GLN C 81 3.90 -33.35 15.89
C GLN C 81 3.65 -31.97 15.30
N SER C 82 4.18 -31.75 14.11
CA SER C 82 4.02 -30.48 13.43
C SER C 82 2.66 -30.42 12.74
N GLU C 83 2.42 -31.42 11.90
CA GLU C 83 1.16 -31.49 11.17
C GLU C 83 -0.02 -31.46 12.14
N ASP C 84 0.23 -31.96 13.34
CA ASP C 84 -0.80 -32.00 14.37
C ASP C 84 -1.16 -30.58 14.77
N MET C 85 -0.14 -29.77 14.96
CA MET C 85 -0.34 -28.37 15.35
C MET C 85 -1.25 -27.66 14.36
N PHE C 86 -1.09 -28.01 13.10
CA PHE C 86 -1.90 -27.41 12.05
C PHE C 86 -3.25 -28.13 11.91
N ASP C 87 -3.18 -29.44 11.77
CA ASP C 87 -4.37 -30.25 11.63
C ASP C 87 -5.35 -29.91 12.76
N ASN C 88 -4.79 -29.70 13.94
CA ASN C 88 -5.60 -29.36 15.11
C ASN C 88 -6.61 -28.27 14.72
N GLY C 89 -6.08 -27.18 14.19
CA GLY C 89 -6.92 -26.07 13.77
C GLY C 89 -7.99 -26.53 12.80
N SER C 90 -7.80 -26.18 11.53
CA SER C 90 -8.74 -26.55 10.49
C SER C 90 -8.27 -26.02 9.14
N PHE C 91 -6.96 -26.09 8.94
CA PHE C 91 -6.37 -25.63 7.69
C PHE C 91 -6.56 -24.11 7.53
N LEU C 92 -6.50 -23.42 8.65
CA LEU C 92 -6.66 -21.97 8.64
C LEU C 92 -6.40 -21.44 10.05
N ARG C 93 -6.40 -20.11 10.15
CA ARG C 93 -6.17 -19.45 11.43
C ARG C 93 -7.00 -18.16 11.53
N ARG C 94 -7.03 -17.61 12.72
CA ARG C 94 -7.78 -16.38 12.96
C ARG C 94 -9.29 -16.68 12.98
N ARG C 95 -9.68 -17.50 13.94
CA ARG C 95 -11.08 -17.87 14.08
C ARG C 95 -11.76 -16.98 15.14
N LYS C 96 -11.34 -17.18 16.38
CA LYS C 96 -11.90 -16.42 17.49
C LYS C 96 -10.75 -15.95 18.39
N ARG C 97 -9.69 -15.48 17.75
CA ARG C 97 -8.53 -15.00 18.49
C ARG C 97 -8.23 -15.92 19.68
N VAL C 1 3.81 -1.90 2.67
CA VAL C 1 4.08 -3.30 2.96
C VAL C 1 5.42 -3.42 3.69
N LYS C 2 6.40 -2.70 3.17
CA LYS C 2 7.73 -2.70 3.78
C LYS C 2 7.76 -1.72 4.95
N PRO C 3 7.57 -0.41 4.62
CA PRO C 3 7.57 0.63 5.64
C PRO C 3 6.27 0.60 6.44
N PRO C 4 6.41 0.83 7.78
CA PRO C 4 5.26 0.85 8.67
C PRO C 4 4.44 2.13 8.49
N TYR C 5 4.63 2.76 7.33
CA TYR C 5 3.92 4.00 7.03
C TYR C 5 2.60 3.70 6.34
N SER C 6 1.67 4.65 6.49
CA SER C 6 0.36 4.50 5.89
C SER C 6 0.33 5.22 4.53
N TYR C 7 -0.89 5.45 4.05
CA TYR C 7 -1.07 6.12 2.77
C TYR C 7 -0.99 7.64 2.93
N ILE C 8 -1.43 8.11 4.08
CA ILE C 8 -1.42 9.53 4.37
C ILE C 8 -0.12 10.14 3.85
N ALA C 9 0.92 9.31 3.81
CA ALA C 9 2.22 9.75 3.33
C ALA C 9 2.16 9.92 1.81
N LEU C 10 1.75 8.85 1.14
CA LEU C 10 1.65 8.86 -0.30
C LEU C 10 0.79 10.05 -0.74
N ILE C 11 -0.29 10.25 -0.01
CA ILE C 11 -1.20 11.34 -0.31
C ILE C 11 -0.50 12.68 -0.04
N THR C 12 0.11 12.76 1.14
CA THR C 12 0.81 13.96 1.54
C THR C 12 1.60 14.53 0.35
N MET C 13 2.31 13.64 -0.33
CA MET C 13 3.11 14.04 -1.47
C MET C 13 2.23 14.21 -2.72
N ALA C 14 1.19 13.40 -2.80
CA ALA C 14 0.27 13.45 -3.92
C ALA C 14 -0.34 14.84 -4.01
N ILE C 15 -0.56 15.43 -2.84
CA ILE C 15 -1.14 16.77 -2.77
C ILE C 15 -0.04 17.80 -2.98
N LEU C 16 1.04 17.64 -2.23
CA LEU C 16 2.17 18.56 -2.33
C LEU C 16 2.67 18.58 -3.77
N GLN C 17 2.87 17.38 -4.32
CA GLN C 17 3.34 17.26 -5.69
C GLN C 17 2.62 18.25 -6.60
N SER C 18 1.36 18.53 -6.25
CA SER C 18 0.56 19.45 -7.02
C SER C 18 0.19 20.67 -6.17
N PRO C 19 1.19 21.58 -6.02
CA PRO C 19 0.99 22.78 -5.23
C PRO C 19 0.15 23.80 -6.00
N GLN C 20 -0.84 23.27 -6.71
CA GLN C 20 -1.73 24.12 -7.50
C GLN C 20 -3.17 23.98 -7.00
N LYS C 21 -3.37 22.98 -6.16
CA LYS C 21 -4.69 22.73 -5.61
C LYS C 21 -5.63 22.26 -6.72
N LYS C 22 -5.30 21.10 -7.27
CA LYS C 22 -6.10 20.54 -8.34
C LYS C 22 -5.47 19.22 -8.80
N LEU C 23 -6.17 18.13 -8.52
CA LEU C 23 -5.69 16.81 -8.90
C LEU C 23 -6.88 15.86 -9.01
N THR C 24 -6.61 14.69 -9.58
CA THR C 24 -7.64 13.68 -9.74
C THR C 24 -7.27 12.40 -9.00
N LEU C 25 -8.23 11.90 -8.24
CA LEU C 25 -8.01 10.68 -7.47
C LEU C 25 -7.50 9.58 -8.41
N SER C 26 -8.09 9.53 -9.59
CA SER C 26 -7.70 8.54 -10.58
C SER C 26 -6.21 8.69 -10.92
N GLY C 27 -5.87 9.88 -11.38
CA GLY C 27 -4.49 10.17 -11.75
C GLY C 27 -3.54 9.88 -10.58
N ILE C 28 -3.99 10.26 -9.38
CA ILE C 28 -3.18 10.04 -8.19
C ILE C 28 -2.95 8.54 -8.01
N CYS C 29 -4.06 7.81 -7.95
CA CYS C 29 -3.98 6.37 -7.77
C CYS C 29 -2.94 5.82 -8.74
N GLU C 30 -2.91 6.39 -9.93
CA GLU C 30 -1.96 5.97 -10.95
C GLU C 30 -0.54 6.33 -10.52
N PHE C 31 -0.40 7.51 -9.95
CA PHE C 31 0.89 7.98 -9.51
C PHE C 31 1.38 7.18 -8.29
N ILE C 32 0.42 6.57 -7.60
CA ILE C 32 0.74 5.78 -6.43
C ILE C 32 1.21 4.40 -6.87
N SER C 33 0.38 3.74 -7.67
CA SER C 33 0.71 2.42 -8.15
C SER C 33 2.06 2.45 -8.88
N ASN C 34 2.22 3.44 -9.73
CA ASN C 34 3.45 3.60 -10.49
C ASN C 34 4.64 3.52 -9.54
N ARG C 35 4.48 4.13 -8.37
CA ARG C 35 5.53 4.14 -7.37
C ARG C 35 5.58 2.79 -6.65
N PHE C 36 4.41 2.36 -6.19
CA PHE C 36 4.31 1.08 -5.49
C PHE C 36 3.33 0.15 -6.19
N PRO C 37 3.90 -0.90 -6.84
CA PRO C 37 3.09 -1.87 -7.56
C PRO C 37 2.39 -2.82 -6.58
N TYR C 38 3.16 -3.29 -5.60
CA TYR C 38 2.64 -4.20 -4.60
C TYR C 38 1.28 -3.71 -4.09
N TYR C 39 1.18 -2.41 -3.88
CA TYR C 39 -0.05 -1.81 -3.39
C TYR C 39 -1.16 -1.89 -4.44
N ARG C 40 -0.76 -1.72 -5.69
CA ARG C 40 -1.70 -1.78 -6.79
C ARG C 40 -2.06 -3.23 -7.11
N GLU C 41 -1.22 -4.13 -6.63
CA GLU C 41 -1.42 -5.55 -6.86
C GLU C 41 -2.50 -6.08 -5.91
N LYS C 42 -2.28 -5.87 -4.63
CA LYS C 42 -3.21 -6.33 -3.61
C LYS C 42 -4.48 -5.46 -3.68
N PHE C 43 -4.29 -4.16 -3.53
CA PHE C 43 -5.39 -3.23 -3.58
C PHE C 43 -6.69 -3.90 -3.11
N PRO C 44 -6.69 -4.34 -1.83
CA PRO C 44 -7.84 -4.99 -1.26
C PRO C 44 -8.94 -3.97 -0.94
N ALA C 45 -8.53 -2.72 -0.80
CA ALA C 45 -9.46 -1.65 -0.49
C ALA C 45 -8.70 -0.33 -0.42
N TRP C 46 -7.98 -0.03 -1.49
CA TRP C 46 -7.20 1.21 -1.55
C TRP C 46 -8.19 2.37 -1.70
N GLN C 47 -8.94 2.33 -2.79
CA GLN C 47 -9.90 3.37 -3.07
C GLN C 47 -10.55 3.85 -1.77
N ASN C 48 -10.71 2.92 -0.84
CA ASN C 48 -11.31 3.23 0.44
C ASN C 48 -10.27 3.92 1.33
N SER C 49 -9.15 3.24 1.52
CA SER C 49 -8.08 3.77 2.35
C SER C 49 -7.50 5.02 1.70
N ILE C 50 -7.55 5.05 0.37
CA ILE C 50 -7.05 6.19 -0.38
C ILE C 50 -7.93 7.42 -0.11
N ARG C 51 -9.19 7.29 -0.51
CA ARG C 51 -10.14 8.37 -0.32
C ARG C 51 -10.33 8.67 1.17
N HIS C 52 -9.89 7.72 1.98
CA HIS C 52 -10.00 7.86 3.42
C HIS C 52 -8.85 8.74 3.94
N ASN C 53 -7.64 8.34 3.60
CA ASN C 53 -6.46 9.08 4.02
C ASN C 53 -6.39 10.41 3.26
N LEU C 54 -7.04 10.41 2.10
CA LEU C 54 -7.06 11.61 1.27
C LEU C 54 -8.14 12.56 1.78
N SER C 55 -9.38 12.08 1.74
CA SER C 55 -10.50 12.87 2.19
C SER C 55 -10.47 13.01 3.72
N LEU C 56 -10.32 11.87 4.38
CA LEU C 56 -10.26 11.86 5.83
C LEU C 56 -8.85 12.20 6.29
N ASN C 57 -8.61 13.50 6.42
CA ASN C 57 -7.30 13.98 6.84
C ASN C 57 -7.09 15.39 6.31
N ASP C 58 -7.15 15.51 5.00
CA ASP C 58 -6.97 16.81 4.35
C ASP C 58 -8.14 17.71 4.69
N CYS C 59 -9.31 17.35 4.17
CA CYS C 59 -10.52 18.12 4.41
C CYS C 59 -10.73 19.06 3.23
N PHE C 60 -10.80 18.46 2.04
CA PHE C 60 -11.00 19.24 0.83
C PHE C 60 -12.32 18.85 0.15
N VAL C 61 -12.46 19.29 -1.09
CA VAL C 61 -13.66 19.00 -1.86
C VAL C 61 -13.28 18.22 -3.11
N LYS C 62 -14.12 17.24 -3.44
CA LYS C 62 -13.89 16.41 -4.61
C LYS C 62 -15.17 16.33 -5.44
N ILE C 63 -15.03 15.75 -6.62
CA ILE C 63 -16.16 15.61 -7.53
C ILE C 63 -16.42 14.13 -7.77
N PRO C 64 -17.71 13.74 -7.60
CA PRO C 64 -18.11 12.35 -7.80
C PRO C 64 -18.17 12.02 -9.29
N ARG C 65 -18.85 10.92 -9.59
CA ARG C 65 -18.99 10.48 -10.96
C ARG C 65 -19.53 11.62 -11.85
N GLU C 66 -18.60 12.31 -12.49
CA GLU C 66 -18.96 13.42 -13.35
C GLU C 66 -19.41 12.91 -14.71
N PRO C 67 -20.02 13.83 -15.50
CA PRO C 67 -20.51 13.49 -16.82
C PRO C 67 -19.34 13.37 -17.81
N GLY C 68 -18.38 12.53 -17.46
CA GLY C 68 -17.22 12.31 -18.30
C GLY C 68 -16.15 11.52 -17.57
N ASN C 69 -16.56 10.36 -17.06
CA ASN C 69 -15.64 9.51 -16.32
C ASN C 69 -15.46 8.20 -17.09
N PRO C 70 -14.47 8.21 -18.04
CA PRO C 70 -14.20 7.04 -18.84
C PRO C 70 -13.44 5.98 -18.04
N GLY C 71 -14.01 5.65 -16.88
CA GLY C 71 -13.39 4.67 -16.01
C GLY C 71 -12.67 5.34 -14.84
N LYS C 72 -11.80 6.27 -15.19
CA LYS C 72 -11.03 6.99 -14.19
C LYS C 72 -10.83 8.44 -14.66
N GLY C 73 -11.93 9.17 -14.68
CA GLY C 73 -11.89 10.57 -15.10
C GLY C 73 -12.64 11.46 -14.11
N ASN C 74 -12.00 11.73 -13.00
CA ASN C 74 -12.59 12.57 -11.96
C ASN C 74 -11.67 13.74 -11.68
N TYR C 75 -12.11 14.59 -10.76
CA TYR C 75 -11.35 15.77 -10.38
C TYR C 75 -11.48 16.05 -8.88
N TRP C 76 -10.36 16.45 -8.29
CA TRP C 76 -10.33 16.76 -6.88
C TRP C 76 -9.78 18.18 -6.71
N THR C 77 -10.21 18.83 -5.63
CA THR C 77 -9.76 20.18 -5.34
C THR C 77 -9.49 20.34 -3.85
N LEU C 78 -8.28 20.79 -3.55
CA LEU C 78 -7.89 21.00 -2.17
C LEU C 78 -7.64 22.49 -1.93
N ASP C 79 -7.81 22.89 -0.68
CA ASP C 79 -7.61 24.28 -0.30
C ASP C 79 -6.12 24.59 -0.31
N PRO C 80 -5.79 25.88 -0.61
CA PRO C 80 -4.41 26.32 -0.65
C PRO C 80 -3.85 26.48 0.76
N GLN C 81 -3.57 25.34 1.39
CA GLN C 81 -3.03 25.35 2.74
C GLN C 81 -2.76 23.91 3.20
N SER C 82 -2.34 23.08 2.26
CA SER C 82 -2.04 21.69 2.56
C SER C 82 -0.75 21.60 3.37
N GLU C 83 0.30 22.19 2.82
CA GLU C 83 1.59 22.18 3.48
C GLU C 83 1.48 22.79 4.88
N ASP C 84 0.48 23.64 5.03
CA ASP C 84 0.25 24.30 6.31
C ASP C 84 -0.28 23.29 7.32
N MET C 85 -1.28 22.54 6.89
CA MET C 85 -1.88 21.54 7.75
C MET C 85 -0.96 20.33 7.90
N PHE C 86 -0.05 20.19 6.95
CA PHE C 86 0.89 19.09 6.96
C PHE C 86 2.30 19.58 7.31
N ASP C 87 2.34 20.60 8.15
CA ASP C 87 3.62 21.16 8.58
C ASP C 87 3.36 22.32 9.54
N ASN C 88 2.65 22.00 10.61
CA ASN C 88 2.32 23.01 11.61
C ASN C 88 3.53 23.21 12.53
N GLY C 89 3.97 22.11 13.13
CA GLY C 89 5.11 22.17 14.03
C GLY C 89 6.42 22.18 13.25
N SER C 90 6.80 21.01 12.76
CA SER C 90 8.03 20.88 12.00
C SER C 90 7.90 19.75 10.98
N PHE C 91 7.64 18.55 11.50
CA PHE C 91 7.49 17.38 10.65
C PHE C 91 7.13 16.15 11.49
N LEU C 92 6.03 16.27 12.20
CA LEU C 92 5.57 15.17 13.04
C LEU C 92 4.08 14.92 12.78
N ARG C 93 3.70 13.66 12.87
CA ARG C 93 2.31 13.27 12.65
C ARG C 93 1.86 12.27 13.70
N ARG C 94 1.98 12.68 14.95
CA ARG C 94 1.58 11.82 16.06
C ARG C 94 2.03 12.44 17.39
N ARG C 95 3.33 12.43 17.60
CA ARG C 95 3.90 12.98 18.82
C ARG C 95 5.42 12.83 18.82
N LYS C 96 5.86 11.60 18.57
CA LYS C 96 7.28 11.31 18.53
C LYS C 96 7.52 10.04 17.70
N ARG C 97 7.29 10.18 16.41
CA ARG C 97 7.48 9.06 15.49
C ARG C 97 8.96 8.91 15.11
N VAL C 1 3.81 -1.90 2.67
CA VAL C 1 4.08 -3.30 2.96
C VAL C 1 5.20 -3.40 3.99
N LYS C 2 6.30 -2.73 3.69
CA LYS C 2 7.45 -2.73 4.58
C LYS C 2 7.85 -1.28 4.89
N PRO C 3 7.01 -0.62 5.74
CA PRO C 3 7.27 0.76 6.12
C PRO C 3 8.42 0.85 7.12
N PRO C 4 9.54 1.45 6.66
CA PRO C 4 10.72 1.60 7.51
C PRO C 4 10.51 2.71 8.53
N TYR C 5 10.10 3.88 8.04
CA TYR C 5 9.86 5.01 8.90
C TYR C 5 8.61 5.78 8.47
N SER C 6 8.20 6.71 9.31
CA SER C 6 7.02 7.51 9.03
C SER C 6 7.35 8.55 7.95
N TYR C 7 6.52 9.58 7.90
CA TYR C 7 6.71 10.65 6.93
C TYR C 7 7.77 11.65 7.41
N ILE C 8 7.96 11.67 8.72
CA ILE C 8 8.94 12.57 9.31
C ILE C 8 10.25 12.49 8.53
N ALA C 9 10.68 11.26 8.27
CA ALA C 9 11.91 11.04 7.54
C ALA C 9 11.76 11.56 6.12
N LEU C 10 10.76 11.03 5.42
CA LEU C 10 10.49 11.44 4.06
C LEU C 10 10.42 12.96 3.99
N ILE C 11 9.96 13.55 5.08
CA ILE C 11 9.84 15.00 5.15
C ILE C 11 11.24 15.62 5.17
N THR C 12 12.04 15.18 6.13
CA THR C 12 13.40 15.68 6.26
C THR C 12 14.08 15.74 4.90
N MET C 13 13.84 14.70 4.11
CA MET C 13 14.43 14.62 2.78
C MET C 13 13.61 15.43 1.78
N ALA C 14 12.36 15.66 2.11
CA ALA C 14 11.47 16.42 1.25
C ALA C 14 11.91 17.89 1.25
N ILE C 15 12.24 18.37 2.43
CA ILE C 15 12.68 19.75 2.57
C ILE C 15 14.15 19.87 2.15
N LEU C 16 14.92 18.86 2.54
CA LEU C 16 16.33 18.83 2.21
C LEU C 16 16.50 18.85 0.69
N GLN C 17 15.64 18.11 0.02
CA GLN C 17 15.67 18.03 -1.43
C GLN C 17 15.39 19.41 -2.04
N SER C 18 14.66 20.23 -1.28
CA SER C 18 14.31 21.56 -1.73
C SER C 18 14.83 22.59 -0.74
N PRO C 19 16.18 22.75 -0.71
CA PRO C 19 16.81 23.70 0.19
C PRO C 19 16.63 25.14 -0.32
N GLN C 20 15.97 25.24 -1.47
CA GLN C 20 15.73 26.54 -2.06
C GLN C 20 14.70 27.33 -1.23
N LYS C 21 14.09 26.62 -0.29
CA LYS C 21 13.10 27.23 0.56
C LYS C 21 11.84 27.55 -0.25
N LYS C 22 11.29 26.50 -0.85
CA LYS C 22 10.09 26.65 -1.67
C LYS C 22 9.70 25.29 -2.24
N LEU C 23 8.70 24.69 -1.62
CA LEU C 23 8.22 23.39 -2.06
C LEU C 23 6.68 23.36 -1.98
N THR C 24 6.10 22.42 -2.71
CA THR C 24 4.65 22.27 -2.72
C THR C 24 4.25 20.93 -2.11
N LEU C 25 3.33 21.01 -1.15
CA LEU C 25 2.84 19.82 -0.48
C LEU C 25 2.36 18.81 -1.53
N SER C 26 1.48 19.29 -2.39
CA SER C 26 0.93 18.45 -3.44
C SER C 26 2.05 17.70 -4.15
N GLY C 27 3.04 18.47 -4.59
CA GLY C 27 4.18 17.89 -5.29
C GLY C 27 4.92 16.90 -4.40
N ILE C 28 5.02 17.23 -3.12
CA ILE C 28 5.70 16.37 -2.17
C ILE C 28 4.95 15.04 -2.08
N CYS C 29 3.64 15.14 -1.98
CA CYS C 29 2.81 13.95 -1.88
C CYS C 29 3.12 13.05 -3.07
N GLU C 30 3.13 13.65 -4.25
CA GLU C 30 3.41 12.91 -5.47
C GLU C 30 4.85 12.40 -5.46
N PHE C 31 5.69 13.11 -4.74
CA PHE C 31 7.10 12.75 -4.63
C PHE C 31 7.28 11.58 -3.67
N ILE C 32 6.32 11.45 -2.75
CA ILE C 32 6.38 10.38 -1.77
C ILE C 32 5.86 9.08 -2.40
N SER C 33 4.67 9.18 -2.97
CA SER C 33 4.06 8.02 -3.62
C SER C 33 4.94 7.53 -4.77
N ASN C 34 5.30 8.45 -5.63
CA ASN C 34 6.14 8.13 -6.78
C ASN C 34 7.40 7.42 -6.28
N ARG C 35 7.86 7.83 -5.11
CA ARG C 35 9.06 7.25 -4.53
C ARG C 35 8.75 5.84 -4.01
N PHE C 36 7.59 5.71 -3.40
CA PHE C 36 7.17 4.43 -2.85
C PHE C 36 5.73 4.10 -3.26
N PRO C 37 5.56 2.91 -3.89
CA PRO C 37 4.25 2.47 -4.33
C PRO C 37 3.40 2.01 -3.15
N TYR C 38 4.08 1.55 -2.12
CA TYR C 38 3.41 1.07 -0.92
C TYR C 38 2.48 2.15 -0.35
N TYR C 39 3.00 3.37 -0.30
CA TYR C 39 2.24 4.49 0.20
C TYR C 39 1.01 4.78 -0.67
N ARG C 40 1.23 4.70 -1.97
CA ARG C 40 0.16 4.95 -2.93
C ARG C 40 -1.01 4.01 -2.66
N GLU C 41 -0.68 2.76 -2.37
CA GLU C 41 -1.69 1.76 -2.10
C GLU C 41 -2.14 1.84 -0.64
N LYS C 42 -1.33 2.53 0.14
CA LYS C 42 -1.63 2.70 1.57
C LYS C 42 -1.78 4.18 1.88
N PHE C 43 -2.68 4.83 1.16
CA PHE C 43 -2.94 6.24 1.35
C PHE C 43 -4.34 6.48 1.91
N PRO C 44 -4.58 5.93 3.13
CA PRO C 44 -5.87 6.07 3.78
C PRO C 44 -6.04 7.48 4.35
N ALA C 45 -4.91 8.16 4.51
CA ALA C 45 -4.92 9.51 5.04
C ALA C 45 -3.49 10.04 5.10
N TRP C 46 -2.81 9.95 3.97
CA TRP C 46 -1.44 10.42 3.88
C TRP C 46 -1.45 11.95 3.93
N GLN C 47 -2.35 12.54 3.14
CA GLN C 47 -2.47 13.97 3.08
C GLN C 47 -2.45 14.57 4.49
N ASN C 48 -3.00 13.80 5.43
CA ASN C 48 -3.07 14.23 6.82
C ASN C 48 -1.72 13.92 7.49
N SER C 49 -1.27 12.70 7.31
CA SER C 49 -0.02 12.26 7.90
C SER C 49 1.14 13.09 7.32
N ILE C 50 0.98 13.47 6.06
CA ILE C 50 2.00 14.27 5.40
C ILE C 50 1.96 15.71 5.94
N ARG C 51 0.79 16.31 5.82
CA ARG C 51 0.61 17.67 6.29
C ARG C 51 0.87 17.75 7.80
N HIS C 52 0.81 16.60 8.44
CA HIS C 52 1.03 16.52 9.88
C HIS C 52 2.53 16.50 10.16
N ASN C 53 3.20 15.52 9.57
CA ASN C 53 4.64 15.38 9.76
C ASN C 53 5.35 16.51 9.00
N LEU C 54 4.64 17.10 8.06
CA LEU C 54 5.20 18.18 7.27
C LEU C 54 5.08 19.49 8.04
N SER C 55 3.86 19.80 8.45
CA SER C 55 3.60 21.02 9.19
C SER C 55 4.03 20.83 10.65
N LEU C 56 3.54 19.76 11.24
CA LEU C 56 3.87 19.46 12.63
C LEU C 56 5.25 18.80 12.70
N ASN C 57 6.26 19.64 12.58
CA ASN C 57 7.64 19.17 12.63
C ASN C 57 8.58 20.27 12.13
N ASP C 58 8.35 20.69 10.90
CA ASP C 58 9.16 21.74 10.29
C ASP C 58 8.90 23.06 11.03
N CYS C 59 7.63 23.46 11.04
CA CYS C 59 7.25 24.69 11.71
C CYS C 59 7.38 25.83 10.69
N PHE C 60 6.70 25.67 9.57
CA PHE C 60 6.73 26.68 8.53
C PHE C 60 5.31 27.17 8.19
N VAL C 61 5.20 27.82 7.05
CA VAL C 61 3.93 28.34 6.60
C VAL C 61 3.55 27.69 5.27
N LYS C 62 2.25 27.58 5.05
CA LYS C 62 1.74 26.99 3.82
C LYS C 62 0.70 27.92 3.19
N ILE C 63 0.27 27.55 2.00
CA ILE C 63 -0.72 28.35 1.29
C ILE C 63 -1.99 27.52 1.10
N PRO C 64 -3.11 28.04 1.66
CA PRO C 64 -4.39 27.35 1.56
C PRO C 64 -4.99 27.52 0.15
N ARG C 65 -6.22 27.06 0.02
CA ARG C 65 -6.91 27.14 -1.25
C ARG C 65 -6.53 28.44 -1.97
N GLU C 66 -5.56 28.31 -2.88
CA GLU C 66 -5.09 29.46 -3.64
C GLU C 66 -5.61 29.37 -5.08
N PRO C 67 -6.14 30.53 -5.56
CA PRO C 67 -6.66 30.60 -6.91
C PRO C 67 -5.53 30.66 -7.94
N GLY C 68 -4.98 29.49 -8.23
CA GLY C 68 -3.88 29.39 -9.18
C GLY C 68 -4.06 28.17 -10.09
N ASN C 69 -4.23 27.02 -9.47
CA ASN C 69 -4.40 25.79 -10.21
C ASN C 69 -5.50 24.95 -9.55
N PRO C 70 -6.63 24.77 -10.30
CA PRO C 70 -7.75 24.00 -9.79
C PRO C 70 -7.44 22.50 -9.83
N GLY C 71 -7.16 21.97 -8.64
CA GLY C 71 -6.85 20.55 -8.52
C GLY C 71 -5.96 20.28 -7.30
N LYS C 72 -4.67 20.19 -7.56
CA LYS C 72 -3.71 19.94 -6.49
C LYS C 72 -2.43 20.74 -6.76
N GLY C 73 -2.61 22.05 -6.89
CA GLY C 73 -1.48 22.93 -7.16
C GLY C 73 -1.41 24.05 -6.11
N ASN C 74 -0.63 23.81 -5.08
CA ASN C 74 -0.47 24.78 -4.01
C ASN C 74 1.01 25.14 -3.87
N TYR C 75 1.35 25.65 -2.69
CA TYR C 75 2.73 26.03 -2.42
C TYR C 75 2.98 26.10 -0.91
N TRP C 76 4.16 25.63 -0.52
CA TRP C 76 4.54 25.63 0.88
C TRP C 76 5.89 26.35 1.00
N THR C 77 5.98 27.19 2.02
CA THR C 77 7.20 27.95 2.26
C THR C 77 7.75 27.63 3.66
N LEU C 78 9.05 27.36 3.69
CA LEU C 78 9.70 27.05 4.94
C LEU C 78 10.76 28.12 5.24
N ASP C 79 11.00 28.32 6.54
CA ASP C 79 11.97 29.30 6.97
C ASP C 79 13.38 28.83 6.58
N PRO C 80 14.24 29.83 6.25
CA PRO C 80 15.61 29.53 5.85
C PRO C 80 16.46 29.15 7.06
N GLN C 81 16.42 27.87 7.39
CA GLN C 81 17.18 27.36 8.53
C GLN C 81 16.66 25.98 8.94
N SER C 82 16.40 25.16 7.94
CA SER C 82 15.90 23.82 8.17
C SER C 82 17.06 22.90 8.57
N GLU C 83 18.21 23.15 7.96
CA GLU C 83 19.39 22.35 8.25
C GLU C 83 19.94 22.69 9.64
N ASP C 84 19.84 23.96 9.98
CA ASP C 84 20.31 24.43 11.27
C ASP C 84 19.46 23.81 12.38
N MET C 85 18.15 24.05 12.29
CA MET C 85 17.22 23.53 13.27
C MET C 85 17.32 22.00 13.35
N PHE C 86 17.61 21.39 12.22
CA PHE C 86 17.73 19.94 12.15
C PHE C 86 18.97 19.47 12.91
N ASP C 87 20.07 20.15 12.68
CA ASP C 87 21.33 19.81 13.32
C ASP C 87 21.65 20.86 14.39
N ASN C 88 20.59 21.45 14.94
CA ASN C 88 20.75 22.46 15.96
C ASN C 88 21.04 21.79 17.31
N GLY C 89 20.11 20.96 17.73
CA GLY C 89 20.24 20.25 18.99
C GLY C 89 21.21 19.07 18.85
N SER C 90 20.83 18.12 18.02
CA SER C 90 21.66 16.95 17.79
C SER C 90 21.27 16.29 16.46
N PHE C 91 20.01 15.88 16.39
CA PHE C 91 19.50 15.23 15.20
C PHE C 91 17.99 15.44 15.06
N LEU C 92 17.29 15.12 16.14
CA LEU C 92 15.84 15.27 16.16
C LEU C 92 15.22 14.16 15.30
N ARG C 93 15.57 12.93 15.64
CA ARG C 93 15.05 11.78 14.91
C ARG C 93 15.66 10.49 15.45
N ARG C 94 14.77 9.58 15.84
CA ARG C 94 15.21 8.30 16.38
C ARG C 94 16.08 7.56 15.36
N ARG C 95 15.57 7.49 14.14
CA ARG C 95 16.28 6.81 13.06
C ARG C 95 16.18 5.30 13.23
N LYS C 96 15.93 4.62 12.12
CA LYS C 96 15.80 3.18 12.13
C LYS C 96 14.40 2.80 12.62
N ARG C 97 14.12 3.15 13.86
CA ARG C 97 12.83 2.85 14.45
C ARG C 97 12.63 1.33 14.55
N VAL C 1 3.81 -1.90 2.67
CA VAL C 1 4.08 -3.30 2.96
C VAL C 1 5.56 -3.60 2.67
N LYS C 2 6.39 -2.64 3.07
CA LYS C 2 7.83 -2.79 2.88
C LYS C 2 8.55 -1.66 3.61
N PRO C 3 8.31 -1.60 4.95
CA PRO C 3 8.94 -0.58 5.78
C PRO C 3 10.42 -0.89 6.02
N PRO C 4 11.29 -0.04 5.44
CA PRO C 4 12.73 -0.21 5.59
C PRO C 4 13.18 0.20 6.99
N TYR C 5 12.94 1.46 7.31
CA TYR C 5 13.32 1.99 8.61
C TYR C 5 12.21 2.87 9.20
N SER C 6 12.52 3.48 10.33
CA SER C 6 11.57 4.35 10.99
C SER C 6 11.47 5.69 10.26
N TYR C 7 10.71 6.60 10.85
CA TYR C 7 10.54 7.91 10.26
C TYR C 7 11.73 8.83 10.58
N ILE C 8 12.11 8.83 11.84
CA ILE C 8 13.23 9.65 12.28
C ILE C 8 14.33 9.61 11.22
N ALA C 9 14.44 8.46 10.58
CA ALA C 9 15.45 8.28 9.54
C ALA C 9 15.15 9.23 8.38
N LEU C 10 13.93 9.14 7.88
CA LEU C 10 13.52 9.98 6.76
C LEU C 10 13.64 11.45 7.17
N ILE C 11 13.47 11.68 8.46
CA ILE C 11 13.56 13.04 8.99
C ILE C 11 15.00 13.54 8.84
N THR C 12 15.93 12.73 9.34
CA THR C 12 17.34 13.09 9.27
C THR C 12 17.72 13.45 7.83
N MET C 13 17.18 12.68 6.90
CA MET C 13 17.46 12.91 5.50
C MET C 13 16.63 14.07 4.94
N ALA C 14 15.53 14.34 5.64
CA ALA C 14 14.64 15.42 5.23
C ALA C 14 15.28 16.76 5.57
N ILE C 15 15.95 16.77 6.71
CA ILE C 15 16.61 17.99 7.17
C ILE C 15 17.96 18.14 6.46
N LEU C 16 18.61 16.99 6.27
CA LEU C 16 19.91 16.98 5.59
C LEU C 16 19.72 17.34 4.12
N GLN C 17 18.81 16.63 3.48
CA GLN C 17 18.52 16.86 2.07
C GLN C 17 18.26 18.35 1.83
N SER C 18 17.82 19.02 2.88
CA SER C 18 17.52 20.44 2.80
C SER C 18 18.41 21.22 3.76
N PRO C 19 19.71 21.35 3.38
CA PRO C 19 20.67 22.07 4.21
C PRO C 19 20.45 23.58 4.10
N GLN C 20 19.19 23.97 4.10
CA GLN C 20 18.84 25.37 4.00
C GLN C 20 18.04 25.80 5.24
N LYS C 21 17.58 24.80 5.98
CA LYS C 21 16.80 25.05 7.18
C LYS C 21 15.47 25.68 6.80
N LYS C 22 14.69 24.93 6.03
CA LYS C 22 13.39 25.40 5.59
C LYS C 22 12.74 24.32 4.71
N LEU C 23 11.75 23.66 5.29
CA LEU C 23 11.04 22.61 4.58
C LEU C 23 9.60 22.55 5.08
N THR C 24 8.77 21.85 4.32
CA THR C 24 7.37 21.70 4.67
C THR C 24 7.04 20.24 4.99
N LEU C 25 6.35 20.06 6.10
CA LEU C 25 5.97 18.72 6.53
C LEU C 25 5.25 18.00 5.39
N SER C 26 4.34 18.73 4.76
CA SER C 26 3.58 18.18 3.65
C SER C 26 4.53 17.74 2.54
N GLY C 27 5.34 18.69 2.09
CA GLY C 27 6.30 18.41 1.03
C GLY C 27 7.21 17.24 1.39
N ILE C 28 7.49 17.14 2.68
CA ILE C 28 8.35 16.08 3.18
C ILE C 28 7.63 14.73 3.02
N CYS C 29 6.40 14.69 3.53
CA CYS C 29 5.60 13.48 3.45
C CYS C 29 5.53 13.05 1.98
N GLU C 30 5.52 14.05 1.11
CA GLU C 30 5.45 13.79 -0.32
C GLU C 30 6.80 13.30 -0.83
N PHE C 31 7.86 13.80 -0.23
CA PHE C 31 9.21 13.42 -0.61
C PHE C 31 9.50 11.98 -0.20
N ILE C 32 8.92 11.58 0.92
CA ILE C 32 9.11 10.24 1.43
C ILE C 32 8.28 9.26 0.61
N SER C 33 6.98 9.50 0.58
CA SER C 33 6.06 8.65 -0.16
C SER C 33 6.62 8.38 -1.56
N ASN C 34 7.34 9.37 -2.07
CA ASN C 34 7.94 9.25 -3.40
C ASN C 34 8.85 8.02 -3.43
N ARG C 35 9.53 7.80 -2.32
CA ARG C 35 10.43 6.66 -2.21
C ARG C 35 9.64 5.36 -2.00
N PHE C 36 8.57 5.48 -1.23
CA PHE C 36 7.72 4.34 -0.95
C PHE C 36 6.26 4.63 -1.30
N PRO C 37 5.80 3.99 -2.40
CA PRO C 37 4.43 4.17 -2.85
C PRO C 37 3.44 3.43 -1.95
N TYR C 38 3.97 2.42 -1.26
CA TYR C 38 3.15 1.62 -0.37
C TYR C 38 2.76 2.41 0.88
N TYR C 39 3.72 3.20 1.35
CA TYR C 39 3.49 4.02 2.54
C TYR C 39 2.31 4.98 2.32
N ARG C 40 2.30 5.61 1.16
CA ARG C 40 1.25 6.54 0.82
C ARG C 40 -0.07 5.80 0.58
N GLU C 41 0.04 4.47 0.54
CA GLU C 41 -1.13 3.64 0.30
C GLU C 41 -1.88 3.43 1.62
N LYS C 42 -1.14 3.02 2.64
CA LYS C 42 -1.73 2.77 3.95
C LYS C 42 -1.94 4.11 4.66
N PHE C 43 -0.86 4.86 4.75
CA PHE C 43 -0.92 6.16 5.41
C PHE C 43 -2.04 6.21 6.45
N PRO C 44 -1.87 5.37 7.50
CA PRO C 44 -2.85 5.30 8.57
C PRO C 44 -2.75 6.53 9.48
N ALA C 45 -1.58 7.15 9.48
CA ALA C 45 -1.35 8.32 10.29
C ALA C 45 0.08 8.81 10.07
N TRP C 46 0.45 8.91 8.80
CA TRP C 46 1.78 9.35 8.44
C TRP C 46 1.87 10.85 8.75
N GLN C 47 0.74 11.42 9.15
CA GLN C 47 0.67 12.83 9.48
C GLN C 47 1.46 13.11 10.76
N ASN C 48 1.01 12.51 11.85
CA ASN C 48 1.65 12.68 13.13
C ASN C 48 2.94 11.85 13.18
N SER C 49 2.90 10.73 12.46
CA SER C 49 4.05 9.84 12.40
C SER C 49 5.32 10.64 12.10
N ILE C 50 5.26 11.39 11.01
CA ILE C 50 6.38 12.20 10.59
C ILE C 50 6.45 13.46 11.47
N ARG C 51 5.32 14.13 11.58
CA ARG C 51 5.23 15.34 12.38
C ARG C 51 5.86 15.11 13.75
N HIS C 52 5.79 13.87 14.20
CA HIS C 52 6.35 13.51 15.49
C HIS C 52 7.86 13.31 15.37
N ASN C 53 8.23 12.38 14.50
CA ASN C 53 9.64 12.10 14.27
C ASN C 53 10.32 13.32 13.65
N LEU C 54 9.48 14.26 13.23
CA LEU C 54 9.98 15.48 12.61
C LEU C 54 10.31 16.50 13.69
N SER C 55 9.28 16.85 14.46
CA SER C 55 9.44 17.81 15.53
C SER C 55 10.04 17.13 16.76
N LEU C 56 9.47 15.99 17.11
CA LEU C 56 9.94 15.23 18.25
C LEU C 56 11.18 14.43 17.86
N ASN C 57 12.33 15.07 17.99
CA ASN C 57 13.59 14.44 17.65
C ASN C 57 14.63 15.52 17.31
N ASP C 58 14.21 16.43 16.45
CA ASP C 58 15.09 17.52 16.03
C ASP C 58 15.09 18.61 17.10
N CYS C 59 13.90 19.17 17.32
CA CYS C 59 13.74 20.23 18.31
C CYS C 59 13.84 21.57 17.59
N PHE C 60 12.91 21.78 16.67
CA PHE C 60 12.87 23.02 15.91
C PHE C 60 11.49 23.68 16.00
N VAL C 61 11.24 24.56 15.05
CA VAL C 61 9.97 25.27 15.01
C VAL C 61 9.28 25.01 13.67
N LYS C 62 8.00 25.35 13.62
CA LYS C 62 7.23 25.16 12.40
C LYS C 62 6.24 26.33 12.24
N ILE C 63 5.40 26.20 11.23
CA ILE C 63 4.41 27.23 10.95
C ILE C 63 3.02 26.61 10.99
N PRO C 64 2.24 26.96 12.05
CA PRO C 64 0.89 26.44 12.20
C PRO C 64 -0.07 27.13 11.24
N ARG C 65 -1.32 26.72 11.32
CA ARG C 65 -2.35 27.29 10.45
C ARG C 65 -2.06 28.76 10.18
N GLU C 66 -1.56 29.02 8.98
CA GLU C 66 -1.23 30.38 8.57
C GLU C 66 -1.89 30.71 7.23
N PRO C 67 -1.71 31.99 6.81
CA PRO C 67 -2.27 32.44 5.55
C PRO C 67 -1.49 31.89 4.36
N GLY C 68 -1.50 30.57 4.23
CA GLY C 68 -0.80 29.91 3.15
C GLY C 68 -0.88 28.39 3.29
N ASN C 69 -2.10 27.92 3.50
CA ASN C 69 -2.32 26.48 3.65
C ASN C 69 -3.50 26.06 2.78
N PRO C 70 -3.30 26.21 1.44
CA PRO C 70 -4.34 25.85 0.48
C PRO C 70 -4.44 24.33 0.34
N GLY C 71 -4.95 23.69 1.38
CA GLY C 71 -5.10 22.25 1.38
C GLY C 71 -3.98 21.58 2.18
N LYS C 72 -2.78 21.71 1.67
CA LYS C 72 -1.61 21.11 2.32
C LYS C 72 -0.42 22.06 2.18
N GLY C 73 -0.60 23.27 2.68
CA GLY C 73 0.46 24.27 2.61
C GLY C 73 0.91 24.69 4.00
N ASN C 74 2.21 24.59 4.23
CA ASN C 74 2.78 24.96 5.51
C ASN C 74 4.29 25.16 5.36
N TYR C 75 4.94 25.47 6.48
CA TYR C 75 6.37 25.70 6.47
C TYR C 75 6.98 25.31 7.83
N TRP C 76 8.13 24.66 7.74
CA TRP C 76 8.83 24.23 8.95
C TRP C 76 10.25 24.81 8.90
N THR C 77 10.68 25.31 10.05
CA THR C 77 12.00 25.90 10.16
C THR C 77 12.85 25.13 11.17
N LEU C 78 14.10 24.86 10.78
CA LEU C 78 15.01 24.14 11.63
C LEU C 78 16.22 25.01 11.95
N ASP C 79 16.87 24.69 13.05
CA ASP C 79 18.04 25.44 13.48
C ASP C 79 19.30 24.81 12.86
N PRO C 80 20.36 25.66 12.73
CA PRO C 80 21.62 25.21 12.17
C PRO C 80 22.38 24.35 13.16
N GLN C 81 22.13 23.05 13.10
CA GLN C 81 22.78 22.11 13.99
C GLN C 81 22.07 20.76 13.96
N SER C 82 21.65 20.36 12.77
CA SER C 82 20.96 19.10 12.59
C SER C 82 21.97 17.95 12.55
N GLU C 83 23.06 18.19 11.83
CA GLU C 83 24.10 17.18 11.69
C GLU C 83 24.71 16.87 13.05
N ASP C 84 25.22 17.91 13.71
CA ASP C 84 25.83 17.75 15.02
C ASP C 84 24.87 17.00 15.94
N MET C 85 23.59 17.34 15.80
CA MET C 85 22.56 16.71 16.61
C MET C 85 22.34 15.25 16.18
N PHE C 86 22.44 15.03 14.89
CA PHE C 86 22.25 13.70 14.34
C PHE C 86 23.51 12.85 14.52
N ASP C 87 24.48 13.43 15.21
CA ASP C 87 25.74 12.74 15.45
C ASP C 87 26.15 12.96 16.91
N ASN C 88 25.18 12.81 17.80
CA ASN C 88 25.43 12.98 19.22
C ASN C 88 26.26 11.81 19.73
N GLY C 89 26.53 11.83 21.03
CA GLY C 89 27.30 10.78 21.66
C GLY C 89 26.72 9.39 21.35
N SER C 90 25.52 9.16 21.87
CA SER C 90 24.84 7.89 21.65
C SER C 90 23.50 7.90 22.38
N PHE C 91 22.56 8.65 21.83
CA PHE C 91 21.23 8.74 22.41
C PHE C 91 20.21 7.97 21.57
N LEU C 92 20.70 6.92 20.92
CA LEU C 92 19.84 6.10 20.09
C LEU C 92 20.15 4.63 20.36
N ARG C 93 19.30 3.76 19.80
CA ARG C 93 19.46 2.33 19.97
C ARG C 93 19.56 1.64 18.62
N ARG C 94 20.58 2.04 17.86
CA ARG C 94 20.79 1.47 16.54
C ARG C 94 21.70 2.37 15.71
N ARG C 95 22.99 2.24 15.94
CA ARG C 95 23.98 3.04 15.21
C ARG C 95 23.72 2.96 13.71
N LYS C 96 23.62 1.74 13.22
CA LYS C 96 23.39 1.51 11.81
C LYS C 96 21.90 1.75 11.50
N ARG C 97 21.57 3.01 11.31
CA ARG C 97 20.19 3.38 11.01
C ARG C 97 19.85 3.04 9.56
N VAL C 1 3.81 -1.90 2.67
CA VAL C 1 4.08 -3.30 2.96
C VAL C 1 5.31 -3.40 3.86
N LYS C 2 6.42 -2.85 3.37
CA LYS C 2 7.66 -2.87 4.12
C LYS C 2 8.68 -3.75 3.39
N PRO C 3 8.26 -5.01 3.13
CA PRO C 3 9.12 -5.97 2.45
C PRO C 3 9.21 -5.65 0.95
N PRO C 4 10.47 -5.49 0.47
CA PRO C 4 10.70 -5.18 -0.93
C PRO C 4 10.48 -6.43 -1.80
N TYR C 5 10.42 -6.19 -3.11
CA TYR C 5 10.22 -7.27 -4.06
C TYR C 5 11.51 -7.58 -4.82
N SER C 6 11.39 -8.49 -5.78
CA SER C 6 12.53 -8.89 -6.58
C SER C 6 12.98 -7.71 -7.46
N TYR C 7 13.99 -7.00 -6.96
CA TYR C 7 14.51 -5.85 -7.68
C TYR C 7 14.85 -6.22 -9.12
N ILE C 8 15.17 -7.49 -9.31
CA ILE C 8 15.52 -7.98 -10.64
C ILE C 8 14.33 -7.78 -11.58
N ALA C 9 13.14 -7.97 -11.02
CA ALA C 9 11.92 -7.83 -11.80
C ALA C 9 11.71 -6.34 -12.12
N LEU C 10 11.46 -5.57 -11.09
CA LEU C 10 11.24 -4.14 -11.25
C LEU C 10 12.34 -3.55 -12.13
N ILE C 11 13.53 -4.12 -11.99
CA ILE C 11 14.68 -3.67 -12.76
C ILE C 11 14.48 -4.06 -14.22
N THR C 12 14.24 -5.35 -14.42
CA THR C 12 14.03 -5.87 -15.77
C THR C 12 13.19 -4.89 -16.60
N MET C 13 12.16 -4.35 -15.96
CA MET C 13 11.28 -3.41 -16.61
C MET C 13 11.90 -2.01 -16.64
N ALA C 14 12.60 -1.69 -15.57
CA ALA C 14 13.24 -0.39 -15.46
C ALA C 14 14.26 -0.23 -16.59
N ILE C 15 14.79 -1.36 -17.02
CA ILE C 15 15.78 -1.36 -18.09
C ILE C 15 15.05 -1.37 -19.45
N LEU C 16 14.11 -2.29 -19.57
CA LEU C 16 13.34 -2.41 -20.80
C LEU C 16 12.62 -1.09 -21.08
N GLN C 17 12.13 -0.49 -20.01
CA GLN C 17 11.40 0.77 -20.12
C GLN C 17 12.28 1.81 -20.82
N SER C 18 13.59 1.62 -20.70
CA SER C 18 14.55 2.53 -21.31
C SER C 18 15.43 1.77 -22.29
N PRO C 19 14.83 1.41 -23.46
CA PRO C 19 15.56 0.69 -24.49
C PRO C 19 16.52 1.61 -25.23
N GLN C 20 16.45 2.89 -24.89
CA GLN C 20 17.31 3.88 -25.52
C GLN C 20 18.76 3.67 -25.09
N LYS C 21 18.93 2.79 -24.13
CA LYS C 21 20.26 2.48 -23.62
C LYS C 21 20.78 3.69 -22.82
N LYS C 22 20.01 4.06 -21.81
CA LYS C 22 20.38 5.19 -20.97
C LYS C 22 19.31 5.39 -19.89
N LEU C 23 19.70 5.14 -18.65
CA LEU C 23 18.80 5.28 -17.52
C LEU C 23 19.59 5.69 -16.28
N THR C 24 18.88 6.24 -15.32
CA THR C 24 19.50 6.67 -14.08
C THR C 24 18.92 5.90 -12.89
N LEU C 25 19.81 5.30 -12.11
CA LEU C 25 19.40 4.53 -10.95
C LEU C 25 18.44 5.37 -10.10
N SER C 26 18.90 6.57 -9.76
CA SER C 26 18.09 7.48 -8.96
C SER C 26 16.69 7.60 -9.56
N GLY C 27 16.66 7.92 -10.85
CA GLY C 27 15.40 8.08 -11.54
C GLY C 27 14.61 6.76 -11.57
N ILE C 28 15.36 5.67 -11.59
CA ILE C 28 14.75 4.35 -11.61
C ILE C 28 14.00 4.11 -10.29
N CYS C 29 14.68 4.46 -9.21
CA CYS C 29 14.09 4.29 -7.88
C CYS C 29 12.83 5.14 -7.81
N GLU C 30 12.91 6.32 -8.41
CA GLU C 30 11.78 7.24 -8.42
C GLU C 30 10.61 6.64 -9.19
N PHE C 31 10.95 5.97 -10.28
CA PHE C 31 9.94 5.34 -11.12
C PHE C 31 9.34 4.12 -10.44
N ILE C 32 10.18 3.45 -9.65
CA ILE C 32 9.74 2.26 -8.93
C ILE C 32 8.89 2.68 -7.74
N SER C 33 9.16 3.88 -7.25
CA SER C 33 8.41 4.41 -6.11
C SER C 33 6.99 4.75 -6.53
N ASN C 34 6.87 5.39 -7.69
CA ASN C 34 5.57 5.78 -8.21
C ASN C 34 4.65 4.55 -8.24
N ARG C 35 5.21 3.45 -8.72
CA ARG C 35 4.45 2.21 -8.81
C ARG C 35 4.14 1.67 -7.41
N PHE C 36 5.07 1.93 -6.50
CA PHE C 36 4.91 1.48 -5.13
C PHE C 36 5.15 2.63 -4.14
N PRO C 37 4.02 3.14 -3.56
CA PRO C 37 4.10 4.23 -2.62
C PRO C 37 4.61 3.74 -1.26
N TYR C 38 3.98 2.69 -0.77
CA TYR C 38 4.35 2.12 0.51
C TYR C 38 5.82 1.70 0.52
N TYR C 39 6.29 1.32 -0.66
CA TYR C 39 7.68 0.90 -0.80
C TYR C 39 8.64 2.03 -0.45
N ARG C 40 8.39 3.18 -1.05
CA ARG C 40 9.22 4.35 -0.80
C ARG C 40 8.90 4.95 0.57
N GLU C 41 7.86 4.41 1.19
CA GLU C 41 7.45 4.88 2.50
C GLU C 41 8.31 4.25 3.60
N LYS C 42 8.49 2.94 3.48
CA LYS C 42 9.29 2.21 4.45
C LYS C 42 10.78 2.39 4.12
N PHE C 43 11.09 2.18 2.85
CA PHE C 43 12.46 2.32 2.39
C PHE C 43 13.45 1.83 3.45
N PRO C 44 13.48 0.48 3.62
CA PRO C 44 14.38 -0.13 4.60
C PRO C 44 15.83 -0.12 4.10
N ALA C 45 16.14 0.92 3.31
CA ALA C 45 17.47 1.06 2.78
C ALA C 45 17.67 0.06 1.63
N TRP C 46 16.80 0.17 0.64
CA TRP C 46 16.86 -0.71 -0.51
C TRP C 46 17.67 -0.02 -1.60
N GLN C 47 18.55 0.87 -1.16
CA GLN C 47 19.40 1.61 -2.07
C GLN C 47 20.37 0.66 -2.79
N ASN C 48 21.28 0.10 -2.01
CA ASN C 48 22.26 -0.81 -2.55
C ASN C 48 21.58 -2.15 -2.88
N SER C 49 20.42 -2.35 -2.27
CA SER C 49 19.67 -3.56 -2.49
C SER C 49 19.22 -3.65 -3.95
N ILE C 50 18.51 -2.62 -4.39
CA ILE C 50 18.01 -2.57 -5.75
C ILE C 50 19.20 -2.42 -6.71
N ARG C 51 20.17 -1.63 -6.26
CA ARG C 51 21.36 -1.38 -7.07
C ARG C 51 22.16 -2.68 -7.25
N HIS C 52 22.06 -3.54 -6.25
CA HIS C 52 22.77 -4.81 -6.29
C HIS C 52 22.11 -5.73 -7.32
N ASN C 53 20.82 -5.99 -7.10
CA ASN C 53 20.08 -6.85 -8.00
C ASN C 53 19.95 -6.17 -9.36
N LEU C 54 20.25 -4.88 -9.38
CA LEU C 54 20.17 -4.10 -10.60
C LEU C 54 21.46 -4.32 -11.41
N SER C 55 22.58 -4.08 -10.76
CA SER C 55 23.88 -4.23 -11.40
C SER C 55 24.18 -5.72 -11.59
N LEU C 56 24.09 -6.46 -10.50
CA LEU C 56 24.35 -7.88 -10.54
C LEU C 56 23.11 -8.61 -11.07
N ASN C 57 23.05 -8.72 -12.39
CA ASN C 57 21.93 -9.39 -13.03
C ASN C 57 22.01 -9.18 -14.54
N ASP C 58 21.92 -7.92 -14.94
CA ASP C 58 21.98 -7.57 -16.35
C ASP C 58 23.44 -7.59 -16.80
N CYS C 59 24.28 -6.94 -16.02
CA CYS C 59 25.69 -6.85 -16.34
C CYS C 59 25.93 -5.62 -17.21
N PHE C 60 25.91 -4.47 -16.57
CA PHE C 60 26.12 -3.21 -17.27
C PHE C 60 27.06 -2.30 -16.49
N VAL C 61 27.06 -1.03 -16.88
CA VAL C 61 27.90 -0.05 -16.22
C VAL C 61 27.03 1.10 -15.69
N LYS C 62 27.62 1.88 -14.79
CA LYS C 62 26.91 3.00 -14.20
C LYS C 62 27.87 4.17 -14.01
N ILE C 63 27.35 5.24 -13.43
CA ILE C 63 28.16 6.42 -13.17
C ILE C 63 28.24 6.67 -11.67
N PRO C 64 29.50 6.72 -11.16
CA PRO C 64 29.73 6.96 -9.74
C PRO C 64 29.47 8.42 -9.38
N ARG C 65 30.03 8.82 -8.24
CA ARG C 65 29.87 10.19 -7.77
C ARG C 65 30.57 11.17 -8.73
N GLU C 66 30.14 11.12 -9.98
CA GLU C 66 30.71 11.99 -11.00
C GLU C 66 29.61 12.49 -11.94
N PRO C 67 28.47 12.89 -11.33
CA PRO C 67 27.34 13.39 -12.11
C PRO C 67 27.60 14.80 -12.60
N GLY C 68 27.75 15.71 -11.65
CA GLY C 68 28.01 17.10 -11.97
C GLY C 68 26.94 18.02 -11.35
N ASN C 69 26.06 17.40 -10.57
CA ASN C 69 25.00 18.14 -9.92
C ASN C 69 24.88 17.70 -8.47
N PRO C 70 24.69 18.70 -7.56
CA PRO C 70 24.56 18.42 -6.15
C PRO C 70 23.19 17.82 -5.82
N GLY C 71 23.19 16.53 -5.55
CA GLY C 71 21.97 15.82 -5.23
C GLY C 71 22.13 14.31 -5.42
N LYS C 72 20.99 13.63 -5.46
CA LYS C 72 21.00 12.19 -5.64
C LYS C 72 20.77 11.86 -7.11
N GLY C 73 21.41 12.66 -7.97
CA GLY C 73 21.27 12.46 -9.40
C GLY C 73 22.54 11.84 -9.99
N ASN C 74 22.33 10.75 -10.72
CA ASN C 74 23.44 10.04 -11.33
C ASN C 74 23.02 9.54 -12.71
N TYR C 75 23.81 8.61 -13.23
CA TYR C 75 23.52 8.03 -14.55
C TYR C 75 23.97 6.58 -14.61
N TRP C 76 23.18 5.77 -15.31
CA TRP C 76 23.48 4.37 -15.47
C TRP C 76 23.36 4.01 -16.95
N THR C 77 24.34 3.26 -17.44
CA THR C 77 24.35 2.85 -18.82
C THR C 77 24.26 1.33 -18.93
N LEU C 78 23.53 0.87 -19.94
CA LEU C 78 23.35 -0.55 -20.16
C LEU C 78 23.88 -0.91 -21.54
N ASP C 79 24.12 -2.21 -21.73
CA ASP C 79 24.62 -2.69 -23.01
C ASP C 79 23.47 -2.85 -23.98
N PRO C 80 23.77 -2.56 -25.28
CA PRO C 80 22.75 -2.66 -26.33
C PRO C 80 22.49 -4.13 -26.67
N GLN C 81 21.65 -4.75 -25.86
CA GLN C 81 21.29 -6.14 -26.07
C GLN C 81 20.67 -6.73 -24.81
N SER C 82 19.78 -5.95 -24.20
CA SER C 82 19.10 -6.38 -22.99
C SER C 82 18.07 -7.45 -23.33
N GLU C 83 17.20 -7.12 -24.27
CA GLU C 83 16.16 -8.03 -24.69
C GLU C 83 16.77 -9.36 -25.15
N ASP C 84 17.70 -9.24 -26.09
CA ASP C 84 18.37 -10.42 -26.62
C ASP C 84 19.02 -11.19 -25.47
N MET C 85 19.63 -10.45 -24.57
CA MET C 85 20.30 -11.04 -23.42
C MET C 85 19.29 -11.81 -22.55
N PHE C 86 18.24 -11.11 -22.15
CA PHE C 86 17.22 -11.70 -21.32
C PHE C 86 16.65 -12.97 -21.96
N ASP C 87 16.44 -12.89 -23.26
CA ASP C 87 15.90 -14.01 -24.01
C ASP C 87 16.95 -15.12 -24.08
N ASN C 88 18.13 -14.74 -24.52
CA ASN C 88 19.23 -15.69 -24.65
C ASN C 88 19.21 -16.63 -23.44
N GLY C 89 19.26 -16.03 -22.25
CA GLY C 89 19.26 -16.79 -21.02
C GLY C 89 17.97 -17.58 -20.88
N SER C 90 16.85 -16.86 -20.93
CA SER C 90 15.55 -17.48 -20.81
C SER C 90 15.48 -18.30 -19.53
N PHE C 91 16.09 -17.77 -18.48
CA PHE C 91 16.10 -18.45 -17.20
C PHE C 91 16.22 -17.44 -16.05
N LEU C 92 15.31 -16.47 -16.06
CA LEU C 92 15.29 -15.45 -15.03
C LEU C 92 13.95 -15.51 -14.28
N ARG C 93 14.03 -15.22 -12.99
CA ARG C 93 12.84 -15.23 -12.15
C ARG C 93 12.29 -16.65 -12.05
N ARG C 94 12.13 -17.10 -10.81
CA ARG C 94 11.61 -18.43 -10.56
C ARG C 94 10.29 -18.65 -11.33
N ARG C 95 9.37 -17.72 -11.12
CA ARG C 95 8.08 -17.80 -11.79
C ARG C 95 7.18 -16.64 -11.33
N LYS C 96 6.90 -16.64 -10.03
CA LYS C 96 6.05 -15.60 -9.46
C LYS C 96 5.99 -15.78 -7.94
N ARG C 97 6.94 -15.14 -7.27
CA ARG C 97 7.02 -15.21 -5.82
C ARG C 97 5.63 -14.99 -5.21
N VAL C 1 3.81 -1.90 2.67
CA VAL C 1 4.08 -3.30 2.96
C VAL C 1 2.79 -3.99 3.38
N LYS C 2 1.80 -3.93 2.49
CA LYS C 2 0.51 -4.54 2.76
C LYS C 2 -0.49 -4.11 1.69
N PRO C 3 -1.37 -5.07 1.31
CA PRO C 3 -2.39 -4.79 0.30
C PRO C 3 -3.51 -3.93 0.87
N PRO C 4 -4.44 -3.53 -0.03
CA PRO C 4 -5.56 -2.70 0.37
C PRO C 4 -6.61 -3.51 1.12
N TYR C 5 -6.44 -3.57 2.44
CA TYR C 5 -7.36 -4.31 3.27
C TYR C 5 -7.62 -3.57 4.60
N SER C 6 -8.85 -3.13 4.75
CA SER C 6 -9.24 -2.40 5.96
C SER C 6 -9.32 -3.37 7.14
N TYR C 7 -9.59 -2.80 8.31
CA TYR C 7 -9.70 -3.60 9.52
C TYR C 7 -11.09 -4.23 9.64
N ILE C 8 -12.03 -3.64 8.91
CA ILE C 8 -13.39 -4.14 8.93
C ILE C 8 -13.39 -5.66 8.74
N ALA C 9 -12.56 -6.09 7.80
CA ALA C 9 -12.45 -7.51 7.50
C ALA C 9 -11.88 -8.24 8.72
N LEU C 10 -10.76 -7.73 9.20
CA LEU C 10 -10.10 -8.32 10.35
C LEU C 10 -11.10 -8.41 11.51
N ILE C 11 -11.93 -7.38 11.61
CA ILE C 11 -12.94 -7.34 12.66
C ILE C 11 -13.99 -8.42 12.41
N THR C 12 -14.65 -8.29 11.27
CA THR C 12 -15.68 -9.24 10.90
C THR C 12 -15.24 -10.66 11.23
N MET C 13 -13.94 -10.89 11.10
CA MET C 13 -13.37 -12.20 11.37
C MET C 13 -13.18 -12.41 12.87
N ALA C 14 -12.73 -11.35 13.54
CA ALA C 14 -12.50 -11.40 14.97
C ALA C 14 -13.82 -11.74 15.68
N ILE C 15 -14.92 -11.37 15.02
CA ILE C 15 -16.24 -11.64 15.57
C ILE C 15 -16.66 -13.06 15.23
N LEU C 16 -16.67 -13.34 13.93
CA LEU C 16 -17.04 -14.66 13.46
C LEU C 16 -16.18 -15.72 14.15
N GLN C 17 -14.88 -15.45 14.20
CA GLN C 17 -13.95 -16.36 14.83
C GLN C 17 -14.48 -16.80 16.20
N SER C 18 -15.05 -15.85 16.91
CA SER C 18 -15.60 -16.12 18.23
C SER C 18 -16.82 -17.04 18.11
N PRO C 19 -16.64 -18.31 18.54
CA PRO C 19 -17.71 -19.28 18.48
C PRO C 19 -18.75 -19.03 19.58
N GLN C 20 -18.44 -18.05 20.42
CA GLN C 20 -19.33 -17.69 21.51
C GLN C 20 -19.80 -16.24 21.37
N LYS C 21 -19.95 -15.83 20.12
CA LYS C 21 -20.40 -14.47 19.83
C LYS C 21 -19.92 -13.53 20.94
N LYS C 22 -18.61 -13.41 21.05
CA LYS C 22 -18.01 -12.55 22.06
C LYS C 22 -16.50 -12.49 21.85
N LEU C 23 -15.95 -11.31 22.07
CA LEU C 23 -14.52 -11.10 21.92
C LEU C 23 -14.09 -9.89 22.73
N THR C 24 -12.78 -9.74 22.89
CA THR C 24 -12.22 -8.63 23.64
C THR C 24 -11.28 -7.81 22.76
N LEU C 25 -11.32 -6.50 22.97
CA LEU C 25 -10.48 -5.59 22.20
C LEU C 25 -9.01 -5.97 22.42
N SER C 26 -8.62 -5.97 23.70
CA SER C 26 -7.26 -6.31 24.05
C SER C 26 -6.81 -7.59 23.32
N GLY C 27 -7.60 -8.64 23.52
CA GLY C 27 -7.31 -9.91 22.89
C GLY C 27 -7.28 -9.78 21.37
N ILE C 28 -8.14 -8.92 20.86
CA ILE C 28 -8.24 -8.68 19.43
C ILE C 28 -6.91 -8.08 18.94
N CYS C 29 -6.51 -7.00 19.59
CA CYS C 29 -5.27 -6.34 19.22
C CYS C 29 -4.17 -7.39 19.12
N GLU C 30 -4.16 -8.30 20.08
CA GLU C 30 -3.17 -9.35 20.11
C GLU C 30 -3.37 -10.31 18.93
N PHE C 31 -4.63 -10.51 18.60
CA PHE C 31 -4.98 -11.40 17.50
C PHE C 31 -4.66 -10.74 16.14
N ILE C 32 -4.59 -9.42 16.17
CA ILE C 32 -4.29 -8.66 14.96
C ILE C 32 -2.78 -8.68 14.72
N SER C 33 -2.04 -8.49 15.80
CA SER C 33 -0.58 -8.48 15.71
C SER C 33 -0.07 -9.88 15.39
N ASN C 34 -0.42 -10.82 16.27
CA ASN C 34 -0.01 -12.20 16.09
C ASN C 34 -0.31 -12.65 14.67
N ARG C 35 -1.52 -12.34 14.22
CA ARG C 35 -1.94 -12.69 12.88
C ARG C 35 -1.08 -11.96 11.84
N PHE C 36 -1.04 -10.64 11.97
CA PHE C 36 -0.26 -9.83 11.05
C PHE C 36 0.85 -9.08 11.79
N PRO C 37 2.10 -9.36 11.38
CA PRO C 37 3.26 -8.72 11.99
C PRO C 37 3.39 -7.27 11.53
N TYR C 38 3.20 -7.07 10.23
CA TYR C 38 3.29 -5.75 9.65
C TYR C 38 2.37 -4.77 10.37
N TYR C 39 1.19 -5.26 10.71
CA TYR C 39 0.21 -4.45 11.41
C TYR C 39 0.71 -4.03 12.80
N ARG C 40 1.42 -4.95 13.43
CA ARG C 40 1.97 -4.71 14.75
C ARG C 40 3.26 -3.89 14.65
N GLU C 41 3.86 -3.94 13.48
CA GLU C 41 5.09 -3.21 13.25
C GLU C 41 4.81 -1.71 13.16
N LYS C 42 3.96 -1.36 12.21
CA LYS C 42 3.59 0.04 12.02
C LYS C 42 2.70 0.50 13.18
N PHE C 43 1.63 -0.26 13.40
CA PHE C 43 0.70 0.05 14.46
C PHE C 43 0.78 1.53 14.84
N PRO C 44 0.44 2.40 13.84
CA PRO C 44 0.46 3.83 14.05
C PRO C 44 -0.73 4.28 14.89
N ALA C 45 -1.79 3.49 14.83
CA ALA C 45 -3.00 3.79 15.57
C ALA C 45 -4.08 2.76 15.23
N TRP C 46 -3.75 1.51 15.51
CA TRP C 46 -4.67 0.41 15.23
C TRP C 46 -5.70 0.36 16.38
N GLN C 47 -5.39 1.10 17.44
CA GLN C 47 -6.26 1.15 18.59
C GLN C 47 -7.61 1.74 18.21
N ASN C 48 -7.57 2.93 17.65
CA ASN C 48 -8.77 3.62 17.23
C ASN C 48 -9.24 3.06 15.88
N SER C 49 -8.26 2.75 15.05
CA SER C 49 -8.55 2.21 13.73
C SER C 49 -9.37 0.92 13.86
N ILE C 50 -8.86 0.01 14.67
CA ILE C 50 -9.53 -1.25 14.89
C ILE C 50 -10.81 -1.03 15.70
N ARG C 51 -10.65 -0.33 16.81
CA ARG C 51 -11.77 -0.03 17.68
C ARG C 51 -12.85 0.72 16.91
N HIS C 52 -12.41 1.45 15.89
CA HIS C 52 -13.32 2.22 15.06
C HIS C 52 -14.09 1.27 14.13
N ASN C 53 -13.33 0.55 13.33
CA ASN C 53 -13.92 -0.40 12.38
C ASN C 53 -14.59 -1.53 13.16
N LEU C 54 -14.25 -1.62 14.44
CA LEU C 54 -14.81 -2.65 15.29
C LEU C 54 -16.17 -2.18 15.82
N SER C 55 -16.17 -1.01 16.44
CA SER C 55 -17.38 -0.45 17.00
C SER C 55 -18.18 0.23 15.89
N LEU C 56 -17.51 1.11 15.17
CA LEU C 56 -18.14 1.84 14.08
C LEU C 56 -18.21 0.95 12.84
N ASN C 57 -19.31 0.22 12.73
CA ASN C 57 -19.51 -0.66 11.60
C ASN C 57 -20.42 -1.83 12.02
N ASP C 58 -20.01 -2.48 13.10
CA ASP C 58 -20.77 -3.61 13.63
C ASP C 58 -21.95 -3.08 14.46
N CYS C 59 -21.65 -2.05 15.24
CA CYS C 59 -22.67 -1.45 16.10
C CYS C 59 -23.06 -2.47 17.17
N PHE C 60 -22.17 -2.62 18.15
CA PHE C 60 -22.40 -3.55 19.23
C PHE C 60 -22.20 -2.88 20.59
N VAL C 61 -21.69 -3.66 21.53
CA VAL C 61 -21.44 -3.15 22.87
C VAL C 61 -20.06 -3.62 23.34
N LYS C 62 -19.51 -2.86 24.28
CA LYS C 62 -18.20 -3.18 24.82
C LYS C 62 -18.22 -3.00 26.33
N ILE C 63 -17.10 -3.33 26.96
CA ILE C 63 -16.97 -3.21 28.40
C ILE C 63 -15.86 -2.21 28.73
N PRO C 64 -16.27 -1.07 29.33
CA PRO C 64 -15.31 -0.03 29.70
C PRO C 64 -14.53 -0.44 30.94
N ARG C 65 -13.61 0.44 31.34
CA ARG C 65 -12.78 0.19 32.50
C ARG C 65 -13.61 -0.51 33.59
N GLU C 66 -13.38 -1.81 33.72
CA GLU C 66 -14.09 -2.60 34.71
C GLU C 66 -13.09 -3.40 35.57
N PRO C 67 -13.60 -3.91 36.72
CA PRO C 67 -12.77 -4.69 37.62
C PRO C 67 -12.55 -6.10 37.06
N GLY C 68 -11.87 -6.15 35.92
CA GLY C 68 -11.58 -7.42 35.27
C GLY C 68 -10.09 -7.79 35.45
N ASN C 69 -9.26 -7.12 34.66
CA ASN C 69 -7.83 -7.38 34.72
C ASN C 69 -7.08 -6.04 34.61
N PRO C 70 -6.14 -5.84 35.59
CA PRO C 70 -5.36 -4.62 35.62
C PRO C 70 -4.28 -4.64 34.53
N GLY C 71 -4.53 -3.84 33.49
CA GLY C 71 -3.59 -3.75 32.38
C GLY C 71 -4.33 -3.53 31.06
N LYS C 72 -4.70 -4.63 30.44
CA LYS C 72 -5.41 -4.57 29.17
C LYS C 72 -6.43 -5.71 29.11
N GLY C 73 -7.38 -5.68 30.04
CA GLY C 73 -8.41 -6.70 30.10
C GLY C 73 -9.80 -6.08 30.00
N ASN C 74 -10.48 -6.40 28.90
CA ASN C 74 -11.82 -5.88 28.67
C ASN C 74 -12.68 -6.97 28.05
N TYR C 75 -13.89 -6.58 27.67
CA TYR C 75 -14.82 -7.51 27.05
C TYR C 75 -15.72 -6.81 26.03
N TRP C 76 -15.78 -7.38 24.85
CA TRP C 76 -16.58 -6.81 23.77
C TRP C 76 -17.60 -7.88 23.34
N THR C 77 -18.81 -7.42 23.08
CA THR C 77 -19.87 -8.31 22.65
C THR C 77 -20.56 -7.77 21.40
N LEU C 78 -20.87 -8.68 20.48
CA LEU C 78 -21.53 -8.29 19.25
C LEU C 78 -22.92 -8.94 19.20
N ASP C 79 -23.79 -8.32 18.41
CA ASP C 79 -25.15 -8.82 18.27
C ASP C 79 -25.12 -10.15 17.51
N PRO C 80 -26.20 -10.96 17.71
CA PRO C 80 -26.30 -12.25 17.05
C PRO C 80 -26.66 -12.09 15.58
N GLN C 81 -25.73 -11.50 14.84
CA GLN C 81 -25.93 -11.27 13.42
C GLN C 81 -24.60 -10.92 12.75
N SER C 82 -23.55 -11.58 13.21
CA SER C 82 -22.22 -11.35 12.66
C SER C 82 -22.06 -12.11 11.34
N GLU C 83 -22.74 -13.24 11.26
CA GLU C 83 -22.68 -14.07 10.07
C GLU C 83 -23.66 -13.55 9.02
N ASP C 84 -24.77 -13.02 9.49
CA ASP C 84 -25.78 -12.48 8.60
C ASP C 84 -25.20 -11.29 7.83
N MET C 85 -24.70 -10.33 8.59
CA MET C 85 -24.11 -9.13 8.00
C MET C 85 -22.89 -9.48 7.14
N PHE C 86 -22.46 -10.73 7.27
CA PHE C 86 -21.31 -11.20 6.52
C PHE C 86 -21.65 -12.50 5.78
N ASP C 87 -22.91 -12.62 5.40
CA ASP C 87 -23.36 -13.80 4.68
C ASP C 87 -23.56 -13.45 3.21
N ASN C 88 -24.16 -12.29 2.98
CA ASN C 88 -24.41 -11.83 1.62
C ASN C 88 -23.17 -12.08 0.77
N GLY C 89 -22.05 -11.57 1.26
CA GLY C 89 -20.78 -11.73 0.56
C GLY C 89 -20.33 -13.19 0.55
N SER C 90 -19.14 -13.41 0.03
CA SER C 90 -18.58 -14.74 -0.03
C SER C 90 -17.14 -14.73 0.49
N PHE C 91 -16.96 -14.12 1.64
CA PHE C 91 -15.64 -14.03 2.25
C PHE C 91 -14.66 -13.31 1.32
N LEU C 92 -15.11 -12.20 0.77
CA LEU C 92 -14.28 -11.41 -0.12
C LEU C 92 -14.20 -9.98 0.40
N ARG C 93 -13.30 -9.22 -0.21
CA ARG C 93 -13.10 -7.83 0.18
C ARG C 93 -14.44 -7.08 0.17
N ARG C 94 -14.38 -5.83 0.60
CA ARG C 94 -15.58 -5.01 0.64
C ARG C 94 -16.23 -4.94 -0.74
N ARG C 95 -15.42 -4.61 -1.73
CA ARG C 95 -15.91 -4.51 -3.09
C ARG C 95 -17.30 -3.88 -3.12
N LYS C 96 -17.33 -2.62 -2.71
CA LYS C 96 -18.59 -1.88 -2.68
C LYS C 96 -18.32 -0.45 -2.20
N ARG C 97 -18.90 0.50 -2.93
CA ARG C 97 -18.74 1.90 -2.59
C ARG C 97 -19.70 2.76 -3.40
N VAL C 1 3.81 -1.90 2.67
CA VAL C 1 4.08 -3.30 2.96
C VAL C 1 4.59 -3.99 1.68
N LYS C 2 4.02 -3.59 0.56
CA LYS C 2 4.40 -4.15 -0.72
C LYS C 2 3.63 -3.45 -1.83
N PRO C 3 4.05 -3.73 -3.10
CA PRO C 3 3.42 -3.14 -4.26
C PRO C 3 2.05 -3.79 -4.53
N PRO C 4 1.21 -3.06 -5.30
CA PRO C 4 -0.11 -3.55 -5.65
C PRO C 4 -0.02 -4.64 -6.72
N TYR C 5 -1.18 -5.24 -7.00
CA TYR C 5 -1.24 -6.29 -8.00
C TYR C 5 -2.52 -6.16 -8.84
N SER C 6 -2.65 -7.08 -9.79
CA SER C 6 -3.81 -7.08 -10.67
C SER C 6 -5.06 -7.45 -9.88
N TYR C 7 -5.93 -6.46 -9.69
CA TYR C 7 -7.16 -6.68 -8.96
C TYR C 7 -8.02 -7.76 -9.62
N ILE C 8 -7.79 -7.94 -10.92
CA ILE C 8 -8.52 -8.94 -11.67
C ILE C 8 -8.45 -10.28 -10.94
N ALA C 9 -7.26 -10.57 -10.41
CA ALA C 9 -7.05 -11.81 -9.68
C ALA C 9 -7.89 -11.80 -8.40
N LEU C 10 -7.69 -10.76 -7.60
CA LEU C 10 -8.42 -10.63 -6.35
C LEU C 10 -9.92 -10.81 -6.62
N ILE C 11 -10.34 -10.33 -7.77
CA ILE C 11 -11.74 -10.44 -8.16
C ILE C 11 -12.05 -11.89 -8.54
N THR C 12 -11.11 -12.50 -9.25
CA THR C 12 -11.27 -13.87 -9.68
C THR C 12 -11.64 -14.76 -8.49
N MET C 13 -10.87 -14.61 -7.42
CA MET C 13 -11.12 -15.39 -6.21
C MET C 13 -12.35 -14.89 -5.47
N ALA C 14 -12.61 -13.59 -5.61
CA ALA C 14 -13.75 -12.98 -4.96
C ALA C 14 -15.04 -13.56 -5.55
N ILE C 15 -14.96 -13.90 -6.82
CA ILE C 15 -16.11 -14.47 -7.52
C ILE C 15 -16.24 -15.96 -7.17
N LEU C 16 -15.12 -16.66 -7.29
CA LEU C 16 -15.09 -18.08 -7.00
C LEU C 16 -15.52 -18.30 -5.54
N GLN C 17 -15.28 -17.28 -4.72
CA GLN C 17 -15.64 -17.35 -3.32
C GLN C 17 -17.13 -17.63 -3.16
N SER C 18 -17.89 -17.20 -4.17
CA SER C 18 -19.33 -17.41 -4.16
C SER C 18 -19.72 -18.41 -5.25
N PRO C 19 -19.85 -19.69 -4.82
CA PRO C 19 -20.22 -20.75 -5.75
C PRO C 19 -21.71 -20.68 -6.09
N GLN C 20 -22.30 -19.54 -5.76
CA GLN C 20 -23.72 -19.35 -6.02
C GLN C 20 -23.91 -18.24 -7.06
N LYS C 21 -22.81 -17.87 -7.70
CA LYS C 21 -22.85 -16.83 -8.71
C LYS C 21 -23.78 -15.71 -8.24
N LYS C 22 -23.43 -15.14 -7.10
CA LYS C 22 -24.21 -14.05 -6.53
C LYS C 22 -23.52 -13.55 -5.26
N LEU C 23 -23.02 -12.32 -5.35
CA LEU C 23 -22.34 -11.71 -4.22
C LEU C 23 -22.65 -10.21 -4.19
N THR C 24 -22.19 -9.56 -3.13
CA THR C 24 -22.41 -8.14 -2.98
C THR C 24 -21.09 -7.38 -3.09
N LEU C 25 -21.06 -6.44 -4.02
CA LEU C 25 -19.86 -5.64 -4.25
C LEU C 25 -19.34 -5.12 -2.90
N SER C 26 -20.26 -4.57 -2.13
CA SER C 26 -19.91 -4.03 -0.82
C SER C 26 -19.34 -5.15 0.06
N GLY C 27 -20.07 -6.24 0.13
CA GLY C 27 -19.65 -7.38 0.94
C GLY C 27 -18.25 -7.84 0.53
N ILE C 28 -18.05 -7.93 -0.77
CA ILE C 28 -16.76 -8.36 -1.29
C ILE C 28 -15.69 -7.34 -0.91
N CYS C 29 -16.04 -6.07 -1.07
CA CYS C 29 -15.12 -5.00 -0.74
C CYS C 29 -14.66 -5.18 0.70
N GLU C 30 -15.58 -5.66 1.53
CA GLU C 30 -15.29 -5.89 2.93
C GLU C 30 -14.45 -7.16 3.10
N PHE C 31 -14.80 -8.17 2.31
CA PHE C 31 -14.09 -9.43 2.37
C PHE C 31 -12.62 -9.26 1.96
N ILE C 32 -12.40 -8.30 1.07
CA ILE C 32 -11.06 -8.01 0.59
C ILE C 32 -10.31 -7.20 1.63
N SER C 33 -10.88 -6.04 1.96
CA SER C 33 -10.27 -5.16 2.94
C SER C 33 -9.80 -5.97 4.16
N ASN C 34 -10.55 -7.02 4.46
CA ASN C 34 -10.22 -7.88 5.58
C ASN C 34 -8.92 -8.64 5.27
N ARG C 35 -8.87 -9.18 4.07
CA ARG C 35 -7.70 -9.94 3.64
C ARG C 35 -6.48 -9.02 3.58
N PHE C 36 -6.74 -7.76 3.27
CA PHE C 36 -5.67 -6.77 3.17
C PHE C 36 -6.08 -5.45 3.83
N PRO C 37 -5.81 -5.36 5.16
CA PRO C 37 -6.14 -4.16 5.91
C PRO C 37 -5.17 -3.03 5.59
N TYR C 38 -3.94 -3.41 5.30
CA TYR C 38 -2.90 -2.45 4.98
C TYR C 38 -3.12 -1.86 3.58
N TYR C 39 -3.74 -2.66 2.73
CA TYR C 39 -4.00 -2.23 1.37
C TYR C 39 -4.96 -1.04 1.34
N ARG C 40 -6.06 -1.18 2.07
CA ARG C 40 -7.06 -0.13 2.14
C ARG C 40 -6.46 1.11 2.80
N GLU C 41 -5.38 0.90 3.53
CA GLU C 41 -4.71 1.99 4.21
C GLU C 41 -3.80 2.75 3.24
N LYS C 42 -3.13 1.98 2.39
CA LYS C 42 -2.22 2.57 1.41
C LYS C 42 -2.94 2.65 0.06
N PHE C 43 -4.24 2.40 0.09
CA PHE C 43 -5.03 2.44 -1.12
C PHE C 43 -6.47 2.89 -0.81
N PRO C 44 -6.59 4.20 -0.49
CA PRO C 44 -7.90 4.77 -0.16
C PRO C 44 -8.73 4.97 -1.44
N ALA C 45 -8.89 3.89 -2.19
CA ALA C 45 -9.64 3.94 -3.42
C ALA C 45 -9.82 2.52 -3.96
N TRP C 46 -10.50 1.70 -3.18
CA TRP C 46 -10.74 0.32 -3.58
C TRP C 46 -12.22 0.19 -3.97
N GLN C 47 -12.85 1.34 -4.13
CA GLN C 47 -14.26 1.36 -4.51
C GLN C 47 -14.41 1.09 -6.01
N ASN C 48 -14.02 2.09 -6.80
CA ASN C 48 -14.10 1.97 -8.24
C ASN C 48 -12.98 1.06 -8.74
N SER C 49 -11.87 1.08 -8.02
CA SER C 49 -10.72 0.26 -8.37
C SER C 49 -11.15 -1.20 -8.53
N ILE C 50 -11.75 -1.72 -7.47
CA ILE C 50 -12.20 -3.10 -7.48
C ILE C 50 -13.41 -3.24 -8.41
N ARG C 51 -14.34 -2.33 -8.24
CA ARG C 51 -15.55 -2.32 -9.05
C ARG C 51 -15.19 -2.35 -10.54
N HIS C 52 -14.12 -1.64 -10.87
CA HIS C 52 -13.66 -1.59 -12.24
C HIS C 52 -13.15 -2.96 -12.68
N ASN C 53 -12.17 -3.46 -11.94
CA ASN C 53 -11.59 -4.76 -12.24
C ASN C 53 -12.63 -5.84 -11.97
N LEU C 54 -13.70 -5.44 -11.32
CA LEU C 54 -14.79 -6.36 -11.00
C LEU C 54 -15.74 -6.47 -12.19
N SER C 55 -16.27 -5.32 -12.57
CA SER C 55 -17.21 -5.26 -13.69
C SER C 55 -16.42 -5.33 -15.01
N LEU C 56 -15.42 -4.46 -15.11
CA LEU C 56 -14.61 -4.42 -16.31
C LEU C 56 -13.63 -5.59 -16.31
N ASN C 57 -14.15 -6.75 -16.66
CA ASN C 57 -13.35 -7.96 -16.70
C ASN C 57 -14.26 -9.19 -16.68
N ASP C 58 -15.18 -9.19 -15.72
CA ASP C 58 -16.11 -10.29 -15.58
C ASP C 58 -17.26 -10.11 -16.58
N CYS C 59 -17.76 -8.89 -16.65
CA CYS C 59 -18.85 -8.57 -17.55
C CYS C 59 -20.11 -9.28 -17.05
N PHE C 60 -20.56 -8.87 -15.88
CA PHE C 60 -21.75 -9.45 -15.29
C PHE C 60 -22.83 -8.39 -15.09
N VAL C 61 -23.77 -8.71 -14.21
CA VAL C 61 -24.87 -7.80 -13.93
C VAL C 61 -24.84 -7.42 -12.45
N LYS C 62 -25.28 -6.20 -12.17
CA LYS C 62 -25.30 -5.70 -10.81
C LYS C 62 -26.58 -4.89 -10.59
N ILE C 63 -26.89 -4.65 -9.33
CA ILE C 63 -28.07 -3.89 -8.97
C ILE C 63 -27.65 -2.63 -8.22
N PRO C 64 -28.18 -1.46 -8.70
CA PRO C 64 -27.87 -0.19 -8.09
C PRO C 64 -28.63 -0.02 -6.76
N ARG C 65 -28.49 1.17 -6.20
CA ARG C 65 -29.15 1.47 -4.94
C ARG C 65 -30.62 1.04 -4.99
N GLU C 66 -30.85 -0.19 -4.54
CA GLU C 66 -32.20 -0.73 -4.53
C GLU C 66 -32.90 -0.37 -3.22
N PRO C 67 -34.25 -0.55 -3.22
CA PRO C 67 -35.05 -0.24 -2.05
C PRO C 67 -34.87 -1.32 -0.97
N GLY C 68 -33.63 -1.50 -0.56
CA GLY C 68 -33.32 -2.48 0.46
C GLY C 68 -31.81 -2.58 0.69
N ASN C 69 -31.15 -1.43 0.60
CA ASN C 69 -29.71 -1.38 0.79
C ASN C 69 -29.39 -0.36 1.89
N PRO C 70 -29.56 -0.82 3.16
CA PRO C 70 -29.29 0.04 4.31
C PRO C 70 -27.78 0.20 4.53
N GLY C 71 -27.24 1.25 3.95
CA GLY C 71 -25.82 1.53 4.07
C GLY C 71 -25.04 0.94 2.89
N LYS C 72 -24.86 -0.38 2.93
CA LYS C 72 -24.13 -1.07 1.89
C LYS C 72 -24.78 -2.43 1.64
N GLY C 73 -26.08 -2.41 1.39
CA GLY C 73 -26.83 -3.63 1.14
C GLY C 73 -27.18 -3.77 -0.35
N ASN C 74 -26.14 -4.01 -1.14
CA ASN C 74 -26.33 -4.16 -2.57
C ASN C 74 -26.09 -5.63 -2.96
N TYR C 75 -26.51 -5.96 -4.18
CA TYR C 75 -26.35 -7.32 -4.67
C TYR C 75 -25.80 -7.32 -6.09
N TRP C 76 -24.90 -8.27 -6.34
CA TRP C 76 -24.29 -8.38 -7.66
C TRP C 76 -24.51 -9.82 -8.15
N THR C 77 -24.83 -9.93 -9.42
CA THR C 77 -25.06 -11.23 -10.04
C THR C 77 -24.09 -11.46 -11.18
N LEU C 78 -23.79 -12.73 -11.43
CA LEU C 78 -22.88 -13.11 -12.48
C LEU C 78 -23.63 -13.94 -13.53
N ASP C 79 -23.15 -13.86 -14.76
CA ASP C 79 -23.76 -14.60 -15.85
C ASP C 79 -23.18 -16.02 -15.89
N PRO C 80 -23.87 -16.91 -16.66
CA PRO C 80 -23.43 -18.28 -16.79
C PRO C 80 -22.20 -18.38 -17.71
N GLN C 81 -21.07 -17.96 -17.18
CA GLN C 81 -19.83 -17.99 -17.93
C GLN C 81 -18.66 -17.56 -17.04
N SER C 82 -18.73 -17.96 -15.79
CA SER C 82 -17.68 -17.62 -14.84
C SER C 82 -16.48 -18.54 -15.03
N GLU C 83 -16.75 -19.83 -15.03
CA GLU C 83 -15.71 -20.83 -15.20
C GLU C 83 -15.12 -20.73 -16.62
N ASP C 84 -16.02 -20.77 -17.59
CA ASP C 84 -15.60 -20.70 -18.99
C ASP C 84 -14.76 -19.43 -19.19
N MET C 85 -15.20 -18.35 -18.58
CA MET C 85 -14.50 -17.08 -18.69
C MET C 85 -13.13 -17.16 -18.02
N PHE C 86 -13.14 -17.52 -16.75
CA PHE C 86 -11.91 -17.64 -15.99
C PHE C 86 -10.98 -18.70 -16.61
N ASP C 87 -11.60 -19.71 -17.18
CA ASP C 87 -10.86 -20.79 -17.80
C ASP C 87 -9.96 -20.21 -18.90
N ASN C 88 -10.59 -19.51 -19.84
CA ASN C 88 -9.88 -18.91 -20.94
C ASN C 88 -9.26 -17.58 -20.48
N GLY C 89 -8.59 -17.64 -19.34
CA GLY C 89 -7.96 -16.46 -18.78
C GLY C 89 -6.65 -16.15 -19.50
N SER C 90 -5.55 -16.45 -18.82
CA SER C 90 -4.23 -16.22 -19.38
C SER C 90 -3.15 -16.71 -18.40
N PHE C 91 -3.16 -18.01 -18.17
CA PHE C 91 -2.20 -18.62 -17.27
C PHE C 91 -2.17 -17.89 -15.93
N LEU C 92 -3.36 -17.51 -15.48
CA LEU C 92 -3.47 -16.81 -14.21
C LEU C 92 -3.25 -15.31 -14.45
N ARG C 93 -1.99 -14.94 -14.56
CA ARG C 93 -1.63 -13.55 -14.78
C ARG C 93 -2.08 -13.10 -16.18
N ARG C 94 -1.58 -11.94 -16.57
CA ARG C 94 -1.92 -11.39 -17.88
C ARG C 94 -1.38 -12.29 -18.99
N ARG C 95 -0.13 -12.71 -18.82
CA ARG C 95 0.51 -13.57 -19.80
C ARG C 95 0.08 -13.17 -21.21
N LYS C 96 0.14 -11.88 -21.46
CA LYS C 96 -0.24 -11.36 -22.77
C LYS C 96 0.39 -9.98 -22.97
N ARG C 97 -0.09 -9.02 -22.19
CA ARG C 97 0.42 -7.66 -22.26
C ARG C 97 1.92 -7.67 -22.55
N VAL C 1 3.81 -1.90 2.67
CA VAL C 1 4.08 -3.30 2.96
C VAL C 1 2.98 -4.17 2.34
N LYS C 2 2.95 -4.17 1.01
CA LYS C 2 1.96 -4.96 0.29
C LYS C 2 2.43 -5.17 -1.15
N PRO C 3 3.40 -6.11 -1.29
CA PRO C 3 3.94 -6.44 -2.60
C PRO C 3 2.96 -7.26 -3.42
N PRO C 4 2.45 -6.65 -4.52
CA PRO C 4 1.50 -7.32 -5.40
C PRO C 4 2.21 -8.36 -6.26
N TYR C 5 3.29 -7.93 -6.90
CA TYR C 5 4.05 -8.82 -7.76
C TYR C 5 5.35 -9.25 -7.07
N SER C 6 5.81 -10.45 -7.44
CA SER C 6 7.03 -10.98 -6.87
C SER C 6 8.24 -10.33 -7.54
N TYR C 7 9.41 -10.94 -7.31
CA TYR C 7 10.64 -10.43 -7.88
C TYR C 7 10.61 -10.51 -9.42
N ILE C 8 10.26 -11.69 -9.90
CA ILE C 8 10.19 -11.91 -11.33
C ILE C 8 9.60 -10.68 -12.01
N ALA C 9 8.50 -10.20 -11.44
CA ALA C 9 7.84 -9.02 -11.98
C ALA C 9 8.80 -7.83 -11.93
N LEU C 10 9.46 -7.68 -10.79
CA LEU C 10 10.40 -6.59 -10.62
C LEU C 10 11.50 -6.69 -11.68
N ILE C 11 11.82 -7.93 -12.03
CA ILE C 11 12.85 -8.17 -13.03
C ILE C 11 12.36 -7.65 -14.39
N THR C 12 11.22 -8.17 -14.81
CA THR C 12 10.64 -7.76 -16.08
C THR C 12 10.75 -6.25 -16.26
N MET C 13 10.32 -5.53 -15.22
CA MET C 13 10.37 -4.08 -15.26
C MET C 13 11.80 -3.57 -15.16
N ALA C 14 12.65 -4.41 -14.61
CA ALA C 14 14.05 -4.06 -14.45
C ALA C 14 14.78 -4.26 -15.79
N ILE C 15 14.67 -5.47 -16.31
CA ILE C 15 15.30 -5.79 -17.57
C ILE C 15 14.86 -4.79 -18.63
N LEU C 16 13.61 -4.37 -18.53
CA LEU C 16 13.06 -3.42 -19.47
C LEU C 16 13.80 -2.08 -19.33
N GLN C 17 14.56 -1.98 -18.26
CA GLN C 17 15.32 -0.77 -17.99
C GLN C 17 16.48 -0.64 -18.99
N SER C 18 17.05 -1.79 -19.34
CA SER C 18 18.16 -1.81 -20.28
C SER C 18 17.84 -2.77 -21.43
N PRO C 19 16.82 -2.38 -22.23
CA PRO C 19 16.41 -3.19 -23.36
C PRO C 19 17.41 -3.07 -24.52
N GLN C 20 18.67 -3.32 -24.20
CA GLN C 20 19.72 -3.24 -25.19
C GLN C 20 20.70 -4.41 -25.02
N LYS C 21 21.58 -4.26 -24.03
CA LYS C 21 22.57 -5.29 -23.75
C LYS C 21 23.54 -4.78 -22.69
N LYS C 22 23.01 -4.53 -21.50
CA LYS C 22 23.81 -4.04 -20.40
C LYS C 22 22.92 -3.87 -19.17
N LEU C 23 23.43 -4.36 -18.04
CA LEU C 23 22.70 -4.27 -16.79
C LEU C 23 23.68 -4.35 -15.61
N THR C 24 23.16 -4.12 -14.42
CA THR C 24 23.97 -4.17 -13.22
C THR C 24 23.10 -4.42 -11.99
N LEU C 25 23.35 -5.53 -11.34
CA LEU C 25 22.60 -5.90 -10.15
C LEU C 25 22.58 -4.71 -9.19
N SER C 26 23.76 -4.20 -8.90
CA SER C 26 23.90 -3.07 -7.99
C SER C 26 22.91 -1.98 -8.38
N GLY C 27 22.86 -1.68 -9.67
CA GLY C 27 21.97 -0.67 -10.18
C GLY C 27 20.51 -1.08 -10.01
N ILE C 28 20.28 -2.38 -10.11
CA ILE C 28 18.94 -2.93 -9.98
C ILE C 28 18.46 -2.72 -8.54
N CYS C 29 19.22 -3.29 -7.61
CA CYS C 29 18.88 -3.18 -6.20
C CYS C 29 18.63 -1.71 -5.88
N GLU C 30 19.44 -0.85 -6.49
CA GLU C 30 19.30 0.57 -6.28
C GLU C 30 18.02 1.09 -6.92
N PHE C 31 17.67 0.48 -8.04
CA PHE C 31 16.47 0.86 -8.77
C PHE C 31 15.22 0.25 -8.14
N ILE C 32 15.46 -0.77 -7.31
CA ILE C 32 14.37 -1.46 -6.64
C ILE C 32 13.95 -0.67 -5.41
N SER C 33 14.93 -0.43 -4.55
CA SER C 33 14.69 0.32 -3.32
C SER C 33 14.12 1.70 -3.65
N ASN C 34 14.61 2.25 -4.76
CA ASN C 34 14.17 3.56 -5.19
C ASN C 34 12.67 3.50 -5.51
N ARG C 35 12.29 2.49 -6.28
CA ARG C 35 10.90 2.32 -6.65
C ARG C 35 10.09 1.79 -5.47
N PHE C 36 10.73 0.92 -4.71
CA PHE C 36 10.08 0.33 -3.55
C PHE C 36 11.03 0.31 -2.34
N PRO C 37 10.87 1.34 -1.48
CA PRO C 37 11.70 1.45 -0.28
C PRO C 37 11.27 0.45 0.78
N TYR C 38 9.96 0.40 1.02
CA TYR C 38 9.41 -0.51 2.01
C TYR C 38 9.66 -1.97 1.61
N TYR C 39 9.77 -2.18 0.30
CA TYR C 39 10.01 -3.51 -0.22
C TYR C 39 11.25 -4.13 0.42
N ARG C 40 12.31 -3.34 0.45
CA ARG C 40 13.57 -3.80 1.02
C ARG C 40 13.51 -3.74 2.56
N GLU C 41 12.79 -2.74 3.05
CA GLU C 41 12.64 -2.57 4.48
C GLU C 41 11.89 -3.75 5.10
N LYS C 42 11.10 -4.39 4.25
CA LYS C 42 10.31 -5.53 4.70
C LYS C 42 11.21 -6.78 4.73
N PHE C 43 12.17 -6.79 3.82
CA PHE C 43 13.10 -7.90 3.74
C PHE C 43 14.49 -7.42 3.33
N PRO C 44 15.39 -7.35 4.35
CA PRO C 44 16.75 -6.91 4.12
C PRO C 44 17.57 -8.01 3.43
N ALA C 45 17.04 -8.50 2.33
CA ALA C 45 17.71 -9.55 1.58
C ALA C 45 17.05 -9.69 0.21
N TRP C 46 17.21 -8.66 -0.60
CA TRP C 46 16.65 -8.65 -1.94
C TRP C 46 17.79 -8.87 -2.94
N GLN C 47 18.93 -9.27 -2.41
CA GLN C 47 20.10 -9.52 -3.24
C GLN C 47 19.94 -10.84 -3.99
N ASN C 48 20.18 -11.93 -3.26
CA ASN C 48 20.08 -13.25 -3.83
C ASN C 48 18.63 -13.52 -4.24
N SER C 49 17.72 -12.90 -3.50
CA SER C 49 16.30 -13.05 -3.78
C SER C 49 15.99 -12.61 -5.20
N ILE C 50 16.27 -11.34 -5.47
CA ILE C 50 16.02 -10.78 -6.79
C ILE C 50 16.92 -11.48 -7.81
N ARG C 51 18.18 -11.61 -7.45
CA ARG C 51 19.15 -12.26 -8.32
C ARG C 51 18.61 -13.64 -8.78
N HIS C 52 18.01 -14.34 -7.84
CA HIS C 52 17.46 -15.65 -8.12
C HIS C 52 16.41 -15.53 -9.22
N ASN C 53 15.44 -14.66 -8.98
CA ASN C 53 14.38 -14.46 -9.94
C ASN C 53 14.94 -13.73 -11.17
N LEU C 54 16.15 -13.24 -11.03
CA LEU C 54 16.82 -12.53 -12.11
C LEU C 54 17.46 -13.54 -13.06
N SER C 55 18.37 -14.32 -12.51
CA SER C 55 19.07 -15.34 -13.30
C SER C 55 18.14 -16.52 -13.58
N LEU C 56 17.51 -17.00 -12.51
CA LEU C 56 16.58 -18.12 -12.61
C LEU C 56 15.25 -17.62 -13.16
N ASN C 57 15.23 -17.36 -14.46
CA ASN C 57 14.02 -16.88 -15.11
C ASN C 57 14.37 -16.43 -16.53
N ASP C 58 15.25 -15.45 -16.61
CA ASP C 58 15.67 -14.92 -17.91
C ASP C 58 16.71 -15.86 -18.52
N CYS C 59 17.78 -16.08 -17.77
CA CYS C 59 18.85 -16.95 -18.24
C CYS C 59 19.85 -16.10 -19.02
N PHE C 60 20.60 -15.29 -18.28
CA PHE C 60 21.59 -14.43 -18.91
C PHE C 60 22.96 -14.61 -18.23
N VAL C 61 23.86 -13.69 -18.55
CA VAL C 61 25.20 -13.73 -17.99
C VAL C 61 25.46 -12.47 -17.18
N LYS C 62 26.10 -12.66 -16.04
CA LYS C 62 26.42 -11.54 -15.15
C LYS C 62 27.93 -11.49 -14.93
N ILE C 63 28.34 -10.51 -14.13
CA ILE C 63 29.75 -10.34 -13.82
C ILE C 63 29.95 -10.47 -12.31
N PRO C 64 30.76 -11.50 -11.92
CA PRO C 64 31.04 -11.75 -10.52
C PRO C 64 32.03 -10.71 -9.97
N ARG C 65 32.39 -10.89 -8.71
CA ARG C 65 33.31 -9.99 -8.06
C ARG C 65 34.39 -9.53 -9.05
N GLU C 66 34.13 -8.38 -9.65
CA GLU C 66 35.07 -7.82 -10.61
C GLU C 66 35.79 -6.60 -10.02
N PRO C 67 37.10 -6.49 -10.35
CA PRO C 67 37.90 -5.39 -9.85
C PRO C 67 37.58 -4.09 -10.59
N GLY C 68 36.33 -3.68 -10.46
CA GLY C 68 35.87 -2.46 -11.11
C GLY C 68 35.60 -1.36 -10.09
N ASN C 69 34.71 -1.65 -9.16
CA ASN C 69 34.36 -0.70 -8.12
C ASN C 69 34.25 -1.42 -6.79
N PRO C 70 35.08 -0.97 -5.81
CA PRO C 70 35.09 -1.57 -4.49
C PRO C 70 33.86 -1.13 -3.68
N GLY C 71 32.90 -2.03 -3.59
CA GLY C 71 31.67 -1.75 -2.87
C GLY C 71 30.48 -2.52 -3.45
N LYS C 72 29.81 -1.87 -4.38
CA LYS C 72 28.66 -2.49 -5.03
C LYS C 72 28.65 -2.10 -6.52
N GLY C 73 29.76 -2.42 -7.19
CA GLY C 73 29.89 -2.11 -8.60
C GLY C 73 30.22 -3.37 -9.40
N ASN C 74 29.24 -3.82 -10.16
CA ASN C 74 29.42 -5.02 -10.98
C ASN C 74 28.84 -4.76 -12.38
N TYR C 75 28.73 -5.83 -13.14
CA TYR C 75 28.19 -5.74 -14.48
C TYR C 75 27.30 -6.95 -14.81
N TRP C 76 26.25 -6.67 -15.56
CA TRP C 76 25.32 -7.72 -15.95
C TRP C 76 25.08 -7.61 -17.46
N THR C 77 24.93 -8.76 -18.08
CA THR C 77 24.70 -8.82 -19.52
C THR C 77 23.53 -9.76 -19.85
N LEU C 78 22.59 -9.23 -20.61
CA LEU C 78 21.43 -10.00 -21.00
C LEU C 78 21.42 -10.18 -22.53
N ASP C 79 20.75 -11.24 -22.96
CA ASP C 79 20.66 -11.53 -24.38
C ASP C 79 19.70 -10.53 -25.04
N PRO C 80 20.00 -10.22 -26.32
CA PRO C 80 19.18 -9.28 -27.08
C PRO C 80 17.86 -9.93 -27.50
N GLN C 81 16.92 -9.98 -26.56
CA GLN C 81 15.62 -10.57 -26.82
C GLN C 81 14.83 -10.71 -25.53
N SER C 82 14.94 -9.69 -24.69
CA SER C 82 14.25 -9.69 -23.42
C SER C 82 12.75 -9.41 -23.64
N GLU C 83 12.48 -8.28 -24.26
CA GLU C 83 11.10 -7.89 -24.53
C GLU C 83 10.34 -9.06 -25.18
N ASP C 84 11.09 -9.87 -25.92
CA ASP C 84 10.50 -11.02 -26.60
C ASP C 84 10.26 -12.13 -25.58
N MET C 85 11.23 -12.30 -24.70
CA MET C 85 11.15 -13.34 -23.68
C MET C 85 9.93 -13.12 -22.79
N PHE C 86 9.75 -11.88 -22.36
CA PHE C 86 8.63 -11.53 -21.51
C PHE C 86 7.32 -11.51 -22.32
N ASP C 87 7.38 -10.87 -23.47
CA ASP C 87 6.21 -10.76 -24.33
C ASP C 87 5.72 -12.16 -24.68
N ASN C 88 6.67 -13.04 -24.98
CA ASN C 88 6.35 -14.41 -25.33
C ASN C 88 5.23 -14.91 -24.42
N GLY C 89 4.18 -15.43 -25.04
CA GLY C 89 3.03 -15.94 -24.31
C GLY C 89 3.36 -17.30 -23.67
N SER C 90 4.44 -17.31 -22.91
CA SER C 90 4.87 -18.54 -22.24
C SER C 90 5.58 -18.19 -20.93
N PHE C 91 6.46 -17.20 -21.02
CA PHE C 91 7.21 -16.78 -19.85
C PHE C 91 6.53 -15.58 -19.17
N LEU C 92 5.24 -15.46 -19.42
CA LEU C 92 4.46 -14.37 -18.83
C LEU C 92 4.25 -14.65 -17.35
N ARG C 93 3.99 -13.57 -16.62
CA ARG C 93 3.76 -13.69 -15.19
C ARG C 93 2.28 -14.00 -14.91
N ARG C 94 1.81 -15.07 -15.52
CA ARG C 94 0.43 -15.47 -15.35
C ARG C 94 -0.51 -14.50 -16.06
N ARG C 95 0.09 -13.45 -16.61
CA ARG C 95 -0.68 -12.44 -17.31
C ARG C 95 -2.09 -12.34 -16.74
N LYS C 96 -2.16 -12.39 -15.42
CA LYS C 96 -3.43 -12.31 -14.73
C LYS C 96 -3.20 -12.22 -13.22
N ARG C 97 -2.92 -13.38 -12.64
CA ARG C 97 -2.67 -13.46 -11.20
C ARG C 97 -3.55 -12.45 -10.46
N VAL C 1 3.81 -1.90 2.67
CA VAL C 1 4.08 -3.30 2.96
C VAL C 1 5.52 -3.64 2.53
N LYS C 2 6.00 -2.90 1.54
CA LYS C 2 7.34 -3.09 1.03
C LYS C 2 8.11 -1.77 1.08
N PRO C 3 9.46 -1.89 1.12
CA PRO C 3 10.31 -0.70 1.17
C PRO C 3 10.37 -0.03 -0.20
N PRO C 4 10.93 1.21 -0.19
CA PRO C 4 11.06 1.98 -1.42
C PRO C 4 12.20 1.44 -2.29
N TYR C 5 12.29 0.12 -2.33
CA TYR C 5 13.33 -0.53 -3.10
C TYR C 5 12.77 -1.07 -4.42
N SER C 6 13.62 -1.04 -5.44
CA SER C 6 13.22 -1.51 -6.76
C SER C 6 13.56 -3.00 -6.89
N TYR C 7 13.24 -3.54 -8.06
CA TYR C 7 13.50 -4.94 -8.34
C TYR C 7 14.96 -5.16 -8.74
N ILE C 8 15.57 -4.10 -9.23
CA ILE C 8 16.97 -4.15 -9.65
C ILE C 8 17.76 -4.98 -8.63
N ALA C 9 17.41 -4.78 -7.36
CA ALA C 9 18.08 -5.50 -6.29
C ALA C 9 17.87 -6.99 -6.47
N LEU C 10 16.60 -7.36 -6.61
CA LEU C 10 16.25 -8.76 -6.78
C LEU C 10 16.91 -9.31 -8.05
N ILE C 11 17.03 -8.43 -9.03
CA ILE C 11 17.65 -8.80 -10.30
C ILE C 11 19.12 -9.14 -10.06
N THR C 12 19.85 -8.15 -9.57
CA THR C 12 21.26 -8.33 -9.29
C THR C 12 21.50 -9.65 -8.56
N MET C 13 20.57 -9.97 -7.68
CA MET C 13 20.66 -11.19 -6.90
C MET C 13 20.23 -12.41 -7.73
N ALA C 14 19.32 -12.14 -8.67
CA ALA C 14 18.81 -13.19 -9.53
C ALA C 14 19.94 -13.68 -10.45
N ILE C 15 20.78 -12.74 -10.84
CA ILE C 15 21.90 -13.05 -11.72
C ILE C 15 23.07 -13.57 -10.89
N LEU C 16 23.36 -12.84 -9.83
CA LEU C 16 24.46 -13.22 -8.94
C LEU C 16 24.22 -14.64 -8.43
N GLN C 17 23.03 -14.87 -7.91
CA GLN C 17 22.66 -16.17 -7.39
C GLN C 17 23.05 -17.27 -8.39
N SER C 18 23.04 -16.88 -9.66
CA SER C 18 23.39 -17.83 -10.72
C SER C 18 24.62 -17.33 -11.47
N PRO C 19 25.81 -17.51 -10.82
CA PRO C 19 27.06 -17.09 -11.42
C PRO C 19 27.50 -18.05 -12.52
N GLN C 20 26.62 -19.00 -12.81
CA GLN C 20 26.90 -19.98 -13.84
C GLN C 20 26.64 -19.40 -15.22
N LYS C 21 26.03 -18.22 -15.22
CA LYS C 21 25.72 -17.54 -16.47
C LYS C 21 24.65 -18.33 -17.22
N LYS C 22 23.52 -18.52 -16.56
CA LYS C 22 22.42 -19.26 -17.16
C LYS C 22 21.26 -19.32 -16.16
N LEU C 23 20.23 -18.53 -16.44
CA LEU C 23 19.06 -18.49 -15.58
C LEU C 23 17.81 -18.38 -16.45
N THR C 24 16.68 -18.74 -15.84
CA THR C 24 15.41 -18.68 -16.54
C THR C 24 14.48 -17.65 -15.89
N LEU C 25 14.06 -16.69 -16.69
CA LEU C 25 13.17 -15.65 -16.21
C LEU C 25 12.04 -16.28 -15.40
N SER C 26 11.49 -17.35 -15.94
CA SER C 26 10.41 -18.06 -15.28
C SER C 26 10.85 -18.48 -13.87
N GLY C 27 11.94 -19.24 -13.83
CA GLY C 27 12.47 -19.72 -12.56
C GLY C 27 12.75 -18.56 -11.62
N ILE C 28 13.19 -17.45 -12.20
CA ILE C 28 13.51 -16.27 -11.42
C ILE C 28 12.23 -15.73 -10.77
N CYS C 29 11.21 -15.56 -11.59
CA CYS C 29 9.94 -15.06 -11.11
C CYS C 29 9.52 -15.89 -9.90
N GLU C 30 9.67 -17.21 -10.04
CA GLU C 30 9.32 -18.11 -8.95
C GLU C 30 10.22 -17.88 -7.75
N PHE C 31 11.47 -17.52 -8.05
CA PHE C 31 12.44 -17.27 -7.00
C PHE C 31 12.15 -15.96 -6.28
N ILE C 32 11.44 -15.07 -6.97
CA ILE C 32 11.08 -13.79 -6.41
C ILE C 32 9.92 -13.97 -5.43
N SER C 33 8.83 -14.51 -5.96
CA SER C 33 7.64 -14.75 -5.16
C SER C 33 8.00 -15.58 -3.93
N ASN C 34 8.75 -16.64 -4.17
CA ASN C 34 9.17 -17.52 -3.10
C ASN C 34 9.78 -16.69 -1.96
N ARG C 35 10.63 -15.76 -2.35
CA ARG C 35 11.29 -14.89 -1.40
C ARG C 35 10.28 -13.96 -0.73
N PHE C 36 9.50 -13.29 -1.57
CA PHE C 36 8.48 -12.38 -1.09
C PHE C 36 7.11 -12.74 -1.65
N PRO C 37 6.30 -13.41 -0.79
CA PRO C 37 4.96 -13.81 -1.19
C PRO C 37 4.00 -12.62 -1.20
N TYR C 38 4.03 -11.87 -0.11
CA TYR C 38 3.17 -10.71 0.02
C TYR C 38 3.40 -9.74 -1.14
N TYR C 39 4.66 -9.63 -1.54
CA TYR C 39 5.01 -8.74 -2.64
C TYR C 39 4.17 -9.04 -3.88
N ARG C 40 3.97 -10.33 -4.13
CA ARG C 40 3.20 -10.76 -5.28
C ARG C 40 1.70 -10.67 -4.97
N GLU C 41 1.37 -10.95 -3.72
CA GLU C 41 -0.02 -10.90 -3.28
C GLU C 41 -0.50 -9.44 -3.21
N LYS C 42 0.45 -8.53 -3.31
CA LYS C 42 0.13 -7.11 -3.26
C LYS C 42 0.25 -6.52 -4.67
N PHE C 43 1.20 -7.03 -5.43
CA PHE C 43 1.42 -6.56 -6.78
C PHE C 43 1.78 -7.72 -7.71
N PRO C 44 0.77 -8.61 -7.94
CA PRO C 44 0.97 -9.76 -8.81
C PRO C 44 0.99 -9.34 -10.28
N ALA C 45 2.07 -8.69 -10.66
CA ALA C 45 2.23 -8.24 -12.03
C ALA C 45 3.58 -7.55 -12.18
N TRP C 46 4.63 -8.33 -11.96
CA TRP C 46 5.98 -7.81 -12.07
C TRP C 46 6.65 -8.48 -13.28
N GLN C 47 5.80 -8.98 -14.17
CA GLN C 47 6.30 -9.64 -15.37
C GLN C 47 7.25 -8.72 -16.14
N ASN C 48 6.70 -7.60 -16.60
CA ASN C 48 7.49 -6.64 -17.34
C ASN C 48 8.34 -5.81 -16.36
N SER C 49 7.82 -5.69 -15.15
CA SER C 49 8.52 -4.93 -14.12
C SER C 49 9.89 -5.55 -13.86
N ILE C 50 9.87 -6.83 -13.54
CA ILE C 50 11.12 -7.55 -13.26
C ILE C 50 11.91 -7.69 -14.55
N ARG C 51 11.23 -8.16 -15.59
CA ARG C 51 11.87 -8.34 -16.89
C ARG C 51 12.62 -7.08 -17.29
N HIS C 52 11.91 -5.96 -17.23
CA HIS C 52 12.50 -4.68 -17.58
C HIS C 52 13.77 -4.45 -16.76
N ASN C 53 13.59 -4.46 -15.45
CA ASN C 53 14.70 -4.25 -14.54
C ASN C 53 15.74 -5.36 -14.75
N LEU C 54 15.32 -6.39 -15.47
CA LEU C 54 16.20 -7.51 -15.75
C LEU C 54 17.08 -7.18 -16.94
N SER C 55 16.43 -6.91 -18.07
CA SER C 55 17.16 -6.57 -19.29
C SER C 55 17.72 -5.16 -19.19
N LEU C 56 16.82 -4.23 -18.84
CA LEU C 56 17.22 -2.83 -18.72
C LEU C 56 18.07 -2.66 -17.46
N ASN C 57 19.26 -3.26 -17.50
CA ASN C 57 20.17 -3.18 -16.38
C ASN C 57 21.33 -4.16 -16.60
N ASP C 58 20.95 -5.42 -16.81
CA ASP C 58 21.95 -6.46 -17.04
C ASP C 58 22.50 -6.33 -18.45
N CYS C 59 21.59 -6.14 -19.39
CA CYS C 59 21.98 -6.01 -20.79
C CYS C 59 22.45 -7.36 -21.29
N PHE C 60 21.55 -8.34 -21.24
CA PHE C 60 21.86 -9.68 -21.69
C PHE C 60 20.92 -10.12 -22.80
N VAL C 61 20.89 -11.43 -23.04
CA VAL C 61 20.04 -11.99 -24.06
C VAL C 61 19.03 -12.93 -23.41
N LYS C 62 17.87 -13.06 -24.06
CA LYS C 62 16.82 -13.92 -23.57
C LYS C 62 16.19 -14.68 -24.73
N ILE C 63 15.51 -15.77 -24.39
CA ILE C 63 14.86 -16.58 -25.40
C ILE C 63 13.35 -16.56 -25.18
N PRO C 64 12.60 -16.37 -26.30
CA PRO C 64 11.15 -16.32 -26.23
C PRO C 64 10.57 -17.72 -26.04
N ARG C 65 9.27 -17.83 -26.31
CA ARG C 65 8.59 -19.10 -26.17
C ARG C 65 9.38 -20.21 -26.86
N GLU C 66 9.85 -21.14 -26.05
CA GLU C 66 10.63 -22.26 -26.56
C GLU C 66 9.74 -23.50 -26.73
N PRO C 67 10.09 -24.33 -27.73
CA PRO C 67 9.35 -25.55 -28.00
C PRO C 67 9.64 -26.62 -26.95
N GLY C 68 10.77 -26.45 -26.27
CA GLY C 68 11.18 -27.40 -25.25
C GLY C 68 10.18 -27.42 -24.10
N ASN C 69 10.03 -26.26 -23.46
CA ASN C 69 9.12 -26.13 -22.35
C ASN C 69 8.42 -24.77 -22.42
N PRO C 70 7.15 -24.80 -22.91
CA PRO C 70 6.36 -23.59 -23.05
C PRO C 70 5.86 -23.12 -21.68
N GLY C 71 4.62 -23.50 -21.39
CA GLY C 71 4.00 -23.13 -20.13
C GLY C 71 4.70 -21.92 -19.51
N LYS C 72 5.69 -22.21 -18.67
CA LYS C 72 6.44 -21.16 -18.01
C LYS C 72 7.93 -21.53 -17.98
N GLY C 73 8.38 -22.08 -19.10
CA GLY C 73 9.76 -22.50 -19.22
C GLY C 73 10.50 -21.65 -20.27
N ASN C 74 11.56 -21.01 -19.82
CA ASN C 74 12.35 -20.17 -20.71
C ASN C 74 13.82 -20.18 -20.24
N TYR C 75 14.67 -19.58 -21.06
CA TYR C 75 16.09 -19.51 -20.75
C TYR C 75 16.63 -18.10 -20.97
N TRP C 76 17.49 -17.68 -20.04
CA TRP C 76 18.09 -16.36 -20.12
C TRP C 76 19.60 -16.51 -19.96
N THR C 77 20.33 -15.84 -20.84
CA THR C 77 21.78 -15.89 -20.81
C THR C 77 22.36 -14.50 -20.53
N LEU C 78 23.25 -14.45 -19.55
CA LEU C 78 23.88 -13.20 -19.18
C LEU C 78 25.38 -13.28 -19.47
N ASP C 79 25.96 -12.12 -19.74
CA ASP C 79 27.39 -12.05 -20.03
C ASP C 79 28.18 -12.22 -18.73
N PRO C 80 29.39 -12.83 -18.88
CA PRO C 80 30.25 -13.06 -17.73
C PRO C 80 30.93 -11.76 -17.28
N GLN C 81 30.20 -11.01 -16.45
CA GLN C 81 30.71 -9.75 -15.95
C GLN C 81 29.61 -8.99 -15.21
N SER C 82 28.78 -9.74 -14.50
CA SER C 82 27.68 -9.15 -13.76
C SER C 82 28.20 -8.62 -12.42
N GLU C 83 28.87 -9.49 -11.69
CA GLU C 83 29.42 -9.12 -10.39
C GLU C 83 30.30 -7.88 -10.52
N ASP C 84 30.85 -7.71 -11.71
CA ASP C 84 31.73 -6.58 -11.98
C ASP C 84 30.91 -5.29 -11.87
N MET C 85 29.70 -5.34 -12.39
CA MET C 85 28.81 -4.19 -12.35
C MET C 85 28.54 -3.75 -10.91
N PHE C 86 28.12 -4.70 -10.11
CA PHE C 86 27.82 -4.43 -8.71
C PHE C 86 29.09 -4.07 -7.94
N ASP C 87 30.20 -4.61 -8.42
CA ASP C 87 31.48 -4.34 -7.78
C ASP C 87 31.70 -2.84 -7.68
N ASN C 88 31.34 -2.15 -8.74
CA ASN C 88 31.49 -0.70 -8.78
C ASN C 88 31.04 -0.11 -7.45
N GLY C 89 29.82 -0.46 -7.07
CA GLY C 89 29.26 0.03 -5.81
C GLY C 89 29.83 -0.73 -4.62
N SER C 90 28.97 -0.98 -3.65
CA SER C 90 29.38 -1.70 -2.45
C SER C 90 28.15 -2.08 -1.62
N PHE C 91 27.15 -2.62 -2.30
CA PHE C 91 25.92 -3.03 -1.65
C PHE C 91 25.29 -1.86 -0.90
N LEU C 92 25.22 -0.72 -1.60
CA LEU C 92 24.64 0.47 -1.01
C LEU C 92 23.40 0.87 -1.81
N ARG C 93 22.36 1.27 -1.09
CA ARG C 93 21.11 1.68 -1.71
C ARG C 93 21.28 3.04 -2.39
N ARG C 94 21.30 3.00 -3.71
CA ARG C 94 21.46 4.22 -4.50
C ARG C 94 22.88 4.75 -4.37
N ARG C 95 23.81 4.06 -5.00
CA ARG C 95 25.21 4.46 -4.96
C ARG C 95 25.96 3.87 -6.16
N LYS C 96 25.69 4.43 -7.33
CA LYS C 96 26.33 3.98 -8.54
C LYS C 96 25.83 2.58 -8.89
N ARG C 97 24.54 2.50 -9.18
CA ARG C 97 23.92 1.22 -9.52
C ARG C 97 23.65 1.17 -11.03
N VAL C 1 3.81 -1.90 2.67
CA VAL C 1 4.08 -3.30 2.96
C VAL C 1 2.82 -3.96 3.50
N LYS C 2 1.77 -3.94 2.68
CA LYS C 2 0.50 -4.53 3.06
C LYS C 2 -0.53 -4.29 1.96
N PRO C 3 -1.73 -4.88 2.15
CA PRO C 3 -2.80 -4.74 1.18
C PRO C 3 -3.44 -3.35 1.28
N PRO C 4 -3.36 -2.60 0.15
CA PRO C 4 -3.93 -1.26 0.10
C PRO C 4 -5.45 -1.32 -0.01
N TYR C 5 -6.08 -0.28 0.50
CA TYR C 5 -7.53 -0.19 0.48
C TYR C 5 -7.99 1.07 -0.26
N SER C 6 -9.25 1.05 -0.68
CA SER C 6 -9.82 2.17 -1.39
C SER C 6 -9.95 3.38 -0.45
N TYR C 7 -9.17 4.41 -0.77
CA TYR C 7 -9.19 5.62 0.03
C TYR C 7 -10.60 6.20 0.14
N ILE C 8 -11.33 6.09 -0.96
CA ILE C 8 -12.70 6.59 -1.01
C ILE C 8 -13.39 6.28 0.32
N ALA C 9 -13.06 5.12 0.86
CA ALA C 9 -13.66 4.69 2.12
C ALA C 9 -12.89 5.34 3.27
N LEU C 10 -11.58 5.12 3.28
CA LEU C 10 -10.73 5.67 4.32
C LEU C 10 -11.07 7.14 4.52
N ILE C 11 -11.46 7.79 3.43
CA ILE C 11 -11.81 9.20 3.48
C ILE C 11 -13.24 9.34 4.01
N THR C 12 -14.11 8.49 3.49
CA THR C 12 -15.51 8.51 3.91
C THR C 12 -15.61 8.61 5.43
N MET C 13 -14.80 7.82 6.11
CA MET C 13 -14.79 7.82 7.56
C MET C 13 -13.93 8.97 8.11
N ALA C 14 -12.84 9.23 7.41
CA ALA C 14 -11.94 10.29 7.81
C ALA C 14 -12.71 11.60 7.91
N ILE C 15 -13.72 11.73 7.05
CA ILE C 15 -14.54 12.92 7.03
C ILE C 15 -15.67 12.78 8.05
N LEU C 16 -16.37 11.66 7.96
CA LEU C 16 -17.47 11.39 8.87
C LEU C 16 -16.97 11.47 10.31
N GLN C 17 -15.79 10.92 10.51
CA GLN C 17 -15.18 10.93 11.83
C GLN C 17 -15.44 12.27 12.54
N SER C 18 -15.40 13.32 11.74
CA SER C 18 -15.63 14.66 12.27
C SER C 18 -17.11 14.86 12.56
N PRO C 19 -17.43 14.99 13.88
CA PRO C 19 -18.80 15.19 14.31
C PRO C 19 -19.26 16.62 14.02
N GLN C 20 -18.35 17.40 13.45
CA GLN C 20 -18.65 18.78 13.12
C GLN C 20 -18.47 19.02 11.62
N LYS C 21 -18.50 17.92 10.87
CA LYS C 21 -18.34 18.00 9.43
C LYS C 21 -17.36 19.12 9.09
N LYS C 22 -16.18 19.04 9.69
CA LYS C 22 -15.15 20.04 9.46
C LYS C 22 -13.80 19.50 9.96
N LEU C 23 -12.78 19.71 9.15
CA LEU C 23 -11.45 19.25 9.49
C LEU C 23 -10.43 19.83 8.50
N THR C 24 -9.18 19.44 8.68
CA THR C 24 -8.12 19.92 7.81
C THR C 24 -7.49 18.75 7.05
N LEU C 25 -7.27 18.97 5.76
CA LEU C 25 -6.67 17.95 4.93
C LEU C 25 -5.42 17.40 5.61
N SER C 26 -4.60 18.32 6.10
CA SER C 26 -3.37 17.95 6.79
C SER C 26 -3.66 16.85 7.81
N GLY C 27 -4.66 17.12 8.64
CA GLY C 27 -5.05 16.16 9.67
C GLY C 27 -5.39 14.80 9.07
N ILE C 28 -5.84 14.84 7.82
CA ILE C 28 -6.20 13.62 7.12
C ILE C 28 -4.94 12.84 6.76
N CYS C 29 -3.99 13.56 6.16
CA CYS C 29 -2.73 12.94 5.77
C CYS C 29 -2.17 12.19 6.97
N GLU C 30 -2.25 12.83 8.13
CA GLU C 30 -1.76 12.23 9.36
C GLU C 30 -2.68 11.09 9.80
N PHE C 31 -3.96 11.31 9.60
CA PHE C 31 -4.96 10.31 9.98
C PHE C 31 -4.76 9.01 9.19
N ILE C 32 -4.26 9.16 7.98
CA ILE C 32 -4.01 8.01 7.13
C ILE C 32 -2.67 7.39 7.49
N SER C 33 -1.68 8.25 7.66
CA SER C 33 -0.35 7.80 8.02
C SER C 33 -0.39 7.02 9.33
N ASN C 34 -0.92 7.68 10.36
CA ASN C 34 -1.02 7.06 11.67
C ASN C 34 -1.64 5.68 11.54
N ARG C 35 -2.55 5.57 10.57
CA ARG C 35 -3.23 4.30 10.33
C ARG C 35 -2.27 3.31 9.66
N PHE C 36 -1.66 3.75 8.57
CA PHE C 36 -0.73 2.92 7.84
C PHE C 36 0.69 3.52 7.87
N PRO C 37 1.64 2.70 8.39
CA PRO C 37 3.02 3.14 8.48
C PRO C 37 3.70 3.12 7.11
N TYR C 38 3.45 2.04 6.38
CA TYR C 38 4.03 1.88 5.07
C TYR C 38 3.69 3.08 4.16
N TYR C 39 2.47 3.58 4.35
CA TYR C 39 2.02 4.73 3.56
C TYR C 39 2.86 5.97 3.87
N ARG C 40 3.17 6.13 5.15
CA ARG C 40 3.96 7.27 5.59
C ARG C 40 5.43 7.06 5.22
N GLU C 41 5.80 5.80 5.07
CA GLU C 41 7.17 5.45 4.72
C GLU C 41 7.48 5.87 3.29
N LYS C 42 6.68 5.34 2.36
CA LYS C 42 6.86 5.64 0.96
C LYS C 42 6.46 7.09 0.70
N PHE C 43 5.23 7.41 1.08
CA PHE C 43 4.72 8.77 0.89
C PHE C 43 5.33 9.42 -0.34
N PRO C 44 5.02 8.83 -1.53
CA PRO C 44 5.52 9.35 -2.79
C PRO C 44 4.80 10.63 -3.19
N ALA C 45 3.59 10.78 -2.65
CA ALA C 45 2.79 11.95 -2.95
C ALA C 45 1.41 11.79 -2.31
N TRP C 46 1.43 11.53 -1.01
CA TRP C 46 0.18 11.35 -0.27
C TRP C 46 -0.51 12.72 -0.17
N GLN C 47 0.17 13.72 -0.69
CA GLN C 47 -0.36 15.08 -0.68
C GLN C 47 -1.59 15.18 -1.59
N ASN C 48 -1.31 15.22 -2.89
CA ASN C 48 -2.38 15.31 -3.87
C ASN C 48 -3.08 13.95 -3.99
N SER C 49 -2.31 12.91 -3.73
CA SER C 49 -2.83 11.56 -3.80
C SER C 49 -4.05 11.41 -2.88
N ILE C 50 -3.81 11.69 -1.60
CA ILE C 50 -4.87 11.59 -0.60
C ILE C 50 -5.95 12.63 -0.92
N ARG C 51 -5.51 13.88 -1.04
CA ARG C 51 -6.42 14.97 -1.34
C ARG C 51 -7.31 14.60 -2.52
N HIS C 52 -6.72 13.93 -3.49
CA HIS C 52 -7.44 13.52 -4.68
C HIS C 52 -8.58 12.58 -4.29
N ASN C 53 -8.20 11.50 -3.60
CA ASN C 53 -9.18 10.52 -3.17
C ASN C 53 -10.05 11.13 -2.06
N LEU C 54 -9.65 12.30 -1.62
CA LEU C 54 -10.37 13.00 -0.57
C LEU C 54 -11.54 13.77 -1.19
N SER C 55 -11.21 14.65 -2.12
CA SER C 55 -12.21 15.45 -2.79
C SER C 55 -12.85 14.64 -3.93
N LEU C 56 -11.99 14.04 -4.74
CA LEU C 56 -12.45 13.24 -5.86
C LEU C 56 -13.13 11.98 -5.34
N ASN C 57 -14.37 12.14 -4.92
CA ASN C 57 -15.14 11.03 -4.39
C ASN C 57 -16.30 11.56 -3.55
N ASP C 58 -15.97 12.47 -2.65
CA ASP C 58 -16.98 13.07 -1.79
C ASP C 58 -17.73 14.16 -2.56
N CYS C 59 -16.99 15.19 -2.91
CA CYS C 59 -17.57 16.30 -3.65
C CYS C 59 -17.96 17.39 -2.65
N PHE C 60 -16.98 17.83 -1.88
CA PHE C 60 -17.21 18.87 -0.90
C PHE C 60 -16.38 20.12 -1.20
N VAL C 61 -16.25 20.96 -0.19
CA VAL C 61 -15.49 22.19 -0.33
C VAL C 61 -14.32 22.18 0.64
N LYS C 62 -13.27 22.92 0.27
CA LYS C 62 -12.09 23.01 1.11
C LYS C 62 -11.58 24.45 1.13
N ILE C 63 -10.50 24.65 1.87
CA ILE C 63 -9.91 25.97 1.97
C ILE C 63 -8.48 25.94 1.46
N PRO C 64 -8.23 26.73 0.39
CA PRO C 64 -6.91 26.80 -0.22
C PRO C 64 -5.95 27.62 0.65
N ARG C 65 -4.77 27.87 0.11
CA ARG C 65 -3.76 28.63 0.81
C ARG C 65 -4.37 29.91 1.39
N GLU C 66 -4.84 29.80 2.62
CA GLU C 66 -5.45 30.93 3.30
C GLU C 66 -4.58 31.37 4.48
N PRO C 67 -4.90 32.58 5.00
CA PRO C 67 -4.15 33.13 6.14
C PRO C 67 -4.54 32.43 7.44
N GLY C 68 -4.34 31.11 7.45
CA GLY C 68 -4.66 30.32 8.62
C GLY C 68 -3.40 30.00 9.43
N ASN C 69 -2.63 29.06 8.90
CA ASN C 69 -1.40 28.66 9.57
C ASN C 69 -0.30 28.44 8.52
N PRO C 70 0.83 29.15 8.71
CA PRO C 70 1.96 29.05 7.80
C PRO C 70 2.71 27.73 8.00
N GLY C 71 2.45 26.79 7.09
CA GLY C 71 3.09 25.50 7.16
C GLY C 71 2.24 24.43 6.49
N LYS C 72 1.42 23.76 7.31
CA LYS C 72 0.55 22.72 6.81
C LYS C 72 -0.78 22.77 7.56
N GLY C 73 -1.41 23.94 7.52
CA GLY C 73 -2.67 24.13 8.20
C GLY C 73 -3.70 24.78 7.26
N ASN C 74 -4.91 24.25 7.31
CA ASN C 74 -5.99 24.76 6.47
C ASN C 74 -7.33 24.31 7.04
N TYR C 75 -8.36 24.46 6.22
CA TYR C 75 -9.70 24.06 6.63
C TYR C 75 -10.41 23.29 5.52
N TRP C 76 -11.21 22.32 5.93
CA TRP C 76 -11.94 21.50 4.99
C TRP C 76 -13.36 21.31 5.54
N THR C 77 -14.32 21.31 4.62
CA THR C 77 -15.72 21.15 4.98
C THR C 77 -16.44 20.27 3.96
N LEU C 78 -17.26 19.37 4.47
CA LEU C 78 -18.01 18.47 3.62
C LEU C 78 -19.51 18.68 3.86
N ASP C 79 -20.28 18.50 2.79
CA ASP C 79 -21.72 18.67 2.87
C ASP C 79 -22.36 17.31 3.18
N PRO C 80 -23.65 17.37 3.62
CA PRO C 80 -24.39 16.16 3.95
C PRO C 80 -24.82 15.42 2.69
N GLN C 81 -23.83 15.14 1.85
CA GLN C 81 -24.09 14.43 0.61
C GLN C 81 -23.27 13.14 0.55
N SER C 82 -22.04 13.23 1.02
CA SER C 82 -21.15 12.09 1.02
C SER C 82 -21.82 10.90 1.72
N GLU C 83 -22.47 11.21 2.84
CA GLU C 83 -23.17 10.18 3.60
C GLU C 83 -24.19 9.47 2.72
N ASP C 84 -25.05 10.26 2.10
CA ASP C 84 -26.09 9.72 1.23
C ASP C 84 -25.43 8.98 0.07
N MET C 85 -24.32 9.53 -0.41
CA MET C 85 -23.60 8.93 -1.50
C MET C 85 -23.11 7.52 -1.15
N PHE C 86 -22.61 7.39 0.07
CA PHE C 86 -22.11 6.12 0.55
C PHE C 86 -23.26 5.12 0.74
N ASP C 87 -24.25 5.56 1.49
CA ASP C 87 -25.41 4.72 1.76
C ASP C 87 -26.01 4.26 0.43
N ASN C 88 -26.23 5.23 -0.45
CA ASN C 88 -26.80 4.94 -1.75
C ASN C 88 -26.08 3.73 -2.37
N GLY C 89 -24.76 3.80 -2.35
CA GLY C 89 -23.94 2.74 -2.90
C GLY C 89 -23.98 1.50 -2.00
N SER C 90 -23.61 1.71 -0.74
CA SER C 90 -23.61 0.62 0.22
C SER C 90 -22.68 -0.49 -0.26
N PHE C 91 -21.50 -0.09 -0.70
CA PHE C 91 -20.51 -1.05 -1.19
C PHE C 91 -19.13 -0.76 -0.60
N LEU C 92 -18.79 0.52 -0.56
CA LEU C 92 -17.51 0.94 -0.02
C LEU C 92 -16.40 0.54 -1.00
N ARG C 93 -16.17 -0.76 -1.08
CA ARG C 93 -15.14 -1.29 -1.97
C ARG C 93 -15.58 -1.12 -3.43
N ARG C 94 -15.05 -2.00 -4.27
CA ARG C 94 -15.37 -1.97 -5.69
C ARG C 94 -16.18 -3.20 -6.08
N ARG C 95 -17.09 -3.57 -5.20
CA ARG C 95 -17.94 -4.72 -5.44
C ARG C 95 -18.35 -4.78 -6.91
N LYS C 96 -18.77 -3.63 -7.42
CA LYS C 96 -19.19 -3.54 -8.81
C LYS C 96 -18.02 -3.91 -9.72
N ARG C 97 -16.99 -3.08 -9.68
CA ARG C 97 -15.81 -3.32 -10.49
C ARG C 97 -15.58 -4.81 -10.67
N VAL C 1 3.81 -1.90 2.67
CA VAL C 1 4.08 -3.30 2.96
C VAL C 1 2.81 -4.12 2.75
N LYS C 2 1.68 -3.43 2.84
CA LYS C 2 0.39 -4.08 2.67
C LYS C 2 -0.72 -3.02 2.72
N PRO C 3 -1.97 -3.49 2.47
CA PRO C 3 -3.11 -2.60 2.49
C PRO C 3 -3.50 -2.24 3.93
N PRO C 4 -3.93 -0.96 4.11
CA PRO C 4 -4.33 -0.47 5.42
C PRO C 4 -5.71 -1.02 5.81
N TYR C 5 -5.81 -1.44 7.06
CA TYR C 5 -7.05 -1.98 7.57
C TYR C 5 -8.11 -0.88 7.73
N SER C 6 -9.25 -1.28 8.28
CA SER C 6 -10.34 -0.35 8.49
C SER C 6 -9.96 0.66 9.57
N TYR C 7 -9.73 1.89 9.14
CA TYR C 7 -9.37 2.96 10.05
C TYR C 7 -10.36 3.05 11.21
N ILE C 8 -11.60 2.71 10.91
CA ILE C 8 -12.65 2.75 11.92
C ILE C 8 -12.27 1.83 13.08
N ALA C 9 -11.64 0.72 12.73
CA ALA C 9 -11.23 -0.26 13.73
C ALA C 9 -10.09 0.34 14.58
N LEU C 10 -8.99 0.64 13.89
CA LEU C 10 -7.83 1.22 14.55
C LEU C 10 -8.28 2.39 15.43
N ILE C 11 -9.18 3.18 14.88
CA ILE C 11 -9.70 4.33 15.60
C ILE C 11 -10.48 3.86 16.83
N THR C 12 -11.37 2.90 16.60
CA THR C 12 -12.18 2.35 17.68
C THR C 12 -11.29 1.96 18.86
N MET C 13 -10.11 1.44 18.53
CA MET C 13 -9.17 1.03 19.56
C MET C 13 -8.41 2.23 20.12
N ALA C 14 -8.26 3.24 19.28
CA ALA C 14 -7.56 4.45 19.69
C ALA C 14 -8.43 5.24 20.68
N ILE C 15 -9.74 5.08 20.52
CA ILE C 15 -10.68 5.76 21.38
C ILE C 15 -10.94 4.92 22.63
N LEU C 16 -10.88 3.61 22.44
CA LEU C 16 -11.11 2.68 23.54
C LEU C 16 -9.86 2.65 24.42
N GLN C 17 -8.71 2.79 23.78
CA GLN C 17 -7.44 2.77 24.49
C GLN C 17 -7.47 3.78 25.65
N SER C 18 -8.12 4.90 25.39
CA SER C 18 -8.22 5.94 26.39
C SER C 18 -9.23 5.54 27.46
N PRO C 19 -8.71 5.27 28.69
CA PRO C 19 -9.55 4.87 29.80
C PRO C 19 -10.32 6.07 30.36
N GLN C 20 -10.03 7.23 29.81
CA GLN C 20 -10.68 8.46 30.24
C GLN C 20 -11.44 9.10 29.08
N LYS C 21 -11.89 8.24 28.16
CA LYS C 21 -12.62 8.71 27.01
C LYS C 21 -12.07 10.07 26.56
N LYS C 22 -10.79 10.07 26.21
CA LYS C 22 -10.14 11.28 25.78
C LYS C 22 -8.79 10.93 25.11
N LEU C 23 -8.53 11.60 24.00
CA LEU C 23 -7.29 11.36 23.27
C LEU C 23 -7.03 12.54 22.33
N THR C 24 -5.86 12.53 21.73
CA THR C 24 -5.47 13.59 20.81
C THR C 24 -5.15 13.00 19.43
N LEU C 25 -5.84 13.51 18.43
CA LEU C 25 -5.64 13.07 17.06
C LEU C 25 -4.14 12.98 16.78
N SER C 26 -3.42 13.99 17.25
CA SER C 26 -1.98 14.04 17.05
C SER C 26 -1.32 12.89 17.80
N GLY C 27 -1.56 12.85 19.11
CA GLY C 27 -0.99 11.82 19.95
C GLY C 27 -1.31 10.43 19.41
N ILE C 28 -2.50 10.31 18.83
CA ILE C 28 -2.93 9.05 18.28
C ILE C 28 -2.10 8.73 17.03
N CYS C 29 -1.94 9.74 16.18
CA CYS C 29 -1.17 9.58 14.96
C CYS C 29 0.20 9.01 15.33
N GLU C 30 0.70 9.45 16.47
CA GLU C 30 1.99 8.99 16.95
C GLU C 30 1.88 7.57 17.52
N PHE C 31 0.81 7.35 18.25
CA PHE C 31 0.56 6.05 18.86
C PHE C 31 0.46 4.96 17.79
N ILE C 32 0.00 5.37 16.62
CA ILE C 32 -0.15 4.45 15.51
C ILE C 32 1.21 4.26 14.82
N SER C 33 1.77 5.38 14.41
CA SER C 33 3.06 5.36 13.72
C SER C 33 4.02 4.43 14.46
N ASN C 34 3.87 4.38 15.78
CA ASN C 34 4.71 3.54 16.60
C ASN C 34 4.44 2.07 16.27
N ARG C 35 3.17 1.74 16.22
CA ARG C 35 2.76 0.38 15.90
C ARG C 35 3.14 0.02 14.47
N PHE C 36 2.63 0.82 13.54
CA PHE C 36 2.91 0.61 12.13
C PHE C 36 3.96 1.59 11.62
N PRO C 37 5.16 1.04 11.31
CA PRO C 37 6.25 1.85 10.81
C PRO C 37 6.02 2.26 9.35
N TYR C 38 5.71 1.25 8.55
CA TYR C 38 5.46 1.48 7.13
C TYR C 38 4.40 2.56 6.93
N TYR C 39 3.45 2.60 7.85
CA TYR C 39 2.37 3.57 7.79
C TYR C 39 2.93 5.00 7.85
N ARG C 40 3.92 5.17 8.70
CA ARG C 40 4.54 6.48 8.88
C ARG C 40 5.47 6.78 7.69
N GLU C 41 5.81 5.73 6.97
CA GLU C 41 6.68 5.87 5.82
C GLU C 41 5.93 6.54 4.66
N LYS C 42 4.76 5.99 4.37
CA LYS C 42 3.94 6.52 3.29
C LYS C 42 3.25 7.80 3.76
N PHE C 43 2.62 7.70 4.92
CA PHE C 43 1.92 8.83 5.50
C PHE C 43 1.67 9.92 4.45
N PRO C 44 0.85 9.55 3.42
CA PRO C 44 0.54 10.48 2.35
C PRO C 44 -0.46 11.54 2.82
N ALA C 45 -1.10 11.25 3.94
CA ALA C 45 -2.07 12.16 4.50
C ALA C 45 -2.83 11.45 5.64
N TRP C 46 -2.07 11.00 6.62
CA TRP C 46 -2.65 10.32 7.76
C TRP C 46 -3.26 11.37 8.69
N GLN C 47 -3.26 12.61 8.20
CA GLN C 47 -3.81 13.71 8.97
C GLN C 47 -5.34 13.71 8.88
N ASN C 48 -5.84 14.15 7.75
CA ASN C 48 -7.27 14.21 7.53
C ASN C 48 -7.79 12.79 7.27
N SER C 49 -6.91 11.95 6.75
CA SER C 49 -7.27 10.57 6.45
C SER C 49 -7.88 9.91 7.70
N ILE C 50 -7.11 9.92 8.77
CA ILE C 50 -7.56 9.32 10.02
C ILE C 50 -8.64 10.22 10.64
N ARG C 51 -8.33 11.52 10.69
CA ARG C 51 -9.25 12.49 11.25
C ARG C 51 -10.66 12.27 10.68
N HIS C 52 -10.70 11.89 9.42
CA HIS C 52 -11.97 11.65 8.74
C HIS C 52 -12.58 10.35 9.27
N ASN C 53 -11.80 9.29 9.17
CA ASN C 53 -12.26 7.98 9.62
C ASN C 53 -12.46 8.01 11.14
N LEU C 54 -11.98 9.10 11.74
CA LEU C 54 -12.10 9.25 13.19
C LEU C 54 -13.48 9.82 13.51
N SER C 55 -13.76 10.99 12.97
CA SER C 55 -15.04 11.64 13.20
C SER C 55 -16.13 10.97 12.36
N LEU C 56 -15.83 10.82 11.07
CA LEU C 56 -16.77 10.19 10.16
C LEU C 56 -16.80 8.68 10.41
N ASN C 57 -17.50 8.30 11.46
CA ASN C 57 -17.62 6.89 11.82
C ASN C 57 -17.98 6.78 13.31
N ASP C 58 -17.19 7.46 14.13
CA ASP C 58 -17.42 7.44 15.56
C ASP C 58 -18.65 8.28 15.89
N CYS C 59 -18.55 9.56 15.56
CA CYS C 59 -19.65 10.49 15.81
C CYS C 59 -19.43 11.13 17.18
N PHE C 60 -18.23 11.69 17.34
CA PHE C 60 -17.88 12.35 18.59
C PHE C 60 -17.50 13.81 18.35
N VAL C 61 -16.94 14.43 19.39
CA VAL C 61 -16.54 15.81 19.30
C VAL C 61 -15.03 15.91 19.57
N LYS C 62 -14.41 16.87 18.91
CA LYS C 62 -12.98 17.08 19.07
C LYS C 62 -12.72 18.54 19.44
N ILE C 63 -11.45 18.86 19.60
CA ILE C 63 -11.05 20.23 19.96
C ILE C 63 -10.16 20.80 18.85
N PRO C 64 -10.64 21.91 18.23
CA PRO C 64 -9.89 22.55 17.17
C PRO C 64 -8.71 23.34 17.74
N ARG C 65 -7.97 23.96 16.83
CA ARG C 65 -6.81 24.74 17.22
C ARG C 65 -7.10 25.52 18.50
N GLU C 66 -6.62 24.98 19.61
CA GLU C 66 -6.82 25.61 20.90
C GLU C 66 -5.47 25.86 21.59
N PRO C 67 -5.51 26.74 22.62
CA PRO C 67 -4.30 27.07 23.36
C PRO C 67 -3.90 25.93 24.31
N GLY C 68 -3.70 24.77 23.71
CA GLY C 68 -3.33 23.59 24.49
C GLY C 68 -1.81 23.44 24.54
N ASN C 69 -1.25 22.98 23.43
CA ASN C 69 0.19 22.79 23.35
C ASN C 69 0.69 23.33 22.00
N PRO C 70 1.87 24.00 22.05
CA PRO C 70 2.46 24.56 20.85
C PRO C 70 3.09 23.47 19.99
N GLY C 71 2.37 23.11 18.94
CA GLY C 71 2.85 22.09 18.02
C GLY C 71 1.69 21.20 17.55
N LYS C 72 1.32 20.24 18.40
CA LYS C 72 0.24 19.34 18.08
C LYS C 72 -0.59 19.09 19.34
N GLY C 73 -1.03 20.18 19.95
CA GLY C 73 -1.84 20.09 21.15
C GLY C 73 -3.33 20.17 20.82
N ASN C 74 -4.04 19.11 21.16
CA ASN C 74 -5.47 19.04 20.91
C ASN C 74 -6.08 17.91 21.73
N TYR C 75 -7.39 17.96 21.88
CA TYR C 75 -8.10 16.95 22.64
C TYR C 75 -9.29 16.40 21.84
N TRP C 76 -9.60 15.14 22.07
CA TRP C 76 -10.69 14.48 21.39
C TRP C 76 -11.50 13.70 22.42
N THR C 77 -12.81 13.94 22.40
CA THR C 77 -13.70 13.26 23.34
C THR C 77 -14.81 12.53 22.58
N LEU C 78 -15.03 11.29 22.97
CA LEU C 78 -16.05 10.47 22.34
C LEU C 78 -17.13 10.13 23.36
N ASP C 79 -18.31 9.82 22.85
CA ASP C 79 -19.43 9.48 23.72
C ASP C 79 -19.14 8.14 24.42
N PRO C 80 -19.64 8.03 25.67
CA PRO C 80 -19.44 6.82 26.46
C PRO C 80 -20.34 5.69 25.96
N GLN C 81 -19.92 5.09 24.86
CA GLN C 81 -20.67 4.00 24.27
C GLN C 81 -20.01 3.52 22.98
N SER C 82 -18.68 3.57 22.98
CA SER C 82 -17.92 3.14 21.82
C SER C 82 -17.77 1.62 21.81
N GLU C 83 -17.67 1.06 23.02
CA GLU C 83 -17.53 -0.38 23.16
C GLU C 83 -18.80 -1.09 22.67
N ASP C 84 -19.93 -0.64 23.20
CA ASP C 84 -21.21 -1.22 22.83
C ASP C 84 -21.39 -1.13 21.31
N MET C 85 -20.81 -0.07 20.74
CA MET C 85 -20.90 0.14 19.31
C MET C 85 -20.18 -0.97 18.55
N PHE C 86 -18.96 -1.24 18.98
CA PHE C 86 -18.15 -2.27 18.35
C PHE C 86 -18.75 -3.66 18.59
N ASP C 87 -18.98 -3.96 19.86
CA ASP C 87 -19.55 -5.25 20.22
C ASP C 87 -20.87 -5.46 19.47
N ASN C 88 -21.70 -4.43 19.52
CA ASN C 88 -23.00 -4.49 18.85
C ASN C 88 -22.81 -5.06 17.45
N GLY C 89 -21.85 -4.49 16.74
CA GLY C 89 -21.56 -4.92 15.38
C GLY C 89 -20.82 -6.25 15.38
N SER C 90 -19.70 -6.28 16.10
CA SER C 90 -18.89 -7.48 16.19
C SER C 90 -18.52 -7.96 14.79
N PHE C 91 -18.31 -7.01 13.90
CA PHE C 91 -17.96 -7.32 12.53
C PHE C 91 -16.61 -6.69 12.15
N LEU C 92 -16.34 -5.56 12.78
CA LEU C 92 -15.10 -4.84 12.51
C LEU C 92 -15.13 -4.25 11.10
N ARG C 93 -14.99 -5.14 10.13
CA ARG C 93 -15.01 -4.73 8.73
C ARG C 93 -14.84 -5.95 7.82
N ARG C 94 -15.34 -5.80 6.60
CA ARG C 94 -15.26 -6.88 5.63
C ARG C 94 -16.29 -7.96 5.93
N ARG C 95 -17.54 -7.61 5.72
CA ARG C 95 -18.64 -8.54 5.96
C ARG C 95 -19.73 -8.36 4.91
N LYS C 96 -20.23 -7.14 4.82
CA LYS C 96 -21.28 -6.82 3.86
C LYS C 96 -21.06 -5.41 3.32
N ARG C 97 -20.45 -5.34 2.15
CA ARG C 97 -20.19 -4.08 1.51
C ARG C 97 -21.35 -3.66 0.62
N VAL C 1 3.81 -1.90 2.67
CA VAL C 1 4.08 -3.30 2.96
C VAL C 1 3.29 -3.73 4.19
N LYS C 2 2.41 -2.85 4.63
CA LYS C 2 1.59 -3.12 5.79
C LYS C 2 0.16 -3.42 5.36
N PRO C 3 -0.49 -2.38 4.78
CA PRO C 3 -1.87 -2.52 4.30
C PRO C 3 -1.92 -3.33 3.01
N PRO C 4 -2.57 -4.51 3.09
CA PRO C 4 -2.69 -5.39 1.93
C PRO C 4 -3.74 -4.84 0.96
N TYR C 5 -3.34 -4.75 -0.31
CA TYR C 5 -4.22 -4.25 -1.34
C TYR C 5 -4.43 -5.31 -2.44
N SER C 6 -5.56 -5.17 -3.13
CA SER C 6 -5.88 -6.11 -4.19
C SER C 6 -4.95 -5.88 -5.39
N TYR C 7 -4.75 -6.94 -6.14
CA TYR C 7 -3.89 -6.89 -7.31
C TYR C 7 -4.67 -6.45 -8.55
N ILE C 8 -5.99 -6.40 -8.39
CA ILE C 8 -6.86 -6.00 -9.48
C ILE C 8 -6.20 -4.87 -10.26
N ALA C 9 -5.65 -3.92 -9.53
CA ALA C 9 -4.99 -2.78 -10.14
C ALA C 9 -3.83 -3.28 -11.01
N LEU C 10 -3.00 -4.12 -10.41
CA LEU C 10 -1.85 -4.66 -11.12
C LEU C 10 -2.34 -5.46 -12.34
N ILE C 11 -3.51 -6.06 -12.18
CA ILE C 11 -4.09 -6.85 -13.26
C ILE C 11 -4.44 -5.92 -14.43
N THR C 12 -5.34 -4.99 -14.15
CA THR C 12 -5.76 -4.04 -15.17
C THR C 12 -4.55 -3.50 -15.93
N MET C 13 -3.47 -3.28 -15.19
CA MET C 13 -2.25 -2.77 -15.78
C MET C 13 -1.48 -3.88 -16.50
N ALA C 14 -1.68 -5.09 -16.03
CA ALA C 14 -1.02 -6.25 -16.61
C ALA C 14 -1.62 -6.53 -17.98
N ILE C 15 -2.91 -6.32 -18.09
CA ILE C 15 -3.61 -6.55 -19.34
C ILE C 15 -3.43 -5.33 -20.25
N LEU C 16 -3.36 -4.17 -19.63
CA LEU C 16 -3.17 -2.93 -20.37
C LEU C 16 -1.73 -2.82 -20.84
N GLN C 17 -0.82 -3.13 -19.92
CA GLN C 17 0.60 -3.08 -20.23
C GLN C 17 0.93 -4.04 -21.36
N SER C 18 0.00 -4.95 -21.63
CA SER C 18 0.18 -5.93 -22.67
C SER C 18 -0.98 -5.87 -23.66
N PRO C 19 -1.04 -4.74 -24.41
CA PRO C 19 -2.10 -4.55 -25.39
C PRO C 19 -1.85 -5.40 -26.64
N GLN C 20 -0.67 -5.98 -26.69
CA GLN C 20 -0.30 -6.83 -27.81
C GLN C 20 -1.11 -8.13 -27.79
N LYS C 21 -1.87 -8.29 -26.71
CA LYS C 21 -2.70 -9.48 -26.56
C LYS C 21 -1.80 -10.68 -26.26
N LYS C 22 -1.29 -10.71 -25.03
CA LYS C 22 -0.42 -11.79 -24.61
C LYS C 22 0.02 -11.54 -23.17
N LEU C 23 -0.34 -12.48 -22.30
CA LEU C 23 0.01 -12.38 -20.89
C LEU C 23 0.79 -13.63 -20.48
N THR C 24 1.25 -13.62 -19.24
CA THR C 24 2.00 -14.74 -18.70
C THR C 24 2.13 -14.62 -17.18
N LEU C 25 1.51 -15.56 -16.49
CA LEU C 25 1.55 -15.58 -15.04
C LEU C 25 2.98 -15.33 -14.57
N SER C 26 3.91 -15.99 -15.25
CA SER C 26 5.32 -15.85 -14.91
C SER C 26 5.73 -14.38 -14.98
N GLY C 27 5.42 -13.76 -16.11
CA GLY C 27 5.75 -12.35 -16.31
C GLY C 27 4.89 -11.45 -15.43
N ILE C 28 3.69 -11.95 -15.12
CA ILE C 28 2.78 -11.19 -14.28
C ILE C 28 3.33 -11.12 -12.85
N CYS C 29 3.55 -12.28 -12.27
CA CYS C 29 4.08 -12.37 -10.92
C CYS C 29 5.40 -11.60 -10.88
N GLU C 30 6.13 -11.70 -11.97
CA GLU C 30 7.42 -11.02 -12.08
C GLU C 30 7.22 -9.53 -12.31
N PHE C 31 6.05 -9.20 -12.86
CA PHE C 31 5.72 -7.81 -13.14
C PHE C 31 5.25 -7.09 -11.88
N ILE C 32 4.62 -7.86 -11.00
CA ILE C 32 4.11 -7.31 -9.75
C ILE C 32 5.25 -7.22 -8.74
N SER C 33 5.90 -8.35 -8.52
CA SER C 33 7.00 -8.41 -7.58
C SER C 33 7.92 -7.21 -7.78
N ASN C 34 8.11 -6.85 -9.05
CA ASN C 34 8.96 -5.72 -9.39
C ASN C 34 8.50 -4.48 -8.61
N ARG C 35 7.18 -4.39 -8.44
CA ARG C 35 6.60 -3.28 -7.73
C ARG C 35 6.76 -3.45 -6.22
N PHE C 36 6.56 -4.69 -5.78
CA PHE C 36 6.68 -5.02 -4.37
C PHE C 36 7.62 -6.20 -4.16
N PRO C 37 8.84 -5.89 -3.64
CA PRO C 37 9.82 -6.92 -3.38
C PRO C 37 9.47 -7.74 -2.14
N TYR C 38 9.01 -7.03 -1.12
CA TYR C 38 8.64 -7.68 0.13
C TYR C 38 7.66 -8.82 -0.12
N TYR C 39 6.73 -8.57 -1.04
CA TYR C 39 5.73 -9.57 -1.38
C TYR C 39 6.38 -10.83 -1.95
N ARG C 40 7.40 -10.61 -2.77
CA ARG C 40 8.12 -11.72 -3.39
C ARG C 40 9.10 -12.33 -2.39
N GLU C 41 9.35 -11.58 -1.32
CA GLU C 41 10.26 -12.05 -0.28
C GLU C 41 9.57 -13.08 0.60
N LYS C 42 8.34 -12.75 0.99
CA LYS C 42 7.57 -13.64 1.85
C LYS C 42 6.69 -14.54 0.98
N PHE C 43 6.06 -13.92 -0.01
CA PHE C 43 5.20 -14.65 -0.92
C PHE C 43 4.16 -15.46 -0.14
N PRO C 44 3.15 -14.74 0.42
CA PRO C 44 2.09 -15.37 1.17
C PRO C 44 1.11 -16.08 0.25
N ALA C 45 1.64 -16.62 -0.83
CA ALA C 45 0.82 -17.33 -1.81
C ALA C 45 -0.15 -16.35 -2.46
N TRP C 46 0.43 -15.32 -3.07
CA TRP C 46 -0.36 -14.30 -3.73
C TRP C 46 -0.54 -14.73 -5.20
N GLN C 47 0.12 -15.81 -5.55
CA GLN C 47 0.03 -16.34 -6.90
C GLN C 47 -1.42 -16.60 -7.28
N ASN C 48 -2.18 -17.07 -6.30
CA ASN C 48 -3.59 -17.35 -6.53
C ASN C 48 -4.38 -16.05 -6.49
N SER C 49 -3.89 -15.10 -5.69
CA SER C 49 -4.54 -13.81 -5.57
C SER C 49 -4.56 -13.10 -6.92
N ILE C 50 -3.36 -12.97 -7.49
CA ILE C 50 -3.23 -12.30 -8.78
C ILE C 50 -3.94 -13.13 -9.85
N ARG C 51 -3.52 -14.38 -9.96
CA ARG C 51 -4.11 -15.29 -10.94
C ARG C 51 -5.63 -15.25 -10.84
N HIS C 52 -6.11 -15.18 -9.60
CA HIS C 52 -7.54 -15.15 -9.35
C HIS C 52 -8.13 -13.84 -9.88
N ASN C 53 -7.57 -12.74 -9.39
CA ASN C 53 -8.02 -11.42 -9.80
C ASN C 53 -7.75 -11.24 -11.30
N LEU C 54 -6.98 -12.17 -11.84
CA LEU C 54 -6.64 -12.12 -13.25
C LEU C 54 -7.78 -12.72 -14.07
N SER C 55 -8.11 -13.96 -13.76
CA SER C 55 -9.17 -14.65 -14.45
C SER C 55 -10.53 -14.19 -13.93
N LEU C 56 -10.67 -14.23 -12.61
CA LEU C 56 -11.90 -13.81 -11.97
C LEU C 56 -12.01 -12.29 -12.01
N ASN C 57 -12.37 -11.78 -13.17
CA ASN C 57 -12.52 -10.35 -13.36
C ASN C 57 -12.47 -10.02 -14.85
N ASP C 58 -11.43 -10.51 -15.50
CA ASP C 58 -11.25 -10.28 -16.92
C ASP C 58 -12.13 -11.26 -17.70
N CYS C 59 -11.82 -12.53 -17.56
CA CYS C 59 -12.57 -13.58 -18.24
C CYS C 59 -11.89 -13.85 -19.58
N PHE C 60 -10.67 -14.37 -19.50
CA PHE C 60 -9.91 -14.68 -20.70
C PHE C 60 -9.45 -16.14 -20.69
N VAL C 61 -8.40 -16.40 -21.46
CA VAL C 61 -7.85 -17.75 -21.54
C VAL C 61 -6.42 -17.74 -21.00
N LYS C 62 -5.93 -18.93 -20.68
CA LYS C 62 -4.59 -19.07 -20.15
C LYS C 62 -4.02 -20.43 -20.59
N ILE C 63 -2.71 -20.57 -20.41
CA ILE C 63 -2.04 -21.80 -20.78
C ILE C 63 -1.47 -22.46 -19.52
N PRO C 64 -1.91 -23.73 -19.29
CA PRO C 64 -1.46 -24.48 -18.14
C PRO C 64 -0.02 -24.98 -18.33
N ARG C 65 0.45 -25.72 -17.34
CA ARG C 65 1.80 -26.26 -17.39
C ARG C 65 2.10 -26.82 -18.79
N GLU C 66 2.80 -26.02 -19.57
CA GLU C 66 3.15 -26.41 -20.93
C GLU C 66 4.43 -27.26 -20.91
N PRO C 67 4.63 -28.00 -22.03
CA PRO C 67 5.81 -28.85 -22.16
C PRO C 67 7.07 -28.03 -22.41
N GLY C 68 7.52 -27.36 -21.37
CA GLY C 68 8.71 -26.53 -21.46
C GLY C 68 8.62 -25.34 -20.51
N ASN C 69 8.38 -25.65 -19.24
CA ASN C 69 8.27 -24.62 -18.22
C ASN C 69 9.41 -24.79 -17.21
N PRO C 70 10.55 -24.12 -17.52
CA PRO C 70 11.71 -24.19 -16.65
C PRO C 70 11.51 -23.34 -15.38
N GLY C 71 10.42 -23.63 -14.69
CA GLY C 71 10.10 -22.90 -13.48
C GLY C 71 8.94 -21.92 -13.70
N LYS C 72 9.14 -21.05 -14.69
CA LYS C 72 8.13 -20.06 -15.02
C LYS C 72 8.10 -19.87 -16.54
N GLY C 73 7.81 -20.96 -17.23
CA GLY C 73 7.74 -20.93 -18.68
C GLY C 73 6.31 -21.17 -19.18
N ASN C 74 5.45 -20.21 -18.88
CA ASN C 74 4.06 -20.30 -19.28
C ASN C 74 3.59 -18.93 -19.79
N TYR C 75 2.39 -18.94 -20.37
CA TYR C 75 1.81 -17.71 -20.90
C TYR C 75 0.29 -17.81 -20.95
N TRP C 76 -0.34 -16.64 -20.89
CA TRP C 76 -1.80 -16.57 -20.93
C TRP C 76 -2.20 -15.81 -22.18
N THR C 77 -3.51 -15.73 -22.39
CA THR C 77 -4.03 -15.03 -23.55
C THR C 77 -5.34 -14.31 -23.19
N LEU C 78 -5.53 -13.15 -23.80
CA LEU C 78 -6.72 -12.36 -23.55
C LEU C 78 -7.48 -12.18 -24.87
N ASP C 79 -8.76 -11.85 -24.73
CA ASP C 79 -9.61 -11.64 -25.89
C ASP C 79 -9.48 -10.19 -26.36
N PRO C 80 -9.80 -9.97 -27.66
CA PRO C 80 -9.72 -8.64 -28.25
C PRO C 80 -10.90 -7.78 -27.79
N GLN C 81 -10.72 -7.17 -26.63
CA GLN C 81 -11.75 -6.32 -26.06
C GLN C 81 -11.46 -6.02 -24.59
N SER C 82 -10.19 -5.72 -24.32
CA SER C 82 -9.76 -5.41 -22.98
C SER C 82 -10.19 -3.98 -22.60
N GLU C 83 -9.94 -3.06 -23.53
CA GLU C 83 -10.28 -1.67 -23.31
C GLU C 83 -11.78 -1.54 -23.01
N ASP C 84 -12.57 -2.16 -23.87
CA ASP C 84 -14.02 -2.13 -23.71
C ASP C 84 -14.40 -2.82 -22.40
N MET C 85 -13.77 -3.96 -22.17
CA MET C 85 -14.03 -4.73 -20.96
C MET C 85 -13.67 -3.93 -19.71
N PHE C 86 -12.51 -3.30 -19.76
CA PHE C 86 -12.03 -2.51 -18.64
C PHE C 86 -12.52 -1.06 -18.75
N ASP C 87 -13.58 -0.88 -19.52
CA ASP C 87 -14.16 0.43 -19.72
C ASP C 87 -15.25 0.66 -18.68
N ASN C 88 -16.25 -0.21 -18.72
CA ASN C 88 -17.36 -0.11 -17.78
C ASN C 88 -16.95 -0.71 -16.43
N GLY C 89 -16.44 -1.94 -16.50
CA GLY C 89 -16.01 -2.63 -15.30
C GLY C 89 -14.62 -2.13 -14.85
N SER C 90 -14.53 -0.83 -14.65
CA SER C 90 -13.28 -0.22 -14.22
C SER C 90 -13.56 1.05 -13.43
N PHE C 91 -14.47 1.86 -13.96
CA PHE C 91 -14.83 3.10 -13.30
C PHE C 91 -15.37 2.84 -11.90
N LEU C 92 -16.31 1.91 -11.82
CA LEU C 92 -16.92 1.56 -10.55
C LEU C 92 -16.33 0.24 -10.05
N ARG C 93 -15.40 0.36 -9.11
CA ARG C 93 -14.76 -0.82 -8.54
C ARG C 93 -15.64 -1.44 -7.46
N ARG C 94 -16.91 -1.60 -7.80
CA ARG C 94 -17.86 -2.18 -6.86
C ARG C 94 -19.15 -2.57 -7.59
N ARG C 95 -19.86 -1.55 -8.06
CA ARG C 95 -21.11 -1.78 -8.77
C ARG C 95 -21.00 -3.01 -9.66
N LYS C 96 -19.93 -3.04 -10.46
CA LYS C 96 -19.70 -4.16 -11.35
C LYS C 96 -18.26 -4.09 -11.88
N ARG C 97 -17.50 -5.12 -11.53
CA ARG C 97 -16.11 -5.19 -11.95
C ARG C 97 -15.90 -6.37 -12.91
N VAL C 1 3.81 -1.90 2.67
CA VAL C 1 4.08 -3.30 2.96
C VAL C 1 2.84 -4.14 2.63
N LYS C 2 1.69 -3.56 2.90
CA LYS C 2 0.43 -4.24 2.64
C LYS C 2 -0.72 -3.41 3.22
N PRO C 3 -1.89 -3.50 2.54
CA PRO C 3 -3.07 -2.77 2.97
C PRO C 3 -3.70 -3.42 4.20
N PRO C 4 -3.58 -2.71 5.36
CA PRO C 4 -4.13 -3.21 6.61
C PRO C 4 -5.65 -3.07 6.64
N TYR C 5 -6.11 -1.84 6.47
CA TYR C 5 -7.53 -1.56 6.47
C TYR C 5 -7.88 -0.50 5.43
N SER C 6 -9.18 -0.29 5.25
CA SER C 6 -9.66 0.69 4.30
C SER C 6 -9.33 2.10 4.78
N TYR C 7 -9.80 3.08 4.02
CA TYR C 7 -9.56 4.47 4.37
C TYR C 7 -10.57 4.96 5.41
N ILE C 8 -11.74 4.33 5.39
CA ILE C 8 -12.80 4.69 6.32
C ILE C 8 -12.20 4.81 7.73
N ALA C 9 -11.35 3.87 8.07
CA ALA C 9 -10.72 3.86 9.38
C ALA C 9 -9.88 5.13 9.54
N LEU C 10 -9.10 5.41 8.50
CA LEU C 10 -8.25 6.60 8.53
C LEU C 10 -9.12 7.84 8.63
N ILE C 11 -10.36 7.70 8.21
CA ILE C 11 -11.30 8.81 8.25
C ILE C 11 -11.83 8.97 9.68
N THR C 12 -12.42 7.89 10.18
CA THR C 12 -12.96 7.89 11.52
C THR C 12 -11.96 8.51 12.50
N MET C 13 -10.69 8.26 12.24
CA MET C 13 -9.63 8.78 13.08
C MET C 13 -9.29 10.22 12.71
N ALA C 14 -9.30 10.48 11.41
CA ALA C 14 -8.99 11.81 10.91
C ALA C 14 -9.92 12.83 11.58
N ILE C 15 -11.16 12.42 11.76
CA ILE C 15 -12.15 13.28 12.38
C ILE C 15 -11.99 13.21 13.90
N LEU C 16 -11.99 11.99 14.42
CA LEU C 16 -11.85 11.78 15.85
C LEU C 16 -10.63 12.56 16.36
N GLN C 17 -9.55 12.45 15.60
CA GLN C 17 -8.32 13.14 15.96
C GLN C 17 -8.57 14.64 16.11
N SER C 18 -9.56 15.12 15.38
CA SER C 18 -9.92 16.52 15.42
C SER C 18 -11.33 16.69 16.00
N PRO C 19 -11.38 16.77 17.36
CA PRO C 19 -12.65 16.93 18.05
C PRO C 19 -13.17 18.36 17.92
N GLN C 20 -12.35 19.19 17.28
CA GLN C 20 -12.72 20.58 17.08
C GLN C 20 -13.50 20.75 15.77
N LYS C 21 -13.99 19.63 15.26
CA LYS C 21 -14.74 19.64 14.02
C LYS C 21 -14.18 20.71 13.09
N LYS C 22 -12.96 20.45 12.63
CA LYS C 22 -12.29 21.38 11.73
C LYS C 22 -10.92 20.82 11.33
N LEU C 23 -10.81 20.46 10.06
CA LEU C 23 -9.56 19.92 9.54
C LEU C 23 -9.50 20.14 8.04
N THR C 24 -8.35 19.78 7.47
CA THR C 24 -8.15 19.94 6.04
C THR C 24 -7.85 18.58 5.39
N LEU C 25 -8.61 18.28 4.35
CA LEU C 25 -8.44 17.03 3.64
C LEU C 25 -6.96 16.85 3.27
N SER C 26 -6.37 17.93 2.78
CA SER C 26 -4.98 17.91 2.39
C SER C 26 -4.10 17.51 3.59
N GLY C 27 -4.24 18.27 4.67
CA GLY C 27 -3.48 18.00 5.87
C GLY C 27 -3.73 16.58 6.38
N ILE C 28 -4.91 16.06 6.03
CA ILE C 28 -5.28 14.71 6.45
C ILE C 28 -4.47 13.70 5.65
N CYS C 29 -4.46 13.89 4.35
CA CYS C 29 -3.72 12.99 3.46
C CYS C 29 -2.27 12.95 3.92
N GLU C 30 -1.79 14.11 4.38
CA GLU C 30 -0.42 14.21 4.86
C GLU C 30 -0.27 13.50 6.20
N PHE C 31 -1.31 13.62 7.01
CA PHE C 31 -1.31 13.00 8.33
C PHE C 31 -1.32 11.47 8.22
N ILE C 32 -1.95 10.99 7.15
CA ILE C 32 -2.04 9.56 6.91
C ILE C 32 -0.69 9.04 6.44
N SER C 33 -0.24 9.62 5.33
CA SER C 33 1.04 9.22 4.75
C SER C 33 2.15 9.33 5.80
N ASN C 34 1.93 10.23 6.76
CA ASN C 34 2.90 10.43 7.82
C ASN C 34 2.84 9.26 8.80
N ARG C 35 1.62 8.97 9.25
CA ARG C 35 1.42 7.88 10.19
C ARG C 35 1.74 6.53 9.50
N PHE C 36 1.04 6.28 8.42
CA PHE C 36 1.24 5.05 7.67
C PHE C 36 2.30 5.23 6.58
N PRO C 37 3.42 4.47 6.73
CA PRO C 37 4.50 4.55 5.76
C PRO C 37 4.13 3.82 4.46
N TYR C 38 3.43 2.70 4.63
CA TYR C 38 3.02 1.91 3.49
C TYR C 38 2.32 2.78 2.44
N TYR C 39 1.48 3.67 2.92
CA TYR C 39 0.75 4.57 2.04
C TYR C 39 1.70 5.53 1.33
N ARG C 40 2.76 5.89 2.03
CA ARG C 40 3.75 6.80 1.48
C ARG C 40 4.57 6.10 0.38
N GLU C 41 4.93 4.86 0.67
CA GLU C 41 5.70 4.08 -0.28
C GLU C 41 4.79 3.47 -1.34
N LYS C 42 3.49 3.55 -1.08
CA LYS C 42 2.51 3.02 -2.01
C LYS C 42 1.29 3.96 -2.04
N PHE C 43 1.48 5.11 -2.67
CA PHE C 43 0.42 6.08 -2.77
C PHE C 43 -0.05 6.24 -4.23
N PRO C 44 -0.83 5.23 -4.70
CA PRO C 44 -1.34 5.24 -6.06
C PRO C 44 -2.48 6.24 -6.20
N ALA C 45 -2.30 7.40 -5.58
CA ALA C 45 -3.30 8.45 -5.63
C ALA C 45 -4.59 7.94 -4.96
N TRP C 46 -4.46 7.59 -3.70
CA TRP C 46 -5.60 7.09 -2.94
C TRP C 46 -6.40 8.30 -2.45
N GLN C 47 -5.98 9.48 -2.90
CA GLN C 47 -6.65 10.71 -2.52
C GLN C 47 -8.15 10.61 -2.79
N ASN C 48 -8.47 10.09 -3.97
CA ASN C 48 -9.87 9.92 -4.36
C ASN C 48 -10.55 8.93 -3.43
N SER C 49 -9.79 7.90 -3.07
CA SER C 49 -10.29 6.86 -2.18
C SER C 49 -10.56 7.44 -0.79
N ILE C 50 -9.50 7.96 -0.18
CA ILE C 50 -9.60 8.55 1.14
C ILE C 50 -10.73 9.57 1.16
N ARG C 51 -10.59 10.58 0.30
CA ARG C 51 -11.60 11.63 0.21
C ARG C 51 -12.98 11.02 0.01
N HIS C 52 -13.05 10.07 -0.92
CA HIS C 52 -14.30 9.40 -1.21
C HIS C 52 -14.89 8.82 0.07
N ASN C 53 -14.11 7.96 0.70
CA ASN C 53 -14.54 7.33 1.94
C ASN C 53 -14.64 8.38 3.04
N LEU C 54 -14.16 9.58 2.73
CA LEU C 54 -14.19 10.68 3.67
C LEU C 54 -15.59 11.28 3.69
N SER C 55 -16.08 11.62 2.50
CA SER C 55 -17.40 12.21 2.36
C SER C 55 -18.46 11.11 2.38
N LEU C 56 -18.23 10.08 1.59
CA LEU C 56 -19.15 8.97 1.51
C LEU C 56 -18.97 8.06 2.73
N ASN C 57 -19.50 8.53 3.85
CA ASN C 57 -19.40 7.78 5.09
C ASN C 57 -19.86 8.67 6.25
N ASP C 58 -19.16 9.78 6.42
CA ASP C 58 -19.48 10.71 7.49
C ASP C 58 -20.65 11.60 7.05
N CYS C 59 -20.44 12.29 5.93
CA CYS C 59 -21.46 13.18 5.40
C CYS C 59 -21.28 14.55 6.03
N PHE C 60 -20.29 15.28 5.53
CA PHE C 60 -20.00 16.61 6.03
C PHE C 60 -19.85 17.60 4.88
N VAL C 61 -19.26 18.75 5.20
CA VAL C 61 -19.05 19.79 4.21
C VAL C 61 -17.54 20.03 4.05
N LYS C 62 -17.15 20.34 2.83
CA LYS C 62 -15.75 20.61 2.53
C LYS C 62 -15.63 21.95 1.83
N ILE C 63 -14.39 22.34 1.57
CA ILE C 63 -14.12 23.61 0.91
C ILE C 63 -13.41 23.35 -0.42
N PRO C 64 -14.19 23.50 -1.52
CA PRO C 64 -13.65 23.28 -2.86
C PRO C 64 -12.75 24.45 -3.28
N ARG C 65 -11.89 24.16 -4.25
CA ARG C 65 -10.98 25.18 -4.75
C ARG C 65 -11.55 26.57 -4.51
N GLU C 66 -11.06 27.19 -3.43
CA GLU C 66 -11.51 28.53 -3.08
C GLU C 66 -10.33 29.49 -3.06
N PRO C 67 -10.66 30.80 -2.94
CA PRO C 67 -9.64 31.84 -2.90
C PRO C 67 -8.91 31.86 -1.56
N GLY C 68 -8.00 30.90 -1.40
CA GLY C 68 -7.24 30.80 -0.17
C GLY C 68 -6.66 29.40 0.00
N ASN C 69 -6.19 28.84 -1.11
CA ASN C 69 -5.61 27.51 -1.10
C ASN C 69 -4.33 27.52 -1.91
N PRO C 70 -3.25 28.07 -1.29
CA PRO C 70 -1.95 28.14 -1.95
C PRO C 70 -1.28 26.76 -1.98
N GLY C 71 -1.65 25.98 -2.98
CA GLY C 71 -1.09 24.65 -3.13
C GLY C 71 -2.00 23.60 -2.51
N LYS C 72 -2.00 23.57 -1.18
CA LYS C 72 -2.81 22.62 -0.44
C LYS C 72 -3.34 23.29 0.83
N GLY C 73 -4.11 24.34 0.64
CA GLY C 73 -4.68 25.07 1.75
C GLY C 73 -6.21 25.13 1.65
N ASN C 74 -6.83 24.01 1.97
CA ASN C 74 -8.28 23.92 1.92
C ASN C 74 -8.83 23.84 3.35
N TYR C 75 -10.12 23.53 3.43
CA TYR C 75 -10.78 23.43 4.73
C TYR C 75 -11.90 22.39 4.68
N TRP C 76 -12.03 21.65 5.78
CA TRP C 76 -13.06 20.63 5.86
C TRP C 76 -13.73 20.76 7.24
N THR C 77 -15.05 20.69 7.22
CA THR C 77 -15.82 20.80 8.45
C THR C 77 -16.79 19.62 8.57
N LEU C 78 -16.84 19.07 9.78
CA LEU C 78 -17.72 17.95 10.05
C LEU C 78 -18.74 18.34 11.11
N ASP C 79 -19.76 17.50 11.27
CA ASP C 79 -20.80 17.74 12.24
C ASP C 79 -20.29 17.37 13.63
N PRO C 80 -20.73 18.17 14.64
CA PRO C 80 -20.33 17.93 16.01
C PRO C 80 -21.07 16.74 16.60
N GLN C 81 -20.57 15.56 16.29
CA GLN C 81 -21.18 14.33 16.78
C GLN C 81 -20.59 13.12 16.05
N SER C 82 -19.27 13.13 15.93
CA SER C 82 -18.58 12.03 15.27
C SER C 82 -18.43 10.84 16.22
N GLU C 83 -17.97 11.15 17.42
CA GLU C 83 -17.78 10.12 18.43
C GLU C 83 -19.11 9.41 18.73
N ASP C 84 -20.18 10.17 18.61
CA ASP C 84 -21.51 9.64 18.87
C ASP C 84 -21.79 8.52 17.87
N MET C 85 -21.43 8.77 16.62
CA MET C 85 -21.65 7.80 15.56
C MET C 85 -21.01 6.45 15.91
N PHE C 86 -19.73 6.52 16.29
CA PHE C 86 -19.01 5.31 16.66
C PHE C 86 -19.57 4.70 17.93
N ASP C 87 -19.71 5.53 18.95
CA ASP C 87 -20.24 5.08 20.23
C ASP C 87 -21.60 4.41 20.00
N ASN C 88 -22.45 5.11 19.27
CA ASN C 88 -23.78 4.59 18.97
C ASN C 88 -23.68 3.09 18.67
N GLY C 89 -22.90 2.77 17.64
CA GLY C 89 -22.71 1.39 17.25
C GLY C 89 -22.07 0.57 18.37
N SER C 90 -21.64 -0.63 18.02
CA SER C 90 -21.00 -1.50 18.99
C SER C 90 -19.76 -2.16 18.37
N PHE C 91 -18.95 -1.31 17.75
CA PHE C 91 -17.72 -1.78 17.11
C PHE C 91 -18.04 -2.65 15.90
N LEU C 92 -19.09 -2.27 15.19
CA LEU C 92 -19.51 -3.00 14.00
C LEU C 92 -18.98 -2.28 12.76
N ARG C 93 -19.09 -2.97 11.64
CA ARG C 93 -18.63 -2.41 10.37
C ARG C 93 -18.79 -3.43 9.25
N ARG C 94 -20.02 -3.57 8.77
CA ARG C 94 -20.31 -4.51 7.71
C ARG C 94 -21.83 -4.68 7.55
N ARG C 95 -22.46 -5.07 8.64
CA ARG C 95 -23.90 -5.28 8.64
C ARG C 95 -24.26 -6.56 7.88
N LYS C 96 -23.89 -6.57 6.61
CA LYS C 96 -24.17 -7.73 5.77
C LYS C 96 -23.57 -7.49 4.38
N ARG C 97 -22.89 -8.51 3.88
CA ARG C 97 -22.27 -8.43 2.56
C ARG C 97 -21.70 -9.79 2.17
N VAL C 1 3.81 -1.90 2.67
CA VAL C 1 4.08 -3.30 2.96
C VAL C 1 3.53 -4.17 1.82
N LYS C 2 2.24 -4.00 1.56
CA LYS C 2 1.58 -4.76 0.51
C LYS C 2 0.31 -4.02 0.08
N PRO C 3 0.53 -2.84 -0.56
CA PRO C 3 -0.58 -2.04 -1.03
C PRO C 3 -1.21 -2.65 -2.29
N PRO C 4 -2.53 -2.35 -2.48
CA PRO C 4 -3.26 -2.86 -3.62
C PRO C 4 -2.87 -2.11 -4.90
N TYR C 5 -3.06 -0.80 -4.86
CA TYR C 5 -2.73 0.05 -6.00
C TYR C 5 -1.23 0.11 -6.22
N SER C 6 -0.84 0.19 -7.48
CA SER C 6 0.56 0.26 -7.84
C SER C 6 1.11 1.66 -7.56
N TYR C 7 2.31 1.91 -8.06
CA TYR C 7 2.94 3.21 -7.88
C TYR C 7 2.44 4.22 -8.90
N ILE C 8 1.92 3.69 -10.00
CA ILE C 8 1.40 4.54 -11.06
C ILE C 8 0.59 5.68 -10.45
N ALA C 9 -0.14 5.35 -9.40
CA ALA C 9 -0.95 6.34 -8.71
C ALA C 9 -0.04 7.36 -8.03
N LEU C 10 0.85 6.86 -7.19
CA LEU C 10 1.79 7.70 -6.48
C LEU C 10 2.54 8.58 -7.48
N ILE C 11 2.82 7.99 -8.64
CA ILE C 11 3.54 8.70 -9.68
C ILE C 11 2.61 9.75 -10.31
N THR C 12 1.35 9.34 -10.48
CA THR C 12 0.36 10.23 -11.07
C THR C 12 0.33 11.57 -10.33
N MET C 13 0.23 11.48 -9.01
CA MET C 13 0.19 12.67 -8.18
C MET C 13 1.58 13.28 -8.04
N ALA C 14 2.58 12.44 -8.22
CA ALA C 14 3.97 12.88 -8.10
C ALA C 14 4.25 13.92 -9.19
N ILE C 15 3.70 13.67 -10.37
CA ILE C 15 3.89 14.56 -11.49
C ILE C 15 2.87 15.71 -11.40
N LEU C 16 1.67 15.36 -10.97
CA LEU C 16 0.61 16.34 -10.83
C LEU C 16 0.98 17.33 -9.72
N GLN C 17 1.35 16.76 -8.58
CA GLN C 17 1.72 17.57 -7.43
C GLN C 17 2.73 18.66 -7.85
N SER C 18 3.48 18.35 -8.90
CA SER C 18 4.47 19.28 -9.40
C SER C 18 4.12 19.68 -10.84
N PRO C 19 3.07 20.53 -10.95
CA PRO C 19 2.62 20.99 -12.25
C PRO C 19 3.57 22.06 -12.81
N GLN C 20 4.61 22.35 -12.03
CA GLN C 20 5.59 23.34 -12.43
C GLN C 20 6.43 22.81 -13.59
N LYS C 21 6.38 21.50 -13.77
CA LYS C 21 7.12 20.86 -14.84
C LYS C 21 8.55 20.58 -14.37
N LYS C 22 8.65 19.62 -13.45
CA LYS C 22 9.95 19.25 -12.91
C LYS C 22 9.75 18.15 -11.87
N LEU C 23 10.52 17.08 -12.04
CA LEU C 23 10.44 15.95 -11.12
C LEU C 23 11.85 15.61 -10.61
N THR C 24 11.89 14.74 -9.63
CA THR C 24 13.16 14.32 -9.04
C THR C 24 13.03 12.95 -8.38
N LEU C 25 13.48 11.94 -9.11
CA LEU C 25 13.41 10.57 -8.62
C LEU C 25 13.77 10.56 -7.14
N SER C 26 14.76 11.35 -6.79
CA SER C 26 15.21 11.44 -5.40
C SER C 26 14.11 12.06 -4.54
N GLY C 27 13.63 13.21 -4.99
CA GLY C 27 12.58 13.92 -4.27
C GLY C 27 11.28 13.12 -4.28
N ILE C 28 11.10 12.36 -5.34
CA ILE C 28 9.90 11.54 -5.48
C ILE C 28 9.96 10.39 -4.48
N CYS C 29 11.06 9.66 -4.52
CA CYS C 29 11.26 8.53 -3.63
C CYS C 29 11.10 9.02 -2.20
N GLU C 30 11.58 10.23 -1.96
CA GLU C 30 11.50 10.83 -0.64
C GLU C 30 10.05 11.24 -0.32
N PHE C 31 9.40 11.81 -1.32
CA PHE C 31 8.02 12.25 -1.17
C PHE C 31 7.10 11.06 -0.91
N ILE C 32 7.50 9.91 -1.44
CA ILE C 32 6.72 8.70 -1.28
C ILE C 32 7.01 8.10 0.10
N SER C 33 8.28 8.11 0.46
CA SER C 33 8.70 7.57 1.75
C SER C 33 7.98 8.30 2.88
N ASN C 34 8.02 9.62 2.82
CA ASN C 34 7.39 10.44 3.83
C ASN C 34 5.90 10.10 3.88
N ARG C 35 5.32 9.89 2.71
CA ARG C 35 3.92 9.55 2.61
C ARG C 35 3.67 8.13 3.11
N PHE C 36 4.44 7.20 2.56
CA PHE C 36 4.32 5.80 2.94
C PHE C 36 5.63 5.28 3.54
N PRO C 37 5.61 5.09 4.88
CA PRO C 37 6.79 4.60 5.57
C PRO C 37 6.98 3.10 5.34
N TYR C 38 5.87 2.39 5.31
CA TYR C 38 5.89 0.95 5.08
C TYR C 38 6.74 0.61 3.86
N TYR C 39 6.59 1.42 2.82
CA TYR C 39 7.32 1.22 1.59
C TYR C 39 8.81 1.45 1.80
N ARG C 40 9.12 2.51 2.52
CA ARG C 40 10.51 2.86 2.80
C ARG C 40 11.04 2.01 3.96
N GLU C 41 10.11 1.41 4.68
CA GLU C 41 10.48 0.56 5.81
C GLU C 41 11.01 -0.79 5.32
N LYS C 42 10.27 -1.38 4.40
CA LYS C 42 10.66 -2.66 3.84
C LYS C 42 11.04 -2.49 2.37
N PHE C 43 11.57 -1.31 2.07
CA PHE C 43 11.98 -1.00 0.71
C PHE C 43 12.20 -2.28 -0.10
N PRO C 44 11.07 -2.82 -0.63
CA PRO C 44 11.12 -4.03 -1.42
C PRO C 44 11.68 -3.75 -2.82
N ALA C 45 12.69 -2.90 -2.86
CA ALA C 45 13.32 -2.53 -4.11
C ALA C 45 12.28 -1.93 -5.05
N TRP C 46 11.67 -0.84 -4.59
CA TRP C 46 10.65 -0.17 -5.37
C TRP C 46 11.32 0.98 -6.13
N GLN C 47 12.58 0.76 -6.48
CA GLN C 47 13.34 1.77 -7.20
C GLN C 47 12.90 1.81 -8.66
N ASN C 48 13.13 0.71 -9.35
CA ASN C 48 12.76 0.62 -10.76
C ASN C 48 11.24 0.53 -10.87
N SER C 49 10.62 0.11 -9.79
CA SER C 49 9.17 -0.01 -9.75
C SER C 49 8.52 1.34 -10.05
N ILE C 50 8.84 2.31 -9.21
CA ILE C 50 8.30 3.65 -9.37
C ILE C 50 8.88 4.28 -10.64
N ARG C 51 10.19 4.15 -10.78
CA ARG C 51 10.87 4.71 -11.94
C ARG C 51 10.24 4.18 -13.23
N HIS C 52 9.78 2.94 -13.15
CA HIS C 52 9.17 2.29 -14.30
C HIS C 52 7.83 2.96 -14.60
N ASN C 53 6.99 3.02 -13.58
CA ASN C 53 5.67 3.63 -13.71
C ASN C 53 5.84 5.14 -13.92
N LEU C 54 7.06 5.60 -13.68
CA LEU C 54 7.36 7.02 -13.82
C LEU C 54 7.66 7.32 -15.29
N SER C 55 8.65 6.61 -15.81
CA SER C 55 9.05 6.78 -17.20
C SER C 55 8.13 5.99 -18.13
N LEU C 56 7.95 4.72 -17.78
CA LEU C 56 7.09 3.84 -18.56
C LEU C 56 5.63 4.20 -18.31
N ASN C 57 5.22 5.31 -18.90
CA ASN C 57 3.85 5.78 -18.75
C ASN C 57 3.78 7.28 -19.06
N ASP C 58 4.71 8.01 -18.46
CA ASP C 58 4.77 9.45 -18.67
C ASP C 58 5.47 9.74 -20.00
N CYS C 59 6.58 9.03 -20.21
CA CYS C 59 7.35 9.20 -21.43
C CYS C 59 7.94 10.62 -21.43
N PHE C 60 8.77 10.87 -20.41
CA PHE C 60 9.41 12.17 -20.29
C PHE C 60 10.93 12.04 -20.36
N VAL C 61 11.61 13.05 -19.83
CA VAL C 61 13.06 13.07 -19.83
C VAL C 61 13.56 13.12 -18.39
N LYS C 62 14.73 12.53 -18.17
CA LYS C 62 15.32 12.52 -16.85
C LYS C 62 16.82 12.81 -16.97
N ILE C 63 17.44 13.03 -15.82
CA ILE C 63 18.87 13.32 -15.78
C ILE C 63 19.59 12.23 -14.98
N PRO C 64 20.67 11.69 -15.60
CA PRO C 64 21.45 10.64 -14.96
C PRO C 64 22.33 11.21 -13.85
N ARG C 65 23.20 10.36 -13.33
CA ARG C 65 24.10 10.77 -12.26
C ARG C 65 24.72 12.13 -12.59
N GLU C 66 24.38 13.11 -11.76
CA GLU C 66 24.90 14.45 -11.94
C GLU C 66 26.21 14.63 -11.18
N PRO C 67 27.16 15.35 -11.82
CA PRO C 67 28.46 15.60 -11.21
C PRO C 67 28.35 16.65 -10.11
N GLY C 68 27.27 17.42 -10.16
CA GLY C 68 27.04 18.45 -9.18
C GLY C 68 26.92 17.86 -7.77
N ASN C 69 25.96 16.97 -7.62
CA ASN C 69 25.74 16.32 -6.34
C ASN C 69 25.42 14.84 -6.56
N PRO C 70 26.34 13.97 -6.07
CA PRO C 70 26.18 12.53 -6.21
C PRO C 70 25.11 12.01 -5.24
N GLY C 71 25.58 11.59 -4.08
CA GLY C 71 24.69 11.05 -3.06
C GLY C 71 23.32 10.69 -3.66
N LYS C 72 22.42 11.66 -3.63
CA LYS C 72 21.09 11.46 -4.17
C LYS C 72 20.65 12.72 -4.92
N GLY C 73 21.59 13.33 -5.60
CA GLY C 73 21.32 14.54 -6.35
C GLY C 73 20.95 14.20 -7.80
N ASN C 74 19.67 14.32 -8.09
CA ASN C 74 19.17 14.04 -9.43
C ASN C 74 17.84 14.75 -9.65
N TYR C 75 17.46 14.87 -10.90
CA TYR C 75 16.21 15.53 -11.26
C TYR C 75 15.65 14.98 -12.56
N TRP C 76 14.32 14.98 -12.65
CA TRP C 76 13.64 14.48 -13.84
C TRP C 76 12.86 15.64 -14.45
N THR C 77 12.70 15.58 -15.76
CA THR C 77 11.97 16.61 -16.48
C THR C 77 10.79 16.00 -17.22
N LEU C 78 9.67 16.71 -17.18
CA LEU C 78 8.46 16.25 -17.84
C LEU C 78 8.07 17.26 -18.92
N ASP C 79 7.47 16.73 -19.99
CA ASP C 79 7.05 17.57 -21.10
C ASP C 79 5.61 18.02 -20.87
N PRO C 80 5.17 19.01 -21.69
CA PRO C 80 3.82 19.54 -21.59
C PRO C 80 2.81 18.55 -22.17
N GLN C 81 2.28 17.71 -21.30
CA GLN C 81 1.30 16.72 -21.71
C GLN C 81 1.13 15.65 -20.64
N SER C 82 1.11 16.11 -19.38
CA SER C 82 0.97 15.20 -18.26
C SER C 82 -0.51 14.84 -18.07
N GLU C 83 -1.32 15.87 -17.91
CA GLU C 83 -2.75 15.67 -17.73
C GLU C 83 -3.33 14.87 -18.89
N ASP C 84 -3.00 15.31 -20.10
CA ASP C 84 -3.49 14.65 -21.29
C ASP C 84 -3.02 13.18 -21.28
N MET C 85 -1.78 13.00 -20.85
CA MET C 85 -1.20 11.66 -20.80
C MET C 85 -1.94 10.79 -19.78
N PHE C 86 -2.10 11.33 -18.58
CA PHE C 86 -2.78 10.61 -17.51
C PHE C 86 -4.28 10.47 -17.83
N ASP C 87 -4.81 11.49 -18.49
CA ASP C 87 -6.21 11.48 -18.86
C ASP C 87 -6.35 11.16 -20.35
N ASN C 88 -5.43 10.33 -20.82
CA ASN C 88 -5.44 9.94 -22.22
C ASN C 88 -6.76 9.24 -22.54
N GLY C 89 -7.05 8.20 -21.78
CA GLY C 89 -8.28 7.44 -21.96
C GLY C 89 -9.46 8.16 -21.33
N SER C 90 -10.11 7.45 -20.41
CA SER C 90 -11.27 8.00 -19.72
C SER C 90 -11.88 6.94 -18.81
N PHE C 91 -11.06 6.41 -17.93
CA PHE C 91 -11.52 5.39 -17.00
C PHE C 91 -10.40 5.00 -16.01
N LEU C 92 -10.02 5.98 -15.20
CA LEU C 92 -8.98 5.77 -14.21
C LEU C 92 -7.66 5.49 -14.93
N ARG C 93 -7.47 4.23 -15.31
CA ARG C 93 -6.27 3.82 -15.99
C ARG C 93 -6.34 2.34 -16.36
N ARG C 94 -7.47 1.97 -16.94
CA ARG C 94 -7.69 0.58 -17.35
C ARG C 94 -8.18 0.53 -18.79
N ARG C 95 -9.36 1.11 -19.00
CA ARG C 95 -9.95 1.13 -20.32
C ARG C 95 -9.97 -0.28 -20.92
N LYS C 96 -11.01 -1.03 -20.57
CA LYS C 96 -11.17 -2.38 -21.05
C LYS C 96 -9.79 -3.04 -21.16
N ARG C 97 -9.15 -3.17 -20.01
CA ARG C 97 -7.82 -3.78 -19.96
C ARG C 97 -7.83 -5.12 -20.73
N VAL C 1 3.81 -1.90 2.67
CA VAL C 1 4.08 -3.30 2.96
C VAL C 1 5.60 -3.54 2.88
N LYS C 2 6.15 -3.25 1.72
CA LYS C 2 7.58 -3.43 1.50
C LYS C 2 8.30 -2.11 1.79
N PRO C 3 7.80 -1.02 1.14
CA PRO C 3 8.38 0.30 1.31
C PRO C 3 8.00 0.89 2.67
N PRO C 4 8.68 2.02 3.01
CA PRO C 4 8.43 2.69 4.27
C PRO C 4 7.09 3.45 4.23
N TYR C 5 6.16 2.89 3.49
CA TYR C 5 4.84 3.50 3.36
C TYR C 5 3.73 2.52 3.77
N SER C 6 3.34 2.61 5.03
CA SER C 6 2.31 1.74 5.55
C SER C 6 0.92 2.29 5.17
N TYR C 7 -0.04 2.02 6.04
CA TYR C 7 -1.40 2.47 5.82
C TYR C 7 -1.47 4.01 5.82
N ILE C 8 -0.81 4.59 6.81
CA ILE C 8 -0.80 6.04 6.95
C ILE C 8 -0.69 6.67 5.56
N ALA C 9 0.25 6.14 4.78
CA ALA C 9 0.47 6.65 3.43
C ALA C 9 -0.83 6.55 2.64
N LEU C 10 -1.43 5.35 2.68
CA LEU C 10 -2.67 5.12 1.97
C LEU C 10 -3.74 6.10 2.47
N ILE C 11 -3.65 6.41 3.76
CA ILE C 11 -4.59 7.33 4.37
C ILE C 11 -4.35 8.75 3.82
N THR C 12 -3.15 9.23 4.06
CA THR C 12 -2.78 10.56 3.59
C THR C 12 -3.32 10.80 2.18
N MET C 13 -3.25 9.75 1.37
CA MET C 13 -3.73 9.85 0.00
C MET C 13 -5.25 9.78 -0.06
N ALA C 14 -5.81 8.97 0.82
CA ALA C 14 -7.26 8.80 0.88
C ALA C 14 -7.89 10.13 1.31
N ILE C 15 -7.15 10.88 2.11
CA ILE C 15 -7.63 12.16 2.59
C ILE C 15 -7.29 13.24 1.56
N LEU C 16 -6.03 13.28 1.18
CA LEU C 16 -5.56 14.25 0.22
C LEU C 16 -6.40 14.14 -1.05
N GLN C 17 -6.56 12.91 -1.52
CA GLN C 17 -7.34 12.65 -2.72
C GLN C 17 -8.69 13.37 -2.64
N SER C 18 -9.12 13.61 -1.42
CA SER C 18 -10.39 14.28 -1.18
C SER C 18 -10.17 15.58 -0.40
N PRO C 19 -9.59 16.59 -1.11
CA PRO C 19 -9.32 17.87 -0.49
C PRO C 19 -10.61 18.68 -0.31
N GLN C 20 -11.69 18.13 -0.83
CA GLN C 20 -12.98 18.78 -0.75
C GLN C 20 -13.48 18.77 0.71
N LYS C 21 -14.29 17.76 1.01
CA LYS C 21 -14.83 17.61 2.35
C LYS C 21 -15.81 16.44 2.37
N LYS C 22 -15.26 15.24 2.23
CA LYS C 22 -16.07 14.04 2.24
C LYS C 22 -15.16 12.81 2.10
N LEU C 23 -15.32 11.88 3.03
CA LEU C 23 -14.53 10.67 3.03
C LEU C 23 -15.46 9.45 3.01
N THR C 24 -14.90 8.32 2.60
CA THR C 24 -15.66 7.09 2.54
C THR C 24 -14.74 5.88 2.68
N LEU C 25 -14.90 5.17 3.79
CA LEU C 25 -14.09 4.00 4.06
C LEU C 25 -14.21 3.02 2.88
N SER C 26 -15.46 2.64 2.59
CA SER C 26 -15.73 1.72 1.52
C SER C 26 -15.02 2.18 0.24
N GLY C 27 -15.25 3.44 -0.11
CA GLY C 27 -14.64 4.01 -1.29
C GLY C 27 -13.11 3.97 -1.20
N ILE C 28 -12.62 4.19 0.01
CA ILE C 28 -11.19 4.17 0.25
C ILE C 28 -10.63 2.78 -0.03
N CYS C 29 -11.17 1.81 0.70
CA CYS C 29 -10.74 0.43 0.53
C CYS C 29 -10.67 0.12 -0.96
N GLU C 30 -11.65 0.62 -1.69
CA GLU C 30 -11.71 0.42 -3.12
C GLU C 30 -10.54 1.12 -3.82
N PHE C 31 -10.30 2.35 -3.38
CA PHE C 31 -9.22 3.14 -3.95
C PHE C 31 -7.85 2.54 -3.57
N ILE C 32 -7.87 1.72 -2.53
CA ILE C 32 -6.65 1.09 -2.06
C ILE C 32 -6.33 -0.12 -2.95
N SER C 33 -7.32 -0.97 -3.13
CA SER C 33 -7.15 -2.16 -3.95
C SER C 33 -6.80 -1.76 -5.38
N ASN C 34 -7.60 -0.84 -5.92
CA ASN C 34 -7.39 -0.37 -7.27
C ASN C 34 -5.97 0.20 -7.39
N ARG C 35 -5.60 0.99 -6.40
CA ARG C 35 -4.28 1.60 -6.37
C ARG C 35 -3.21 0.53 -6.21
N PHE C 36 -3.42 -0.32 -5.22
CA PHE C 36 -2.47 -1.39 -4.94
C PHE C 36 -3.18 -2.75 -4.88
N PRO C 37 -2.77 -3.65 -5.82
CA PRO C 37 -3.36 -4.98 -5.88
C PRO C 37 -2.84 -5.86 -4.74
N TYR C 38 -1.53 -5.85 -4.58
CA TYR C 38 -0.90 -6.65 -3.53
C TYR C 38 -1.56 -6.39 -2.17
N TYR C 39 -1.91 -5.13 -1.95
CA TYR C 39 -2.56 -4.74 -0.71
C TYR C 39 -3.90 -5.45 -0.54
N ARG C 40 -4.63 -5.54 -1.65
CA ARG C 40 -5.93 -6.18 -1.63
C ARG C 40 -5.76 -7.71 -1.69
N GLU C 41 -4.54 -8.12 -1.93
CA GLU C 41 -4.23 -9.55 -2.02
C GLU C 41 -4.08 -10.15 -0.61
N LYS C 42 -3.23 -9.50 0.18
CA LYS C 42 -2.98 -9.95 1.53
C LYS C 42 -4.14 -9.50 2.43
N PHE C 43 -4.39 -8.20 2.40
CA PHE C 43 -5.46 -7.63 3.21
C PHE C 43 -5.73 -8.48 4.44
N PRO C 44 -4.69 -8.58 5.32
CA PRO C 44 -4.80 -9.36 6.54
C PRO C 44 -5.66 -8.63 7.58
N ALA C 45 -5.94 -7.37 7.29
CA ALA C 45 -6.74 -6.55 8.18
C ALA C 45 -6.55 -5.08 7.82
N TRP C 46 -6.83 -4.77 6.56
CA TRP C 46 -6.70 -3.41 6.08
C TRP C 46 -7.90 -2.61 6.59
N GLN C 47 -8.79 -3.31 7.28
CA GLN C 47 -9.98 -2.69 7.84
C GLN C 47 -9.63 -1.91 9.11
N ASN C 48 -9.02 -2.62 10.05
CA ASN C 48 -8.64 -2.02 11.31
C ASN C 48 -7.42 -1.12 11.09
N SER C 49 -6.51 -1.60 10.24
CA SER C 49 -5.31 -0.86 9.94
C SER C 49 -5.66 0.51 9.34
N ILE C 50 -6.33 0.45 8.20
CA ILE C 50 -6.73 1.67 7.51
C ILE C 50 -7.52 2.55 8.47
N ARG C 51 -8.64 2.02 8.95
CA ARG C 51 -9.49 2.75 9.87
C ARG C 51 -8.64 3.32 11.01
N HIS C 52 -7.63 2.56 11.41
CA HIS C 52 -6.75 2.98 12.49
C HIS C 52 -5.98 4.23 12.06
N ASN C 53 -5.20 4.06 10.99
CA ASN C 53 -4.40 5.15 10.47
C ASN C 53 -5.33 6.23 9.90
N LEU C 54 -6.60 5.88 9.80
CA LEU C 54 -7.61 6.80 9.28
C LEU C 54 -8.05 7.73 10.40
N SER C 55 -8.56 7.13 11.47
CA SER C 55 -9.03 7.90 12.61
C SER C 55 -7.85 8.32 13.48
N LEU C 56 -7.01 7.34 13.80
CA LEU C 56 -5.84 7.60 14.63
C LEU C 56 -4.79 8.34 13.80
N ASN C 57 -5.04 9.62 13.60
CA ASN C 57 -4.12 10.45 12.84
C ASN C 57 -4.85 11.73 12.40
N ASP C 58 -5.88 11.55 11.60
CA ASP C 58 -6.66 12.67 11.10
C ASP C 58 -7.40 13.32 12.27
N CYS C 59 -8.25 12.54 12.91
CA CYS C 59 -9.03 13.02 14.04
C CYS C 59 -10.31 13.67 13.50
N PHE C 60 -11.05 12.88 12.75
CA PHE C 60 -12.29 13.37 12.16
C PHE C 60 -13.49 12.55 12.67
N VAL C 61 -14.60 12.68 11.96
CA VAL C 61 -15.81 11.96 12.32
C VAL C 61 -16.18 10.99 11.21
N LYS C 62 -16.85 9.92 11.59
CA LYS C 62 -17.27 8.91 10.63
C LYS C 62 -18.74 8.55 10.88
N ILE C 63 -19.31 7.85 9.93
CA ILE C 63 -20.71 7.44 10.03
C ILE C 63 -20.78 5.91 10.12
N PRO C 64 -21.38 5.43 11.24
CA PRO C 64 -21.51 4.00 11.46
C PRO C 64 -22.61 3.42 10.58
N ARG C 65 -22.88 2.13 10.79
CA ARG C 65 -23.90 1.44 10.02
C ARG C 65 -25.11 2.35 9.80
N GLU C 66 -25.35 2.66 8.53
CA GLU C 66 -26.46 3.52 8.18
C GLU C 66 -27.53 2.74 7.42
N PRO C 67 -28.75 3.33 7.34
CA PRO C 67 -29.85 2.70 6.65
C PRO C 67 -29.67 2.77 5.13
N GLY C 68 -28.80 1.92 4.63
CA GLY C 68 -28.52 1.88 3.19
C GLY C 68 -27.05 1.56 2.92
N ASN C 69 -26.57 0.55 3.62
CA ASN C 69 -25.19 0.13 3.47
C ASN C 69 -25.16 -1.33 2.99
N PRO C 70 -25.07 -1.48 1.65
CA PRO C 70 -25.03 -2.82 1.05
C PRO C 70 -23.66 -3.47 1.24
N GLY C 71 -23.24 -3.52 2.50
CA GLY C 71 -21.96 -4.11 2.84
C GLY C 71 -20.86 -3.05 2.88
N LYS C 72 -20.92 -2.14 1.91
CA LYS C 72 -19.95 -1.07 1.83
C LYS C 72 -20.63 0.21 1.34
N GLY C 73 -21.53 0.71 2.16
CA GLY C 73 -22.27 1.92 1.82
C GLY C 73 -22.31 2.88 3.00
N ASN C 74 -21.18 3.53 3.24
CA ASN C 74 -21.06 4.48 4.33
C ASN C 74 -20.28 5.71 3.85
N TYR C 75 -20.00 6.60 4.79
CA TYR C 75 -19.26 7.81 4.48
C TYR C 75 -18.68 8.43 5.75
N TRP C 76 -17.58 9.15 5.57
CA TRP C 76 -16.91 9.79 6.68
C TRP C 76 -16.88 11.30 6.41
N THR C 77 -16.37 12.04 7.38
CA THR C 77 -16.28 13.48 7.26
C THR C 77 -15.02 14.00 7.97
N LEU C 78 -14.21 14.71 7.20
CA LEU C 78 -12.98 15.26 7.74
C LEU C 78 -13.07 16.80 7.72
N ASP C 79 -12.33 17.41 8.63
CA ASP C 79 -12.31 18.87 8.73
C ASP C 79 -11.34 19.43 7.69
N PRO C 80 -11.70 20.63 7.17
CA PRO C 80 -10.87 21.28 6.17
C PRO C 80 -9.62 21.89 6.80
N GLN C 81 -8.65 21.03 7.08
CA GLN C 81 -7.41 21.47 7.68
C GLN C 81 -6.48 20.28 7.90
N SER C 82 -6.47 19.39 6.92
CA SER C 82 -5.62 18.20 7.00
C SER C 82 -4.19 18.55 6.61
N GLU C 83 -4.07 19.42 5.61
CA GLU C 83 -2.76 19.84 5.14
C GLU C 83 -1.95 20.45 6.28
N ASP C 84 -2.62 21.30 7.06
CA ASP C 84 -1.98 21.95 8.18
C ASP C 84 -1.48 20.88 9.17
N MET C 85 -2.33 19.89 9.38
CA MET C 85 -1.98 18.80 10.29
C MET C 85 -0.71 18.09 9.83
N PHE C 86 -0.56 17.97 8.53
CA PHE C 86 0.60 17.31 7.96
C PHE C 86 1.86 18.15 8.17
N ASP C 87 1.79 19.40 7.70
CA ASP C 87 2.91 20.31 7.84
C ASP C 87 3.37 20.33 9.29
N ASN C 88 2.41 20.54 10.18
CA ASN C 88 2.71 20.59 11.60
C ASN C 88 2.80 19.17 12.15
N GLY C 89 3.94 18.54 11.90
CA GLY C 89 4.17 17.18 12.35
C GLY C 89 4.54 17.16 13.84
N SER C 90 3.64 16.59 14.63
CA SER C 90 3.87 16.50 16.07
C SER C 90 4.45 15.12 16.42
N PHE C 91 5.15 14.55 15.45
CA PHE C 91 5.76 13.25 15.64
C PHE C 91 6.91 13.04 14.66
N LEU C 92 6.57 13.08 13.37
CA LEU C 92 7.55 12.89 12.33
C LEU C 92 8.57 11.84 12.77
N ARG C 93 8.23 10.59 12.50
CA ARG C 93 9.10 9.48 12.87
C ARG C 93 9.77 8.89 11.62
N ARG C 94 10.19 9.79 10.75
CA ARG C 94 10.85 9.38 9.51
C ARG C 94 11.95 10.38 9.14
N ARG C 95 11.51 11.59 8.81
CA ARG C 95 12.44 12.64 8.43
C ARG C 95 11.68 13.93 8.12
N LYS C 96 10.60 13.78 7.37
CA LYS C 96 9.79 14.93 7.00
C LYS C 96 8.31 14.61 7.30
N ARG C 97 7.82 13.58 6.63
CA ARG C 97 6.44 13.17 6.81
C ARG C 97 5.53 14.40 6.94
N VAL C 1 3.81 -1.90 2.67
CA VAL C 1 4.08 -3.30 2.96
C VAL C 1 2.95 -3.88 3.80
N LYS C 2 1.74 -3.73 3.29
CA LYS C 2 0.57 -4.23 3.98
C LYS C 2 0.91 -5.55 4.68
N PRO C 3 0.43 -5.68 5.95
CA PRO C 3 0.68 -6.88 6.73
C PRO C 3 -0.19 -8.04 6.24
N PRO C 4 0.01 -9.21 6.91
CA PRO C 4 -0.75 -10.40 6.55
C PRO C 4 -2.18 -10.31 7.06
N TYR C 5 -3.08 -9.97 6.14
CA TYR C 5 -4.49 -9.85 6.49
C TYR C 5 -5.31 -10.94 5.80
N SER C 6 -6.55 -11.07 6.26
CA SER C 6 -7.46 -12.08 5.71
C SER C 6 -7.83 -11.69 4.27
N TYR C 7 -7.13 -12.30 3.33
CA TYR C 7 -7.39 -12.05 1.91
C TYR C 7 -8.89 -12.06 1.62
N ILE C 8 -9.57 -13.05 2.18
CA ILE C 8 -11.01 -13.18 1.99
C ILE C 8 -11.66 -11.81 2.17
N ALA C 9 -11.20 -11.09 3.19
CA ALA C 9 -11.74 -9.77 3.48
C ALA C 9 -11.47 -8.85 2.29
N LEU C 10 -10.19 -8.74 1.95
CA LEU C 10 -9.78 -7.89 0.85
C LEU C 10 -10.54 -8.31 -0.42
N ILE C 11 -10.94 -9.57 -0.45
CA ILE C 11 -11.66 -10.10 -1.58
C ILE C 11 -13.09 -9.58 -1.55
N THR C 12 -13.73 -9.74 -0.41
CA THR C 12 -15.10 -9.28 -0.24
C THR C 12 -15.25 -7.84 -0.73
N MET C 13 -14.24 -7.05 -0.43
CA MET C 13 -14.24 -5.65 -0.84
C MET C 13 -13.89 -5.51 -2.32
N ALA C 14 -13.09 -6.45 -2.80
CA ALA C 14 -12.68 -6.45 -4.20
C ALA C 14 -13.85 -6.87 -5.08
N ILE C 15 -14.71 -7.70 -4.51
CA ILE C 15 -15.89 -8.18 -5.23
C ILE C 15 -16.99 -7.13 -5.16
N LEU C 16 -17.03 -6.42 -4.04
CA LEU C 16 -18.03 -5.38 -3.84
C LEU C 16 -17.75 -4.23 -4.80
N GLN C 17 -16.50 -4.12 -5.20
CA GLN C 17 -16.09 -3.07 -6.11
C GLN C 17 -16.74 -3.26 -7.48
N SER C 18 -17.11 -4.50 -7.76
CA SER C 18 -17.74 -4.85 -9.02
C SER C 18 -19.13 -5.40 -8.77
N PRO C 19 -20.06 -4.48 -8.40
CA PRO C 19 -21.44 -4.86 -8.13
C PRO C 19 -22.19 -5.14 -9.44
N GLN C 20 -21.51 -4.90 -10.54
CA GLN C 20 -22.10 -5.12 -11.86
C GLN C 20 -22.13 -6.61 -12.18
N LYS C 21 -21.62 -7.40 -11.25
CA LYS C 21 -21.59 -8.84 -11.41
C LYS C 21 -20.54 -9.20 -12.48
N LYS C 22 -19.29 -8.92 -12.16
CA LYS C 22 -18.20 -9.21 -13.08
C LYS C 22 -16.86 -8.98 -12.36
N LEU C 23 -16.02 -9.99 -12.41
CA LEU C 23 -14.71 -9.90 -11.78
C LEU C 23 -13.64 -10.42 -12.75
N THR C 24 -12.39 -10.26 -12.33
CA THR C 24 -11.27 -10.70 -13.15
C THR C 24 -10.04 -10.95 -12.28
N LEU C 25 -9.72 -12.22 -12.11
CA LEU C 25 -8.58 -12.60 -11.31
C LEU C 25 -7.40 -11.68 -11.64
N SER C 26 -7.19 -11.50 -12.94
CA SER C 26 -6.10 -10.64 -13.40
C SER C 26 -6.25 -9.24 -12.82
N GLY C 27 -7.43 -8.67 -13.01
CA GLY C 27 -7.73 -7.34 -12.52
C GLY C 27 -7.69 -7.31 -10.98
N ILE C 28 -7.90 -8.48 -10.39
CA ILE C 28 -7.90 -8.59 -8.95
C ILE C 28 -6.46 -8.60 -8.45
N CYS C 29 -5.63 -9.38 -9.11
CA CYS C 29 -4.23 -9.48 -8.74
C CYS C 29 -3.59 -8.09 -8.88
N GLU C 30 -4.09 -7.35 -9.86
CA GLU C 30 -3.57 -6.01 -10.10
C GLU C 30 -4.19 -5.02 -9.11
N PHE C 31 -5.48 -5.20 -8.88
CA PHE C 31 -6.20 -4.33 -7.96
C PHE C 31 -5.65 -4.46 -6.53
N ILE C 32 -5.23 -5.68 -6.20
CA ILE C 32 -4.68 -5.95 -4.88
C ILE C 32 -3.21 -5.58 -4.86
N SER C 33 -2.50 -6.03 -5.88
CA SER C 33 -1.08 -5.75 -6.01
C SER C 33 -0.83 -4.25 -5.91
N ASN C 34 -1.65 -3.50 -6.61
CA ASN C 34 -1.54 -2.05 -6.61
C ASN C 34 -1.60 -1.54 -5.17
N ARG C 35 -2.53 -2.10 -4.42
CA ARG C 35 -2.71 -1.71 -3.03
C ARG C 35 -1.52 -2.17 -2.20
N PHE C 36 -1.03 -3.35 -2.52
CA PHE C 36 0.11 -3.91 -1.81
C PHE C 36 1.29 -4.13 -2.75
N PRO C 37 2.30 -3.21 -2.64
CA PRO C 37 3.48 -3.30 -3.48
C PRO C 37 4.41 -4.42 -3.01
N TYR C 38 4.47 -4.57 -1.68
CA TYR C 38 5.31 -5.59 -1.09
C TYR C 38 4.80 -7.00 -1.43
N TYR C 39 3.47 -7.13 -1.40
CA TYR C 39 2.84 -8.40 -1.70
C TYR C 39 3.07 -8.80 -3.15
N ARG C 40 2.75 -7.88 -4.05
CA ARG C 40 2.93 -8.13 -5.47
C ARG C 40 4.41 -8.29 -5.81
N GLU C 41 5.24 -7.87 -4.87
CA GLU C 41 6.68 -7.95 -5.05
C GLU C 41 7.16 -9.39 -4.82
N LYS C 42 6.73 -9.97 -3.71
CA LYS C 42 7.09 -11.33 -3.39
C LYS C 42 6.24 -12.29 -4.20
N PHE C 43 4.94 -12.05 -4.18
CA PHE C 43 4.00 -12.89 -4.91
C PHE C 43 4.58 -14.30 -5.13
N PRO C 44 4.79 -15.01 -3.99
CA PRO C 44 5.34 -16.36 -4.04
C PRO C 44 4.29 -17.35 -4.52
N ALA C 45 3.04 -16.89 -4.54
CA ALA C 45 1.93 -17.74 -4.97
C ALA C 45 0.62 -17.00 -4.72
N TRP C 46 0.62 -15.71 -5.03
CA TRP C 46 -0.56 -14.89 -4.85
C TRP C 46 -1.60 -15.33 -5.88
N GLN C 47 -1.17 -16.21 -6.77
CA GLN C 47 -2.06 -16.72 -7.81
C GLN C 47 -3.12 -17.62 -7.21
N ASN C 48 -2.67 -18.74 -6.65
CA ASN C 48 -3.57 -19.69 -6.03
C ASN C 48 -4.02 -19.17 -4.67
N SER C 49 -3.17 -18.32 -4.10
CA SER C 49 -3.47 -17.74 -2.80
C SER C 49 -4.72 -16.87 -2.88
N ILE C 50 -4.64 -15.86 -3.73
CA ILE C 50 -5.76 -14.96 -3.92
C ILE C 50 -6.96 -15.72 -4.48
N ARG C 51 -6.73 -16.37 -5.61
CA ARG C 51 -7.77 -17.15 -6.26
C ARG C 51 -8.45 -18.06 -5.24
N HIS C 52 -7.65 -18.59 -4.34
CA HIS C 52 -8.16 -19.49 -3.30
C HIS C 52 -9.12 -18.72 -2.39
N ASN C 53 -8.61 -17.63 -1.82
CA ASN C 53 -9.40 -16.81 -0.93
C ASN C 53 -10.49 -16.10 -1.74
N LEU C 54 -10.36 -16.20 -3.05
CA LEU C 54 -11.33 -15.57 -3.94
C LEU C 54 -12.53 -16.50 -4.13
N SER C 55 -12.23 -17.72 -4.56
CA SER C 55 -13.27 -18.71 -4.78
C SER C 55 -13.73 -19.29 -3.44
N LEU C 56 -12.76 -19.74 -2.65
CA LEU C 56 -13.04 -20.32 -1.36
C LEU C 56 -13.50 -19.22 -0.41
N ASN C 57 -14.73 -18.78 -0.60
CA ASN C 57 -15.31 -17.74 0.24
C ASN C 57 -16.61 -17.25 -0.39
N ASP C 58 -16.47 -16.53 -1.49
CA ASP C 58 -17.63 -15.99 -2.18
C ASP C 58 -18.49 -17.15 -2.69
N CYS C 59 -17.82 -18.19 -3.16
CA CYS C 59 -18.51 -19.36 -3.68
C CYS C 59 -19.28 -18.95 -4.94
N PHE C 60 -18.54 -18.42 -5.89
CA PHE C 60 -19.15 -17.98 -7.14
C PHE C 60 -18.63 -18.80 -8.32
N VAL C 61 -18.80 -18.26 -9.51
CA VAL C 61 -18.37 -18.94 -10.72
C VAL C 61 -17.28 -18.10 -11.40
N LYS C 62 -16.50 -18.77 -12.24
CA LYS C 62 -15.42 -18.10 -12.95
C LYS C 62 -15.33 -18.66 -14.37
N ILE C 63 -14.59 -17.96 -15.21
CA ILE C 63 -14.42 -18.37 -16.60
C ILE C 63 -12.94 -18.69 -16.84
N PRO C 64 -12.69 -19.95 -17.29
CA PRO C 64 -11.33 -20.37 -17.58
C PRO C 64 -10.82 -19.77 -18.89
N ARG C 65 -9.68 -20.27 -19.33
CA ARG C 65 -9.08 -19.79 -20.56
C ARG C 65 -10.14 -19.67 -21.65
N GLU C 66 -10.52 -18.41 -21.92
CA GLU C 66 -11.52 -18.14 -22.93
C GLU C 66 -10.85 -17.82 -24.26
N PRO C 67 -11.67 -17.84 -25.35
CA PRO C 67 -11.17 -17.55 -26.68
C PRO C 67 -10.94 -16.05 -26.86
N GLY C 68 -10.12 -15.51 -25.98
CA GLY C 68 -9.81 -14.09 -26.03
C GLY C 68 -9.14 -13.63 -24.73
N ASN C 69 -8.15 -14.40 -24.30
CA ASN C 69 -7.42 -14.08 -23.09
C ASN C 69 -5.92 -14.26 -23.33
N PRO C 70 -5.40 -13.48 -24.31
CA PRO C 70 -3.99 -13.54 -24.65
C PRO C 70 -3.13 -12.85 -23.58
N GLY C 71 -2.54 -13.65 -22.72
CA GLY C 71 -1.71 -13.12 -21.66
C GLY C 71 -2.26 -13.49 -20.28
N LYS C 72 -3.00 -12.55 -19.70
CA LYS C 72 -3.59 -12.77 -18.39
C LYS C 72 -5.00 -12.16 -18.37
N GLY C 73 -5.81 -12.58 -19.33
CA GLY C 73 -7.17 -12.09 -19.44
C GLY C 73 -8.17 -13.16 -18.99
N ASN C 74 -9.27 -12.69 -18.41
CA ASN C 74 -10.30 -13.59 -17.94
C ASN C 74 -11.43 -12.77 -17.31
N TYR C 75 -12.41 -13.49 -16.77
CA TYR C 75 -13.55 -12.84 -16.14
C TYR C 75 -14.27 -13.81 -15.19
N TRP C 76 -14.70 -13.26 -14.07
CA TRP C 76 -15.40 -14.05 -13.07
C TRP C 76 -16.81 -13.49 -12.91
N THR C 77 -17.67 -14.28 -12.28
CA THR C 77 -19.05 -13.87 -12.07
C THR C 77 -19.49 -14.20 -10.65
N LEU C 78 -19.87 -13.16 -9.92
CA LEU C 78 -20.31 -13.33 -8.54
C LEU C 78 -21.73 -12.79 -8.40
N ASP C 79 -22.53 -13.51 -7.62
CA ASP C 79 -23.90 -13.12 -7.39
C ASP C 79 -23.94 -11.81 -6.61
N PRO C 80 -24.99 -11.00 -6.90
CA PRO C 80 -25.15 -9.71 -6.23
C PRO C 80 -25.64 -9.90 -4.79
N GLN C 81 -24.69 -10.09 -3.91
CA GLN C 81 -25.01 -10.28 -2.50
C GLN C 81 -23.80 -10.86 -1.74
N SER C 82 -22.63 -10.34 -2.09
CA SER C 82 -21.40 -10.79 -1.46
C SER C 82 -21.23 -10.12 -0.10
N GLU C 83 -21.84 -8.95 0.03
CA GLU C 83 -21.77 -8.20 1.26
C GLU C 83 -22.84 -8.68 2.25
N ASP C 84 -24.01 -8.96 1.70
CA ASP C 84 -25.12 -9.43 2.52
C ASP C 84 -24.73 -10.75 3.18
N MET C 85 -24.16 -11.63 2.38
CA MET C 85 -23.75 -12.94 2.87
C MET C 85 -22.53 -12.81 3.79
N PHE C 86 -21.94 -11.62 3.78
CA PHE C 86 -20.78 -11.36 4.61
C PHE C 86 -21.19 -11.02 6.04
N ASP C 87 -22.01 -9.97 6.16
CA ASP C 87 -22.48 -9.52 7.45
C ASP C 87 -23.11 -10.70 8.19
N ASN C 88 -23.99 -11.40 7.47
CA ASN C 88 -24.68 -12.55 8.04
C ASN C 88 -23.68 -13.38 8.85
N GLY C 89 -22.60 -13.76 8.18
CA GLY C 89 -21.56 -14.56 8.82
C GLY C 89 -20.78 -13.73 9.83
N SER C 90 -20.28 -12.60 9.36
CA SER C 90 -19.51 -11.71 10.22
C SER C 90 -18.14 -12.32 10.52
N PHE C 91 -17.41 -12.62 9.45
CA PHE C 91 -16.09 -13.20 9.58
C PHE C 91 -15.15 -12.28 10.34
N LEU C 92 -15.18 -11.01 9.94
CA LEU C 92 -14.33 -10.01 10.58
C LEU C 92 -12.86 -10.32 10.26
N ARG C 93 -12.00 -9.38 10.64
CA ARG C 93 -10.58 -9.53 10.41
C ARG C 93 -9.87 -9.91 11.70
N ARG C 94 -9.63 -11.21 11.86
CA ARG C 94 -8.96 -11.71 13.05
C ARG C 94 -9.85 -11.53 14.28
N ARG C 95 -10.96 -12.25 14.29
CA ARG C 95 -11.90 -12.17 15.39
C ARG C 95 -12.73 -13.46 15.46
N LYS C 96 -12.05 -14.58 15.29
CA LYS C 96 -12.71 -15.87 15.33
C LYS C 96 -11.68 -16.98 15.10
N ARG C 97 -11.57 -17.86 16.09
CA ARG C 97 -10.62 -18.95 15.99
C ARG C 97 -10.55 -19.71 17.32
N VAL C 1 3.81 -1.90 2.67
CA VAL C 1 4.08 -3.30 2.96
C VAL C 1 5.58 -3.48 3.22
N LYS C 2 6.20 -2.39 3.67
CA LYS C 2 7.62 -2.41 3.97
C LYS C 2 7.81 -2.29 5.49
N PRO C 3 7.43 -1.08 6.02
CA PRO C 3 7.55 -0.83 7.44
C PRO C 3 6.47 -1.56 8.23
N PRO C 4 6.94 -2.56 9.04
CA PRO C 4 6.02 -3.35 9.85
C PRO C 4 5.53 -2.55 11.06
N TYR C 5 4.38 -2.96 11.58
CA TYR C 5 3.80 -2.28 12.73
C TYR C 5 3.13 -3.30 13.67
N SER C 6 3.20 -3.00 14.96
CA SER C 6 2.61 -3.86 15.96
C SER C 6 1.08 -3.82 15.85
N TYR C 7 0.45 -4.85 16.39
CA TYR C 7 -0.99 -4.95 16.36
C TYR C 7 -1.62 -4.11 17.48
N ILE C 8 -0.87 -3.95 18.55
CA ILE C 8 -1.33 -3.18 19.69
C ILE C 8 -1.97 -1.88 19.19
N ALA C 9 -1.34 -1.30 18.18
CA ALA C 9 -1.83 -0.05 17.61
C ALA C 9 -3.26 -0.26 17.12
N LEU C 10 -3.46 -1.29 16.32
CA LEU C 10 -4.76 -1.61 15.80
C LEU C 10 -5.72 -1.91 16.95
N ILE C 11 -5.15 -2.43 18.02
CA ILE C 11 -5.93 -2.77 19.20
C ILE C 11 -6.44 -1.48 19.86
N THR C 12 -5.49 -0.61 20.18
CA THR C 12 -5.82 0.66 20.81
C THR C 12 -6.97 1.34 20.06
N MET C 13 -6.91 1.27 18.75
CA MET C 13 -7.93 1.87 17.91
C MET C 13 -9.22 1.05 17.94
N ALA C 14 -9.05 -0.25 18.13
CA ALA C 14 -10.19 -1.15 18.18
C ALA C 14 -10.99 -0.87 19.45
N ILE C 15 -10.27 -0.67 20.54
CA ILE C 15 -10.91 -0.38 21.82
C ILE C 15 -11.45 1.05 21.81
N LEU C 16 -10.72 1.92 21.11
CA LEU C 16 -11.11 3.31 21.02
C LEU C 16 -12.38 3.43 20.17
N GLN C 17 -12.46 2.56 19.16
CA GLN C 17 -13.60 2.55 18.26
C GLN C 17 -14.85 2.08 19.00
N SER C 18 -14.62 1.40 20.12
CA SER C 18 -15.71 0.89 20.92
C SER C 18 -15.58 1.38 22.37
N PRO C 19 -15.74 2.72 22.54
CA PRO C 19 -15.64 3.32 23.86
C PRO C 19 -16.88 3.03 24.70
N GLN C 20 -17.36 1.79 24.58
CA GLN C 20 -18.54 1.37 25.32
C GLN C 20 -18.22 0.16 26.19
N LYS C 21 -17.00 -0.35 26.02
CA LYS C 21 -16.56 -1.50 26.78
C LYS C 21 -17.31 -2.75 26.29
N LYS C 22 -17.13 -3.03 25.01
CA LYS C 22 -17.78 -4.19 24.41
C LYS C 22 -17.40 -4.27 22.93
N LEU C 23 -16.54 -5.23 22.62
CA LEU C 23 -16.10 -5.43 21.25
C LEU C 23 -15.90 -6.92 21.00
N THR C 24 -16.05 -7.30 19.73
CA THR C 24 -15.89 -8.69 19.33
C THR C 24 -14.59 -8.88 18.56
N LEU C 25 -13.67 -9.64 19.15
CA LEU C 25 -12.39 -9.90 18.53
C LEU C 25 -12.61 -10.21 17.04
N SER C 26 -13.54 -11.11 16.78
CA SER C 26 -13.85 -11.50 15.41
C SER C 26 -14.12 -10.24 14.57
N GLY C 27 -15.03 -9.42 15.06
CA GLY C 27 -15.37 -8.19 14.36
C GLY C 27 -14.17 -7.25 14.26
N ILE C 28 -13.28 -7.37 15.24
CA ILE C 28 -12.09 -6.54 15.27
C ILE C 28 -11.17 -6.94 14.11
N CYS C 29 -10.82 -8.21 14.08
CA CYS C 29 -9.96 -8.74 13.04
C CYS C 29 -10.51 -8.29 11.69
N GLU C 30 -11.84 -8.36 11.58
CA GLU C 30 -12.50 -7.96 10.34
C GLU C 30 -12.34 -6.47 10.10
N PHE C 31 -12.38 -5.72 11.19
CA PHE C 31 -12.24 -4.27 11.13
C PHE C 31 -10.80 -3.88 10.81
N ILE C 32 -9.90 -4.81 11.07
CA ILE C 32 -8.48 -4.57 10.83
C ILE C 32 -8.19 -4.78 9.33
N SER C 33 -8.80 -5.82 8.79
CA SER C 33 -8.61 -6.15 7.38
C SER C 33 -9.10 -4.99 6.52
N ASN C 34 -10.35 -4.61 6.72
CA ASN C 34 -10.94 -3.52 5.97
C ASN C 34 -10.01 -2.31 6.01
N ARG C 35 -9.44 -2.09 7.19
CA ARG C 35 -8.54 -0.96 7.38
C ARG C 35 -7.19 -1.25 6.71
N PHE C 36 -6.65 -2.41 7.02
CA PHE C 36 -5.37 -2.82 6.46
C PHE C 36 -5.49 -4.14 5.72
N PRO C 37 -5.33 -4.08 4.37
CA PRO C 37 -5.42 -5.26 3.54
C PRO C 37 -4.16 -6.12 3.68
N TYR C 38 -3.03 -5.45 3.75
CA TYR C 38 -1.76 -6.14 3.88
C TYR C 38 -1.78 -7.11 5.06
N TYR C 39 -2.38 -6.65 6.14
CA TYR C 39 -2.48 -7.46 7.35
C TYR C 39 -3.30 -8.72 7.09
N ARG C 40 -4.39 -8.55 6.34
CA ARG C 40 -5.26 -9.65 6.02
C ARG C 40 -4.67 -10.49 4.87
N GLU C 41 -3.71 -9.89 4.20
CA GLU C 41 -3.05 -10.56 3.08
C GLU C 41 -2.10 -11.65 3.60
N LYS C 42 -1.25 -11.25 4.54
CA LYS C 42 -0.30 -12.17 5.12
C LYS C 42 -1.00 -13.02 6.18
N PHE C 43 -1.70 -12.34 7.08
CA PHE C 43 -2.41 -13.02 8.15
C PHE C 43 -1.78 -14.38 8.45
N PRO C 44 -0.53 -14.33 8.97
CA PRO C 44 0.19 -15.55 9.32
C PRO C 44 -0.36 -16.16 10.60
N ALA C 45 -1.18 -15.39 11.30
CA ALA C 45 -1.77 -15.85 12.54
C ALA C 45 -2.23 -14.63 13.36
N TRP C 46 -3.15 -13.88 12.79
CA TRP C 46 -3.68 -12.70 13.45
C TRP C 46 -4.77 -13.15 14.42
N GLN C 47 -4.79 -14.45 14.68
CA GLN C 47 -5.77 -15.02 15.59
C GLN C 47 -5.35 -14.81 17.03
N ASN C 48 -4.40 -15.64 17.46
CA ASN C 48 -3.89 -15.56 18.82
C ASN C 48 -2.91 -14.40 18.93
N SER C 49 -2.28 -14.09 17.80
CA SER C 49 -1.32 -13.00 17.75
C SER C 49 -1.99 -11.69 18.20
N ILE C 50 -3.05 -11.33 17.48
CA ILE C 50 -3.78 -10.12 17.78
C ILE C 50 -4.51 -10.28 19.11
N ARG C 51 -5.15 -11.43 19.26
CA ARG C 51 -5.88 -11.73 20.48
C ARG C 51 -4.98 -11.53 21.70
N HIS C 52 -3.74 -11.95 21.54
CA HIS C 52 -2.77 -11.82 22.62
C HIS C 52 -2.47 -10.35 22.88
N ASN C 53 -1.95 -9.70 21.85
CA ASN C 53 -1.61 -8.29 21.95
C ASN C 53 -2.86 -7.50 22.35
N LEU C 54 -4.01 -8.16 22.21
CA LEU C 54 -5.27 -7.53 22.55
C LEU C 54 -5.46 -7.57 24.07
N SER C 55 -5.31 -8.75 24.62
CA SER C 55 -5.47 -8.93 26.06
C SER C 55 -4.20 -8.50 26.78
N LEU C 56 -3.08 -9.03 26.32
CA LEU C 56 -1.79 -8.70 26.93
C LEU C 56 -1.41 -7.27 26.53
N ASN C 57 -2.05 -6.31 27.19
CA ASN C 57 -1.79 -4.91 26.92
C ASN C 57 -2.83 -4.05 27.65
N ASP C 58 -4.09 -4.29 27.30
CA ASP C 58 -5.18 -3.54 27.89
C ASP C 58 -5.44 -4.08 29.30
N CYS C 59 -5.54 -5.40 29.39
CA CYS C 59 -5.78 -6.05 30.66
C CYS C 59 -7.28 -6.04 30.93
N PHE C 60 -8.00 -6.80 30.11
CA PHE C 60 -9.45 -6.89 30.24
C PHE C 60 -9.90 -8.35 30.26
N VAL C 61 -11.21 -8.54 30.11
CA VAL C 61 -11.78 -9.87 30.11
C VAL C 61 -12.45 -10.13 28.75
N LYS C 62 -12.51 -11.41 28.40
CA LYS C 62 -13.12 -11.82 27.14
C LYS C 62 -14.04 -13.01 27.39
N ILE C 63 -14.78 -13.36 26.35
CA ILE C 63 -15.70 -14.48 26.44
C ILE C 63 -15.34 -15.53 25.37
N PRO C 64 -15.19 -16.79 25.84
CA PRO C 64 -14.85 -17.88 24.95
C PRO C 64 -16.05 -18.30 24.09
N ARG C 65 -15.87 -19.39 23.37
CA ARG C 65 -16.93 -19.89 22.51
C ARG C 65 -18.29 -19.72 23.18
N GLU C 66 -19.08 -18.83 22.61
CA GLU C 66 -20.41 -18.55 23.13
C GLU C 66 -21.43 -19.50 22.50
N PRO C 67 -22.35 -20.00 23.38
CA PRO C 67 -23.39 -20.92 22.92
C PRO C 67 -24.47 -20.17 22.15
N GLY C 68 -24.19 -19.92 20.88
CA GLY C 68 -25.13 -19.21 20.03
C GLY C 68 -24.54 -18.97 18.64
N ASN C 69 -23.44 -18.21 18.63
CA ASN C 69 -22.77 -17.89 17.38
C ASN C 69 -21.36 -18.48 17.41
N PRO C 70 -21.22 -19.67 16.78
CA PRO C 70 -19.95 -20.35 16.72
C PRO C 70 -19.01 -19.68 15.71
N GLY C 71 -19.03 -20.20 14.49
CA GLY C 71 -18.20 -19.67 13.43
C GLY C 71 -17.11 -18.75 14.00
N LYS C 72 -17.45 -17.47 14.09
CA LYS C 72 -16.52 -16.49 14.62
C LYS C 72 -17.27 -15.51 15.51
N GLY C 73 -18.26 -16.03 16.21
CA GLY C 73 -19.07 -15.22 17.11
C GLY C 73 -18.49 -15.21 18.52
N ASN C 74 -18.18 -14.03 19.00
CA ASN C 74 -17.63 -13.87 20.34
C ASN C 74 -17.78 -12.42 20.79
N TYR C 75 -17.32 -12.16 22.01
CA TYR C 75 -17.39 -10.83 22.57
C TYR C 75 -16.32 -10.62 23.63
N TRP C 76 -15.74 -9.41 23.62
CA TRP C 76 -14.69 -9.08 24.58
C TRP C 76 -15.20 -7.90 25.41
N THR C 77 -14.89 -7.96 26.71
CA THR C 77 -15.30 -6.92 27.63
C THR C 77 -14.08 -6.23 28.24
N LEU C 78 -14.13 -4.92 28.28
CA LEU C 78 -13.04 -4.14 28.83
C LEU C 78 -13.53 -3.39 30.08
N ASP C 79 -12.57 -2.98 30.90
CA ASP C 79 -12.88 -2.26 32.12
C ASP C 79 -13.43 -0.87 31.76
N PRO C 80 -14.29 -0.34 32.67
CA PRO C 80 -14.89 0.96 32.45
C PRO C 80 -13.87 2.07 32.72
N GLN C 81 -13.00 2.29 31.75
CA GLN C 81 -11.97 3.32 31.86
C GLN C 81 -10.93 3.16 30.76
N SER C 82 -11.42 2.97 29.55
CA SER C 82 -10.55 2.81 28.40
C SER C 82 -9.98 4.16 27.96
N GLU C 83 -10.88 5.13 27.87
CA GLU C 83 -10.50 6.47 27.46
C GLU C 83 -9.51 7.05 28.46
N ASP C 84 -9.67 6.67 29.71
CA ASP C 84 -8.81 7.15 30.78
C ASP C 84 -7.40 6.61 30.56
N MET C 85 -7.30 5.30 30.45
CA MET C 85 -6.02 4.65 30.24
C MET C 85 -5.40 5.08 28.91
N PHE C 86 -6.24 5.71 28.09
CA PHE C 86 -5.79 6.17 26.79
C PHE C 86 -5.82 7.70 26.70
N ASP C 87 -5.83 8.32 27.88
CA ASP C 87 -5.86 9.77 27.95
C ASP C 87 -4.45 10.29 28.26
N ASN C 88 -3.94 9.89 29.41
CA ASN C 88 -2.62 10.31 29.83
C ASN C 88 -1.57 9.65 28.92
N GLY C 89 -0.74 10.50 28.32
CA GLY C 89 0.29 10.02 27.43
C GLY C 89 1.39 9.28 28.21
N SER C 90 2.62 9.68 27.96
CA SER C 90 3.76 9.07 28.63
C SER C 90 3.88 7.61 28.20
N PHE C 91 3.08 7.24 27.22
CA PHE C 91 3.10 5.87 26.71
C PHE C 91 2.67 5.83 25.24
N LEU C 92 2.97 6.91 24.53
CA LEU C 92 2.61 7.00 23.13
C LEU C 92 3.72 6.38 22.29
N ARG C 93 3.97 5.10 22.54
CA ARG C 93 4.99 4.38 21.81
C ARG C 93 6.35 5.06 22.00
N ARG C 94 7.40 4.26 21.87
CA ARG C 94 8.76 4.77 22.01
C ARG C 94 8.87 6.16 21.39
N ARG C 95 8.05 6.39 20.38
CA ARG C 95 8.05 7.68 19.70
C ARG C 95 6.62 8.12 19.41
N LYS C 96 5.87 7.23 18.77
CA LYS C 96 4.49 7.53 18.43
C LYS C 96 3.87 6.31 17.75
N ARG C 97 2.98 5.65 18.48
CA ARG C 97 2.31 4.46 17.96
C ARG C 97 1.29 4.86 16.88
#